data_2EO3
#
_entry.id   2EO3
#
_entity_poly.entity_id   1
_entity_poly.type   'polypeptide(L)'
_entity_poly.pdbx_seq_one_letter_code
;GSSGSSGMSSARFDSSDRSAWYMGPVSRQEAQTRLQGQRHGMFLVRDSSTCPGDYVLSVSENSRVSHYIINSLPNRRFKI
GDQEFDHLPALLEFYKIHYLDTTTLIEPAPR
;
_entity_poly.pdbx_strand_id   A
#
# COMPACT_ATOMS: atom_id res chain seq x y z
N GLY A 1 -2.93 -21.60 18.07
CA GLY A 1 -2.76 -20.61 19.11
C GLY A 1 -1.97 -19.40 18.64
N SER A 2 -1.15 -18.84 19.54
CA SER A 2 -0.35 -17.68 19.21
C SER A 2 -1.18 -16.64 18.45
N SER A 3 -2.38 -16.39 18.93
CA SER A 3 -3.28 -15.42 18.30
C SER A 3 -3.41 -14.17 19.16
N GLY A 4 -2.81 -13.08 18.69
CA GLY A 4 -2.88 -11.82 19.42
C GLY A 4 -1.52 -11.37 19.90
N SER A 5 -1.30 -10.06 19.92
CA SER A 5 -0.03 -9.49 20.36
C SER A 5 -0.12 -7.97 20.47
N SER A 6 0.89 -7.36 21.09
CA SER A 6 0.92 -5.92 21.27
C SER A 6 2.26 -5.35 20.81
N GLY A 7 2.37 -4.02 20.83
CA GLY A 7 3.61 -3.37 20.42
C GLY A 7 3.46 -1.87 20.30
N MET A 8 4.57 -1.16 20.36
CA MET A 8 4.56 0.30 20.25
C MET A 8 4.92 0.74 18.84
N SER A 9 4.40 0.03 17.85
CA SER A 9 4.67 0.35 16.45
C SER A 9 3.37 0.42 15.64
N SER A 10 2.97 1.64 15.30
CA SER A 10 1.75 1.84 14.53
C SER A 10 1.70 0.92 13.32
N ALA A 11 2.82 0.84 12.60
CA ALA A 11 2.91 -0.01 11.43
C ALA A 11 3.25 -1.45 11.80
N ARG A 12 2.28 -2.34 11.68
CA ARG A 12 2.48 -3.75 12.01
C ARG A 12 1.90 -4.65 10.92
N PHE A 13 2.64 -4.81 9.83
CA PHE A 13 2.21 -5.64 8.72
C PHE A 13 3.40 -6.18 7.95
N ASP A 14 3.22 -7.35 7.34
CA ASP A 14 4.28 -7.98 6.56
C ASP A 14 4.33 -7.43 5.14
N SER A 15 5.46 -6.84 4.78
CA SER A 15 5.63 -6.26 3.45
C SER A 15 5.87 -7.34 2.41
N SER A 16 6.57 -8.40 2.82
CA SER A 16 6.87 -9.52 1.93
C SER A 16 5.69 -10.48 1.84
N ASP A 17 4.52 -10.02 2.24
CA ASP A 17 3.30 -10.82 2.21
C ASP A 17 2.26 -10.20 1.31
N ARG A 18 2.26 -10.59 0.04
CA ARG A 18 1.31 -10.06 -0.93
C ARG A 18 -0.12 -10.37 -0.51
N SER A 19 -0.31 -11.53 0.11
CA SER A 19 -1.63 -11.95 0.57
C SER A 19 -2.08 -11.12 1.76
N ALA A 20 -1.26 -10.15 2.14
CA ALA A 20 -1.57 -9.28 3.28
C ALA A 20 -1.83 -7.85 2.81
N TRP A 21 -1.23 -7.48 1.68
CA TRP A 21 -1.39 -6.14 1.14
C TRP A 21 -1.78 -6.19 -0.34
N TYR A 22 -1.15 -7.10 -1.07
CA TYR A 22 -1.44 -7.25 -2.50
C TYR A 22 -2.85 -7.75 -2.72
N MET A 23 -3.68 -6.94 -3.38
CA MET A 23 -5.06 -7.31 -3.65
C MET A 23 -5.19 -7.89 -5.06
N GLY A 24 -4.07 -7.98 -5.76
CA GLY A 24 -4.08 -8.51 -7.12
C GLY A 24 -5.41 -8.28 -7.81
N PRO A 25 -6.32 -9.25 -7.70
CA PRO A 25 -7.65 -9.17 -8.32
C PRO A 25 -8.54 -8.12 -7.66
N VAL A 26 -8.31 -6.86 -8.01
CA VAL A 26 -9.09 -5.76 -7.44
C VAL A 26 -9.09 -4.55 -8.37
N SER A 27 -10.26 -3.96 -8.56
CA SER A 27 -10.38 -2.79 -9.43
C SER A 27 -10.51 -1.51 -8.62
N ARG A 28 -10.26 -0.37 -9.25
CA ARG A 28 -10.34 0.92 -8.58
C ARG A 28 -11.66 1.05 -7.82
N GLN A 29 -12.76 0.84 -8.52
CA GLN A 29 -14.08 0.94 -7.90
C GLN A 29 -14.10 0.24 -6.55
N GLU A 30 -13.51 -0.95 -6.49
CA GLU A 30 -13.47 -1.72 -5.25
C GLU A 30 -12.45 -1.12 -4.28
N ALA A 31 -11.18 -1.20 -4.64
CA ALA A 31 -10.11 -0.67 -3.79
C ALA A 31 -10.56 0.61 -3.08
N GLN A 32 -11.30 1.45 -3.79
CA GLN A 32 -11.78 2.71 -3.23
C GLN A 32 -12.71 2.43 -2.05
N THR A 33 -13.73 1.62 -2.27
CA THR A 33 -14.69 1.28 -1.23
C THR A 33 -14.00 0.64 -0.03
N ARG A 34 -12.83 0.06 -0.28
CA ARG A 34 -12.07 -0.59 0.78
C ARG A 34 -11.27 0.44 1.59
N LEU A 35 -10.87 1.51 0.93
CA LEU A 35 -10.10 2.57 1.60
C LEU A 35 -10.92 3.85 1.70
N GLN A 36 -12.20 3.76 1.34
CA GLN A 36 -13.09 4.91 1.40
C GLN A 36 -13.67 5.09 2.80
N GLY A 37 -13.19 6.11 3.51
CA GLY A 37 -13.67 6.36 4.85
C GLY A 37 -12.91 5.58 5.90
N GLN A 38 -12.16 4.57 5.47
CA GLN A 38 -11.38 3.73 6.37
C GLN A 38 -10.38 4.57 7.15
N ARG A 39 -9.89 4.02 8.25
CA ARG A 39 -8.92 4.72 9.09
C ARG A 39 -7.74 5.22 8.25
N HIS A 40 -7.26 6.42 8.57
CA HIS A 40 -6.14 7.02 7.84
C HIS A 40 -4.89 6.15 7.98
N GLY A 41 -4.31 5.77 6.84
CA GLY A 41 -3.12 4.95 6.86
C GLY A 41 -3.27 3.68 6.03
N MET A 42 -4.50 3.17 5.96
CA MET A 42 -4.78 1.96 5.19
C MET A 42 -4.22 2.07 3.78
N PHE A 43 -3.73 0.96 3.24
CA PHE A 43 -3.16 0.93 1.91
C PHE A 43 -3.33 -0.45 1.27
N LEU A 44 -3.05 -0.54 -0.02
CA LEU A 44 -3.16 -1.80 -0.76
C LEU A 44 -2.57 -1.67 -2.16
N VAL A 45 -2.10 -2.80 -2.69
CA VAL A 45 -1.50 -2.82 -4.02
C VAL A 45 -2.24 -3.80 -4.93
N ARG A 46 -2.80 -3.29 -6.02
CA ARG A 46 -3.52 -4.12 -6.98
C ARG A 46 -2.93 -3.99 -8.37
N ASP A 47 -3.38 -4.85 -9.29
CA ASP A 47 -2.90 -4.82 -10.66
C ASP A 47 -3.46 -3.62 -11.41
N SER A 48 -2.58 -2.73 -11.85
CA SER A 48 -2.98 -1.54 -12.58
C SER A 48 -3.77 -1.90 -13.83
N SER A 49 -4.65 -1.00 -14.26
CA SER A 49 -5.47 -1.22 -15.44
C SER A 49 -5.04 -0.30 -16.58
N THR A 50 -4.90 0.98 -16.27
CA THR A 50 -4.50 1.95 -17.28
C THR A 50 -3.31 1.46 -18.09
N CYS A 51 -2.33 0.87 -17.41
CA CYS A 51 -1.14 0.35 -18.06
C CYS A 51 -0.86 -1.08 -17.64
N PRO A 52 -0.53 -1.94 -18.61
CA PRO A 52 -0.24 -3.35 -18.36
C PRO A 52 1.08 -3.55 -17.60
N GLY A 53 0.99 -4.23 -16.47
CA GLY A 53 2.18 -4.47 -15.67
C GLY A 53 2.28 -3.55 -14.47
N ASP A 54 2.10 -2.26 -14.71
CA ASP A 54 2.17 -1.27 -13.64
C ASP A 54 1.22 -1.64 -12.50
N TYR A 55 1.41 -1.00 -11.35
CA TYR A 55 0.58 -1.26 -10.19
C TYR A 55 0.02 0.04 -9.62
N VAL A 56 -0.91 -0.08 -8.68
CA VAL A 56 -1.52 1.08 -8.05
C VAL A 56 -1.67 0.88 -6.55
N LEU A 57 -0.92 1.68 -5.77
CA LEU A 57 -0.97 1.59 -4.32
C LEU A 57 -2.03 2.52 -3.75
N SER A 58 -3.24 2.01 -3.59
CA SER A 58 -4.35 2.79 -3.06
C SER A 58 -4.20 2.98 -1.55
N VAL A 59 -4.09 4.24 -1.14
CA VAL A 59 -3.95 4.56 0.28
C VAL A 59 -5.11 5.42 0.77
N SER A 60 -5.38 5.35 2.07
CA SER A 60 -6.47 6.11 2.67
C SER A 60 -5.92 7.33 3.42
N GLU A 61 -6.35 8.51 2.98
CA GLU A 61 -5.90 9.76 3.61
C GLU A 61 -6.68 10.95 3.06
N ASN A 62 -6.86 11.97 3.90
CA ASN A 62 -7.58 13.17 3.49
C ASN A 62 -9.02 12.83 3.10
N SER A 63 -9.63 11.92 3.84
CA SER A 63 -11.00 11.50 3.56
C SER A 63 -11.15 11.03 2.13
N ARG A 64 -10.05 10.55 1.55
CA ARG A 64 -10.05 10.07 0.18
C ARG A 64 -9.08 8.90 0.00
N VAL A 65 -8.96 8.42 -1.22
CA VAL A 65 -8.06 7.30 -1.52
C VAL A 65 -6.86 7.77 -2.34
N SER A 66 -5.73 7.94 -1.67
CA SER A 66 -4.51 8.40 -2.33
C SER A 66 -3.90 7.26 -3.15
N HIS A 67 -4.18 7.27 -4.46
CA HIS A 67 -3.66 6.25 -5.36
C HIS A 67 -2.22 6.55 -5.75
N TYR A 68 -1.28 5.76 -5.22
CA TYR A 68 0.13 5.95 -5.51
C TYR A 68 0.60 4.97 -6.59
N ILE A 69 0.60 5.42 -7.84
CA ILE A 69 1.02 4.59 -8.94
C ILE A 69 2.47 4.14 -8.78
N ILE A 70 2.75 2.92 -9.19
CA ILE A 70 4.10 2.37 -9.08
C ILE A 70 4.66 2.02 -10.46
N ASN A 71 5.46 2.93 -11.02
CA ASN A 71 6.05 2.71 -12.33
C ASN A 71 6.94 1.46 -12.33
N SER A 72 6.97 0.77 -13.46
CA SER A 72 7.78 -0.44 -13.59
C SER A 72 9.12 -0.14 -14.27
N LEU A 73 10.17 -0.07 -13.47
CA LEU A 73 11.51 0.21 -13.99
C LEU A 73 12.08 -1.01 -14.71
N PRO A 74 12.89 -0.76 -15.75
CA PRO A 74 13.52 -1.83 -16.53
C PRO A 74 14.60 -2.57 -15.73
N ASN A 75 15.10 -1.93 -14.69
CA ASN A 75 16.14 -2.52 -13.85
C ASN A 75 15.52 -3.37 -12.74
N ARG A 76 14.44 -4.08 -13.08
CA ARG A 76 13.75 -4.92 -12.11
C ARG A 76 13.49 -4.17 -10.81
N ARG A 77 13.07 -2.91 -10.94
CA ARG A 77 12.79 -2.09 -9.78
C ARG A 77 11.46 -1.35 -9.94
N PHE A 78 10.96 -0.78 -8.85
CA PHE A 78 9.70 -0.04 -8.88
C PHE A 78 9.91 1.41 -8.49
N LYS A 79 9.29 2.32 -9.23
CA LYS A 79 9.40 3.75 -8.95
C LYS A 79 8.05 4.36 -8.62
N ILE A 80 7.81 4.57 -7.32
CA ILE A 80 6.54 5.15 -6.87
C ILE A 80 6.63 6.66 -6.78
N GLY A 81 6.13 7.34 -7.81
CA GLY A 81 6.17 8.80 -7.83
C GLY A 81 7.53 9.35 -8.21
N ASP A 82 8.23 9.91 -7.23
CA ASP A 82 9.56 10.48 -7.47
C ASP A 82 10.62 9.75 -6.65
N GLN A 83 10.32 8.50 -6.30
CA GLN A 83 11.25 7.70 -5.50
C GLN A 83 11.44 6.31 -6.13
N GLU A 84 12.50 5.63 -5.74
CA GLU A 84 12.80 4.30 -6.25
C GLU A 84 13.21 3.36 -5.12
N PHE A 85 12.91 2.07 -5.29
CA PHE A 85 13.25 1.07 -4.28
C PHE A 85 13.72 -0.21 -4.94
N ASP A 86 14.04 -1.21 -4.12
CA ASP A 86 14.52 -2.49 -4.62
C ASP A 86 13.36 -3.32 -5.18
N HIS A 87 12.17 -3.12 -4.63
CA HIS A 87 10.98 -3.84 -5.08
C HIS A 87 9.74 -3.35 -4.34
N LEU A 88 8.61 -4.01 -4.59
CA LEU A 88 7.35 -3.64 -3.95
C LEU A 88 7.48 -3.68 -2.43
N PRO A 89 7.82 -4.85 -1.89
CA PRO A 89 7.99 -5.04 -0.44
C PRO A 89 9.22 -4.33 0.09
N ALA A 90 9.83 -3.50 -0.74
CA ALA A 90 11.03 -2.75 -0.35
C ALA A 90 10.73 -1.27 -0.21
N LEU A 91 9.60 -0.84 -0.77
CA LEU A 91 9.19 0.55 -0.71
C LEU A 91 8.21 0.80 0.43
N LEU A 92 7.29 -0.14 0.60
CA LEU A 92 6.28 -0.04 1.66
C LEU A 92 6.94 -0.04 3.04
N GLU A 93 8.04 -0.78 3.17
CA GLU A 93 8.76 -0.86 4.43
C GLU A 93 9.50 0.44 4.71
N PHE A 94 9.81 1.18 3.66
CA PHE A 94 10.53 2.44 3.78
C PHE A 94 9.56 3.59 4.07
N TYR A 95 8.28 3.35 3.80
CA TYR A 95 7.26 4.36 4.04
C TYR A 95 6.64 4.21 5.42
N LYS A 96 6.82 3.04 6.01
CA LYS A 96 6.28 2.75 7.34
C LYS A 96 6.70 3.83 8.33
N ILE A 97 7.74 4.58 7.98
CA ILE A 97 8.23 5.65 8.84
C ILE A 97 8.11 7.01 8.17
N HIS A 98 8.26 7.03 6.85
CA HIS A 98 8.15 8.26 6.08
C HIS A 98 6.70 8.58 5.75
N TYR A 99 6.36 9.86 5.76
CA TYR A 99 4.99 10.28 5.47
C TYR A 99 4.85 10.67 4.00
N LEU A 100 4.04 9.90 3.27
CA LEU A 100 3.82 10.16 1.85
C LEU A 100 3.43 11.62 1.61
N ASP A 101 2.24 11.99 2.08
CA ASP A 101 1.75 13.36 1.93
C ASP A 101 1.46 13.98 3.29
N THR A 102 0.47 13.43 3.98
CA THR A 102 0.09 13.94 5.30
C THR A 102 0.10 12.82 6.34
N THR A 103 0.29 11.59 5.88
CA THR A 103 0.32 10.44 6.77
C THR A 103 1.29 9.37 6.26
N THR A 104 1.34 8.24 6.96
CA THR A 104 2.21 7.14 6.58
C THR A 104 1.44 5.84 6.43
N LEU A 105 2.12 4.80 5.96
CA LEU A 105 1.49 3.50 5.76
C LEU A 105 1.41 2.73 7.09
N ILE A 106 0.20 2.55 7.59
CA ILE A 106 -0.01 1.83 8.83
C ILE A 106 -0.15 0.33 8.59
N GLU A 107 -1.24 -0.07 7.95
CA GLU A 107 -1.50 -1.47 7.66
C GLU A 107 -2.34 -1.61 6.40
N PRO A 108 -2.17 -2.75 5.70
CA PRO A 108 -2.91 -3.04 4.47
C PRO A 108 -4.38 -3.32 4.73
N ALA A 109 -5.24 -2.87 3.82
CA ALA A 109 -6.68 -3.07 3.95
C ALA A 109 -7.01 -4.54 4.23
N PRO A 110 -8.20 -4.78 4.80
CA PRO A 110 -8.65 -6.14 5.11
C PRO A 110 -8.98 -6.94 3.87
N ARG A 111 -8.78 -8.26 3.94
CA ARG A 111 -9.04 -9.14 2.82
C ARG A 111 -10.29 -8.70 2.07
N GLY A 1 -4.75 -18.93 8.37
CA GLY A 1 -5.59 -19.53 9.39
C GLY A 1 -4.89 -19.63 10.72
N SER A 2 -4.22 -18.57 11.12
CA SER A 2 -3.50 -18.55 12.40
C SER A 2 -4.30 -17.83 13.46
N SER A 3 -4.24 -18.35 14.69
CA SER A 3 -4.97 -17.76 15.81
C SER A 3 -4.04 -16.96 16.71
N GLY A 4 -3.99 -15.65 16.48
CA GLY A 4 -3.13 -14.79 17.27
C GLY A 4 -3.84 -13.51 17.71
N SER A 5 -3.73 -12.46 16.91
CA SER A 5 -4.36 -11.19 17.22
C SER A 5 -3.72 -10.57 18.46
N SER A 6 -2.40 -10.63 18.53
CA SER A 6 -1.66 -10.06 19.66
C SER A 6 -0.37 -9.39 19.20
N GLY A 7 -0.08 -8.23 19.76
CA GLY A 7 1.12 -7.50 19.40
C GLY A 7 0.90 -6.00 19.39
N MET A 8 1.61 -5.30 20.26
CA MET A 8 1.51 -3.84 20.35
C MET A 8 2.66 -3.16 19.62
N SER A 9 2.50 -2.96 18.32
CA SER A 9 3.53 -2.32 17.51
C SER A 9 2.92 -1.66 16.27
N SER A 10 3.11 -0.36 16.15
CA SER A 10 2.58 0.39 15.02
C SER A 10 3.22 -0.06 13.72
N ALA A 11 2.57 0.23 12.60
CA ALA A 11 3.08 -0.15 11.29
C ALA A 11 3.78 -1.50 11.34
N ARG A 12 3.10 -2.49 11.90
CA ARG A 12 3.66 -3.84 12.01
C ARG A 12 2.94 -4.81 11.09
N PHE A 13 3.48 -4.99 9.89
CA PHE A 13 2.89 -5.88 8.91
C PHE A 13 3.96 -6.52 8.02
N ASP A 14 3.58 -7.54 7.28
CA ASP A 14 4.52 -8.24 6.40
C ASP A 14 4.42 -7.71 4.98
N SER A 15 5.24 -6.71 4.66
CA SER A 15 5.24 -6.10 3.34
C SER A 15 5.46 -7.16 2.26
N SER A 16 5.95 -8.33 2.67
CA SER A 16 6.20 -9.42 1.75
C SER A 16 4.93 -10.21 1.46
N ASP A 17 4.13 -10.43 2.50
CA ASP A 17 2.88 -11.17 2.36
C ASP A 17 1.94 -10.47 1.39
N ARG A 18 2.07 -10.81 0.10
CA ARG A 18 1.24 -10.21 -0.93
C ARG A 18 -0.24 -10.45 -0.64
N SER A 19 -0.55 -11.63 -0.12
CA SER A 19 -1.93 -11.99 0.20
C SER A 19 -2.44 -11.17 1.38
N ALA A 20 -1.59 -10.32 1.93
CA ALA A 20 -1.95 -9.48 3.06
C ALA A 20 -2.11 -8.03 2.64
N TRP A 21 -1.39 -7.64 1.59
CA TRP A 21 -1.45 -6.27 1.09
C TRP A 21 -1.76 -6.25 -0.40
N TYR A 22 -1.10 -7.14 -1.14
CA TYR A 22 -1.30 -7.22 -2.58
C TYR A 22 -2.69 -7.75 -2.91
N MET A 23 -3.52 -6.89 -3.51
CA MET A 23 -4.87 -7.27 -3.88
C MET A 23 -4.94 -7.75 -5.33
N GLY A 24 -3.80 -7.66 -6.02
CA GLY A 24 -3.74 -8.08 -7.41
C GLY A 24 -5.09 -7.98 -8.10
N PRO A 25 -5.88 -9.07 -8.03
CA PRO A 25 -7.20 -9.13 -8.66
C PRO A 25 -8.21 -8.24 -7.93
N VAL A 26 -8.15 -6.93 -8.21
CA VAL A 26 -9.06 -5.98 -7.60
C VAL A 26 -9.28 -4.77 -8.51
N SER A 27 -10.55 -4.37 -8.64
CA SER A 27 -10.90 -3.23 -9.48
C SER A 27 -10.68 -1.92 -8.74
N ARG A 28 -10.55 -0.83 -9.49
CA ARG A 28 -10.34 0.48 -8.90
C ARG A 28 -11.52 0.88 -8.02
N GLN A 29 -12.72 0.72 -8.55
CA GLN A 29 -13.94 1.06 -7.80
C GLN A 29 -13.96 0.36 -6.45
N GLU A 30 -13.39 -0.84 -6.41
CA GLU A 30 -13.35 -1.62 -5.18
C GLU A 30 -12.33 -1.05 -4.20
N ALA A 31 -11.06 -1.18 -4.56
CA ALA A 31 -9.98 -0.66 -3.71
C ALA A 31 -10.37 0.64 -3.04
N GLN A 32 -11.25 1.40 -3.70
CA GLN A 32 -11.71 2.68 -3.17
C GLN A 32 -12.65 2.46 -1.98
N THR A 33 -13.66 1.63 -2.19
CA THR A 33 -14.64 1.33 -1.15
C THR A 33 -13.97 0.75 0.08
N ARG A 34 -12.83 0.11 -0.12
CA ARG A 34 -12.09 -0.50 0.98
C ARG A 34 -11.29 0.56 1.75
N LEU A 35 -10.83 1.58 1.03
CA LEU A 35 -10.05 2.65 1.64
C LEU A 35 -10.85 3.95 1.67
N GLN A 36 -12.14 3.85 1.37
CA GLN A 36 -13.02 5.02 1.37
C GLN A 36 -13.65 5.22 2.74
N GLY A 37 -13.26 6.30 3.42
CA GLY A 37 -13.81 6.59 4.73
C GLY A 37 -13.07 5.86 5.84
N GLN A 38 -12.33 4.81 5.47
CA GLN A 38 -11.59 4.03 6.44
C GLN A 38 -10.60 4.89 7.21
N ARG A 39 -9.98 4.31 8.22
CA ARG A 39 -9.01 5.04 9.04
C ARG A 39 -7.77 5.40 8.21
N HIS A 40 -7.24 6.59 8.44
CA HIS A 40 -6.06 7.06 7.73
C HIS A 40 -4.87 6.13 7.98
N GLY A 41 -4.28 5.61 6.90
CA GLY A 41 -3.15 4.72 7.04
C GLY A 41 -3.29 3.47 6.19
N MET A 42 -4.52 2.99 6.06
CA MET A 42 -4.80 1.79 5.27
C MET A 42 -4.22 1.92 3.87
N PHE A 43 -3.79 0.81 3.30
CA PHE A 43 -3.21 0.80 1.95
C PHE A 43 -3.37 -0.57 1.30
N LEU A 44 -3.06 -0.64 0.01
CA LEU A 44 -3.16 -1.90 -0.73
C LEU A 44 -2.50 -1.78 -2.10
N VAL A 45 -2.07 -2.90 -2.65
CA VAL A 45 -1.42 -2.93 -3.95
C VAL A 45 -2.11 -3.91 -4.89
N ARG A 46 -2.82 -3.38 -5.88
CA ARG A 46 -3.53 -4.21 -6.85
C ARG A 46 -2.94 -4.05 -8.24
N ASP A 47 -3.41 -4.85 -9.18
CA ASP A 47 -2.93 -4.80 -10.55
C ASP A 47 -3.52 -3.60 -11.29
N SER A 48 -2.64 -2.76 -11.83
CA SER A 48 -3.06 -1.56 -12.55
C SER A 48 -3.76 -1.95 -13.86
N SER A 49 -5.02 -1.59 -13.98
CA SER A 49 -5.80 -1.89 -15.18
C SER A 49 -5.40 -0.98 -16.33
N THR A 50 -5.36 0.33 -16.07
CA THR A 50 -5.00 1.31 -17.08
C THR A 50 -3.92 0.75 -18.01
N CYS A 51 -2.95 0.05 -17.43
CA CYS A 51 -1.86 -0.53 -18.21
C CYS A 51 -1.22 -1.69 -17.46
N PRO A 52 -0.82 -2.74 -18.21
CA PRO A 52 -0.19 -3.93 -17.63
C PRO A 52 1.22 -3.64 -17.10
N GLY A 53 1.62 -4.41 -16.09
CA GLY A 53 2.94 -4.22 -15.51
C GLY A 53 2.95 -3.16 -14.42
N ASP A 54 2.16 -2.10 -14.62
CA ASP A 54 2.08 -1.02 -13.65
C ASP A 54 1.17 -1.39 -12.49
N TYR A 55 1.44 -0.81 -11.32
CA TYR A 55 0.65 -1.08 -10.13
C TYR A 55 0.10 0.20 -9.53
N VAL A 56 -0.85 0.07 -8.61
CA VAL A 56 -1.45 1.22 -7.95
C VAL A 56 -1.56 1.00 -6.44
N LEU A 57 -0.91 1.87 -5.68
CA LEU A 57 -0.93 1.77 -4.23
C LEU A 57 -2.04 2.64 -3.64
N SER A 58 -3.23 2.05 -3.50
CA SER A 58 -4.38 2.76 -2.96
C SER A 58 -4.28 2.87 -1.44
N VAL A 59 -4.20 4.11 -0.94
CA VAL A 59 -4.10 4.34 0.50
C VAL A 59 -5.12 5.37 0.95
N SER A 60 -5.71 5.15 2.12
CA SER A 60 -6.70 6.06 2.67
C SER A 60 -6.03 7.28 3.31
N GLU A 61 -6.32 8.46 2.76
CA GLU A 61 -5.75 9.69 3.29
C GLU A 61 -6.43 10.91 2.66
N ASN A 62 -6.60 11.96 3.45
CA ASN A 62 -7.24 13.18 2.98
C ASN A 62 -8.68 12.92 2.55
N SER A 63 -9.44 12.27 3.43
CA SER A 63 -10.84 11.96 3.15
C SER A 63 -10.98 11.41 1.72
N ARG A 64 -9.96 10.69 1.27
CA ARG A 64 -9.98 10.11 -0.07
C ARG A 64 -8.94 9.01 -0.21
N VAL A 65 -8.95 8.32 -1.35
CA VAL A 65 -8.00 7.25 -1.59
C VAL A 65 -6.84 7.73 -2.45
N SER A 66 -5.68 7.91 -1.83
CA SER A 66 -4.49 8.37 -2.54
C SER A 66 -3.92 7.27 -3.43
N HIS A 67 -4.39 7.21 -4.66
CA HIS A 67 -3.93 6.20 -5.61
C HIS A 67 -2.47 6.45 -6.01
N TYR A 68 -1.56 5.95 -5.20
CA TYR A 68 -0.13 6.11 -5.45
C TYR A 68 0.35 5.11 -6.50
N ILE A 69 0.34 5.54 -7.76
CA ILE A 69 0.78 4.68 -8.85
C ILE A 69 2.25 4.28 -8.69
N ILE A 70 2.57 3.06 -9.10
CA ILE A 70 3.94 2.56 -8.99
C ILE A 70 4.52 2.25 -10.36
N ASN A 71 5.47 3.06 -10.81
CA ASN A 71 6.10 2.88 -12.10
C ASN A 71 7.04 1.67 -12.08
N SER A 72 6.93 0.82 -13.11
CA SER A 72 7.77 -0.36 -13.21
C SER A 72 9.05 -0.07 -13.99
N LEU A 73 10.17 -0.09 -13.29
CA LEU A 73 11.46 0.17 -13.91
C LEU A 73 12.02 -1.10 -14.57
N PRO A 74 12.80 -0.91 -15.64
CA PRO A 74 13.41 -2.03 -16.37
C PRO A 74 14.51 -2.71 -15.58
N ASN A 75 14.87 -2.12 -14.44
CA ASN A 75 15.91 -2.67 -13.58
C ASN A 75 15.31 -3.54 -12.49
N ARG A 76 14.12 -4.06 -12.75
CA ARG A 76 13.44 -4.91 -11.77
C ARG A 76 13.14 -4.14 -10.49
N ARG A 77 13.00 -2.83 -10.62
CA ARG A 77 12.72 -1.98 -9.46
C ARG A 77 11.48 -1.13 -9.70
N PHE A 78 10.86 -0.68 -8.62
CA PHE A 78 9.66 0.14 -8.71
C PHE A 78 9.97 1.60 -8.38
N LYS A 79 9.25 2.51 -9.03
CA LYS A 79 9.43 3.94 -8.82
C LYS A 79 8.11 4.62 -8.50
N ILE A 80 7.89 4.91 -7.23
CA ILE A 80 6.67 5.57 -6.79
C ILE A 80 6.84 7.08 -6.77
N GLY A 81 6.30 7.75 -7.78
CA GLY A 81 6.40 9.20 -7.86
C GLY A 81 7.79 9.67 -8.24
N ASP A 82 8.53 10.20 -7.28
CA ASP A 82 9.88 10.69 -7.52
C ASP A 82 10.89 9.89 -6.70
N GLN A 83 10.48 8.71 -6.24
CA GLN A 83 11.35 7.86 -5.45
C GLN A 83 11.48 6.48 -6.09
N GLU A 84 12.58 5.79 -5.77
CA GLU A 84 12.82 4.46 -6.31
C GLU A 84 13.22 3.48 -5.21
N PHE A 85 12.75 2.24 -5.33
CA PHE A 85 13.06 1.22 -4.34
C PHE A 85 13.52 -0.07 -5.02
N ASP A 86 13.86 -1.07 -4.21
CA ASP A 86 14.32 -2.35 -4.73
C ASP A 86 13.14 -3.17 -5.26
N HIS A 87 11.97 -2.98 -4.66
CA HIS A 87 10.78 -3.71 -5.06
C HIS A 87 9.56 -3.22 -4.28
N LEU A 88 8.43 -3.88 -4.49
CA LEU A 88 7.19 -3.53 -3.81
C LEU A 88 7.38 -3.57 -2.29
N PRO A 89 7.73 -4.76 -1.78
CA PRO A 89 7.95 -4.97 -0.34
C PRO A 89 9.21 -4.27 0.16
N ALA A 90 9.80 -3.44 -0.70
CA ALA A 90 11.00 -2.70 -0.34
C ALA A 90 10.71 -1.22 -0.15
N LEU A 91 9.61 -0.76 -0.73
CA LEU A 91 9.22 0.64 -0.62
C LEU A 91 8.26 0.85 0.55
N LEU A 92 7.34 -0.10 0.72
CA LEU A 92 6.36 -0.03 1.80
C LEU A 92 7.05 -0.01 3.16
N GLU A 93 8.17 -0.74 3.26
CA GLU A 93 8.93 -0.80 4.50
C GLU A 93 9.66 0.51 4.76
N PHE A 94 9.96 1.24 3.70
CA PHE A 94 10.67 2.51 3.81
C PHE A 94 9.68 3.65 4.11
N TYR A 95 8.42 3.43 3.76
CA TYR A 95 7.38 4.44 3.99
C TYR A 95 6.83 4.33 5.41
N LYS A 96 6.94 3.15 6.00
CA LYS A 96 6.45 2.93 7.36
C LYS A 96 6.97 4.00 8.31
N ILE A 97 8.03 4.69 7.90
CA ILE A 97 8.63 5.74 8.71
C ILE A 97 8.45 7.10 8.05
N HIS A 98 8.53 7.13 6.73
CA HIS A 98 8.38 8.37 5.97
C HIS A 98 6.92 8.63 5.64
N TYR A 99 6.48 9.87 5.85
CA TYR A 99 5.10 10.24 5.57
C TYR A 99 4.92 10.61 4.10
N LEU A 100 4.14 9.81 3.39
CA LEU A 100 3.88 10.05 1.97
C LEU A 100 3.48 11.51 1.73
N ASP A 101 2.28 11.86 2.17
CA ASP A 101 1.78 13.23 2.00
C ASP A 101 1.45 13.84 3.36
N THR A 102 0.45 13.28 4.03
CA THR A 102 0.03 13.77 5.33
C THR A 102 0.02 12.66 6.37
N THR A 103 0.27 11.43 5.92
CA THR A 103 0.30 10.28 6.82
C THR A 103 1.24 9.21 6.30
N THR A 104 1.31 8.09 7.01
CA THR A 104 2.18 6.98 6.63
C THR A 104 1.37 5.71 6.41
N LEU A 105 2.06 4.64 6.01
CA LEU A 105 1.41 3.36 5.76
C LEU A 105 1.30 2.55 7.05
N ILE A 106 0.12 2.53 7.64
CA ILE A 106 -0.11 1.79 8.87
C ILE A 106 -0.18 0.29 8.60
N GLU A 107 -1.27 -0.14 7.97
CA GLU A 107 -1.46 -1.56 7.65
C GLU A 107 -2.30 -1.71 6.39
N PRO A 108 -2.08 -2.84 5.67
CA PRO A 108 -2.81 -3.14 4.44
C PRO A 108 -4.28 -3.47 4.70
N ALA A 109 -5.16 -2.95 3.86
CA ALA A 109 -6.59 -3.18 3.99
C ALA A 109 -6.88 -4.68 4.11
N PRO A 110 -8.08 -5.01 4.64
CA PRO A 110 -8.50 -6.40 4.81
C PRO A 110 -8.78 -7.09 3.48
N ARG A 111 -8.83 -8.42 3.51
CA ARG A 111 -9.08 -9.20 2.31
C ARG A 111 -10.44 -8.84 1.70
N GLY A 1 -1.30 -25.53 21.03
CA GLY A 1 -2.57 -25.21 20.40
C GLY A 1 -3.33 -24.14 21.16
N SER A 2 -2.74 -22.94 21.23
CA SER A 2 -3.37 -21.83 21.93
C SER A 2 -2.69 -20.51 21.56
N SER A 3 -3.51 -19.49 21.32
CA SER A 3 -2.99 -18.16 20.96
C SER A 3 -4.00 -17.08 21.29
N GLY A 4 -3.59 -15.82 21.08
CA GLY A 4 -4.47 -14.71 21.36
C GLY A 4 -3.74 -13.38 21.35
N SER A 5 -4.35 -12.38 20.69
CA SER A 5 -3.75 -11.06 20.60
C SER A 5 -4.75 -10.05 20.04
N SER A 6 -4.81 -8.87 20.65
CA SER A 6 -5.71 -7.82 20.22
C SER A 6 -5.18 -6.45 20.58
N GLY A 7 -5.52 -5.45 19.77
CA GLY A 7 -5.06 -4.10 20.02
C GLY A 7 -4.67 -3.37 18.75
N MET A 8 -4.65 -2.04 18.82
CA MET A 8 -4.29 -1.23 17.66
C MET A 8 -2.86 -0.72 17.77
N SER A 9 -1.91 -1.51 17.27
CA SER A 9 -0.51 -1.14 17.32
C SER A 9 -0.09 -0.39 16.06
N SER A 10 1.07 0.24 16.10
CA SER A 10 1.59 1.00 14.97
C SER A 10 1.77 0.10 13.75
N ALA A 11 2.31 0.68 12.68
CA ALA A 11 2.54 -0.07 11.45
C ALA A 11 2.93 -1.51 11.75
N ARG A 12 1.93 -2.41 11.74
CA ARG A 12 2.18 -3.82 12.03
C ARG A 12 1.58 -4.69 10.92
N PHE A 13 2.44 -5.13 10.00
CA PHE A 13 2.01 -5.97 8.88
C PHE A 13 3.20 -6.61 8.20
N ASP A 14 2.92 -7.53 7.27
CA ASP A 14 3.98 -8.21 6.53
C ASP A 14 4.07 -7.69 5.10
N SER A 15 4.93 -6.70 4.89
CA SER A 15 5.11 -6.11 3.57
C SER A 15 5.46 -7.17 2.53
N SER A 16 5.97 -8.31 3.02
CA SER A 16 6.35 -9.40 2.14
C SER A 16 5.12 -10.20 1.70
N ASP A 17 4.22 -10.45 2.65
CA ASP A 17 3.00 -11.20 2.37
C ASP A 17 2.11 -10.45 1.39
N ARG A 18 2.25 -10.79 0.11
CA ARG A 18 1.45 -10.13 -0.94
C ARG A 18 -0.04 -10.31 -0.67
N SER A 19 -0.42 -11.50 -0.21
CA SER A 19 -1.82 -11.80 0.09
C SER A 19 -2.32 -10.95 1.24
N ALA A 20 -1.42 -10.18 1.84
CA ALA A 20 -1.78 -9.32 2.97
C ALA A 20 -1.95 -7.87 2.52
N TRP A 21 -1.25 -7.49 1.46
CA TRP A 21 -1.31 -6.13 0.93
C TRP A 21 -1.63 -6.15 -0.56
N TYR A 22 -0.92 -7.00 -1.30
CA TYR A 22 -1.11 -7.10 -2.74
C TYR A 22 -2.51 -7.65 -3.07
N MET A 23 -3.41 -6.76 -3.44
CA MET A 23 -4.78 -7.16 -3.78
C MET A 23 -4.85 -7.72 -5.18
N GLY A 24 -3.73 -7.67 -5.90
CA GLY A 24 -3.68 -8.18 -7.26
C GLY A 24 -5.03 -8.11 -7.96
N PRO A 25 -5.81 -9.18 -7.84
CA PRO A 25 -7.14 -9.26 -8.47
C PRO A 25 -8.15 -8.34 -7.79
N VAL A 26 -8.08 -7.06 -8.11
CA VAL A 26 -8.99 -6.06 -7.53
C VAL A 26 -9.21 -4.90 -8.49
N SER A 27 -10.44 -4.41 -8.55
CA SER A 27 -10.78 -3.29 -9.42
C SER A 27 -10.69 -1.97 -8.67
N ARG A 28 -10.58 -0.88 -9.41
CA ARG A 28 -10.50 0.45 -8.81
C ARG A 28 -11.70 0.73 -7.91
N GLN A 29 -12.89 0.56 -8.48
CA GLN A 29 -14.12 0.80 -7.73
C GLN A 29 -14.09 0.08 -6.38
N GLU A 30 -13.41 -1.06 -6.35
CA GLU A 30 -13.30 -1.84 -5.13
C GLU A 30 -12.25 -1.26 -4.19
N ALA A 31 -10.99 -1.36 -4.58
CA ALA A 31 -9.90 -0.84 -3.77
C ALA A 31 -10.30 0.46 -3.07
N GLN A 32 -11.09 1.27 -3.76
CA GLN A 32 -11.55 2.54 -3.20
C GLN A 32 -12.56 2.31 -2.07
N THR A 33 -13.53 1.42 -2.32
CA THR A 33 -14.54 1.12 -1.32
C THR A 33 -13.92 0.52 -0.06
N ARG A 34 -12.73 -0.05 -0.20
CA ARG A 34 -12.03 -0.65 0.92
C ARG A 34 -11.27 0.41 1.71
N LEU A 35 -10.79 1.43 1.02
CA LEU A 35 -10.03 2.51 1.65
C LEU A 35 -10.87 3.78 1.74
N GLN A 36 -12.13 3.67 1.33
CA GLN A 36 -13.04 4.81 1.37
C GLN A 36 -13.63 5.00 2.76
N GLY A 37 -13.33 6.13 3.39
CA GLY A 37 -13.84 6.40 4.72
C GLY A 37 -13.05 5.70 5.80
N GLN A 38 -12.07 4.89 5.39
CA GLN A 38 -11.25 4.16 6.34
C GLN A 38 -10.27 5.09 7.05
N ARG A 39 -9.65 4.59 8.12
CA ARG A 39 -8.71 5.38 8.89
C ARG A 39 -7.48 5.73 8.05
N HIS A 40 -6.77 6.77 8.46
CA HIS A 40 -5.58 7.21 7.74
C HIS A 40 -4.40 6.28 8.03
N GLY A 41 -3.87 5.67 6.98
CA GLY A 41 -2.74 4.77 7.14
C GLY A 41 -2.91 3.49 6.33
N MET A 42 -4.15 3.17 5.99
CA MET A 42 -4.44 1.96 5.20
C MET A 42 -3.86 2.08 3.80
N PHE A 43 -3.53 0.94 3.21
CA PHE A 43 -2.97 0.91 1.86
C PHE A 43 -3.16 -0.46 1.22
N LEU A 44 -2.85 -0.55 -0.07
CA LEU A 44 -2.99 -1.81 -0.80
C LEU A 44 -2.43 -1.69 -2.22
N VAL A 45 -1.92 -2.79 -2.74
CA VAL A 45 -1.37 -2.80 -4.10
C VAL A 45 -2.11 -3.77 -4.99
N ARG A 46 -2.69 -3.27 -6.07
CA ARG A 46 -3.43 -4.09 -7.01
C ARG A 46 -2.90 -3.91 -8.43
N ASP A 47 -3.41 -4.72 -9.36
CA ASP A 47 -3.00 -4.64 -10.74
C ASP A 47 -3.53 -3.37 -11.42
N SER A 48 -2.61 -2.54 -11.91
CA SER A 48 -2.99 -1.30 -12.57
C SER A 48 -3.81 -1.56 -13.82
N SER A 49 -4.87 -0.79 -14.00
CA SER A 49 -5.75 -0.94 -15.15
C SER A 49 -5.33 -0.02 -16.29
N THR A 50 -5.03 1.23 -15.95
CA THR A 50 -4.62 2.21 -16.94
C THR A 50 -3.61 1.61 -17.92
N CYS A 51 -2.56 1.01 -17.38
CA CYS A 51 -1.52 0.39 -18.21
C CYS A 51 -1.09 -0.95 -17.63
N PRO A 52 -0.85 -1.93 -18.52
CA PRO A 52 -0.43 -3.27 -18.11
C PRO A 52 0.99 -3.30 -17.55
N GLY A 53 1.18 -4.06 -16.48
CA GLY A 53 2.48 -4.16 -15.85
C GLY A 53 2.62 -3.27 -14.64
N ASP A 54 2.31 -1.99 -14.81
CA ASP A 54 2.39 -1.03 -13.71
C ASP A 54 1.42 -1.40 -12.60
N TYR A 55 1.69 -0.89 -11.40
CA TYR A 55 0.84 -1.17 -10.25
C TYR A 55 0.23 0.11 -9.70
N VAL A 56 -0.75 -0.03 -8.82
CA VAL A 56 -1.42 1.11 -8.22
C VAL A 56 -1.60 0.93 -6.72
N LEU A 57 -0.82 1.68 -5.94
CA LEU A 57 -0.89 1.58 -4.48
C LEU A 57 -1.95 2.53 -3.93
N SER A 58 -3.13 1.98 -3.63
CA SER A 58 -4.23 2.77 -3.10
C SER A 58 -4.07 2.99 -1.59
N VAL A 59 -3.95 4.25 -1.20
CA VAL A 59 -3.79 4.60 0.21
C VAL A 59 -4.96 5.43 0.71
N SER A 60 -5.19 5.39 2.03
CA SER A 60 -6.29 6.14 2.63
C SER A 60 -5.76 7.36 3.38
N GLU A 61 -5.97 8.54 2.82
CA GLU A 61 -5.51 9.77 3.43
C GLU A 61 -6.35 10.97 2.96
N ASN A 62 -6.56 11.92 3.85
CA ASN A 62 -7.35 13.11 3.52
C ASN A 62 -8.78 12.73 3.16
N SER A 63 -9.42 11.95 4.03
CA SER A 63 -10.79 11.52 3.81
C SER A 63 -10.99 11.08 2.36
N ARG A 64 -9.93 10.55 1.75
CA ARG A 64 -9.99 10.10 0.37
C ARG A 64 -8.92 9.03 0.11
N VAL A 65 -9.05 8.34 -1.01
CA VAL A 65 -8.10 7.30 -1.38
C VAL A 65 -6.98 7.85 -2.26
N SER A 66 -5.80 8.00 -1.68
CA SER A 66 -4.65 8.53 -2.40
C SER A 66 -4.03 7.45 -3.29
N HIS A 67 -4.45 7.42 -4.55
CA HIS A 67 -3.93 6.44 -5.51
C HIS A 67 -2.49 6.75 -5.87
N TYR A 68 -1.56 5.96 -5.34
CA TYR A 68 -0.14 6.16 -5.61
C TYR A 68 0.34 5.20 -6.70
N ILE A 69 0.33 5.65 -7.94
CA ILE A 69 0.77 4.83 -9.07
C ILE A 69 2.25 4.46 -8.93
N ILE A 70 2.58 3.24 -9.33
CA ILE A 70 3.95 2.76 -9.25
C ILE A 70 4.50 2.44 -10.64
N ASN A 71 5.50 3.21 -11.07
CA ASN A 71 6.10 3.01 -12.37
C ASN A 71 7.02 1.79 -12.37
N SER A 72 6.90 0.96 -13.40
CA SER A 72 7.73 -0.25 -13.50
C SER A 72 9.03 0.05 -14.22
N LEU A 73 10.15 -0.20 -13.53
CA LEU A 73 11.47 0.04 -14.11
C LEU A 73 12.02 -1.23 -14.77
N PRO A 74 12.80 -1.05 -15.84
CA PRO A 74 13.41 -2.16 -16.58
C PRO A 74 14.49 -2.87 -15.78
N ASN A 75 15.02 -2.18 -14.77
CA ASN A 75 16.06 -2.75 -13.93
C ASN A 75 15.46 -3.60 -12.81
N ARG A 76 14.30 -4.18 -13.08
CA ARG A 76 13.61 -5.01 -12.09
C ARG A 76 13.39 -4.24 -10.79
N ARG A 77 12.90 -3.01 -10.91
CA ARG A 77 12.64 -2.18 -9.75
C ARG A 77 11.40 -1.32 -9.96
N PHE A 78 10.77 -0.91 -8.86
CA PHE A 78 9.58 -0.08 -8.93
C PHE A 78 9.90 1.38 -8.61
N LYS A 79 9.13 2.29 -9.20
CA LYS A 79 9.34 3.72 -8.98
C LYS A 79 8.02 4.42 -8.67
N ILE A 80 7.79 4.71 -7.38
CA ILE A 80 6.58 5.38 -6.97
C ILE A 80 6.72 6.90 -7.05
N GLY A 81 6.10 7.49 -8.07
CA GLY A 81 6.17 8.93 -8.25
C GLY A 81 7.56 9.40 -8.65
N ASP A 82 8.30 9.93 -7.68
CA ASP A 82 9.65 10.42 -7.93
C ASP A 82 10.68 9.64 -7.10
N GLN A 83 10.26 8.50 -6.59
CA GLN A 83 11.15 7.67 -5.77
C GLN A 83 11.30 6.27 -6.37
N GLU A 84 12.32 5.55 -5.91
CA GLU A 84 12.57 4.20 -6.40
C GLU A 84 12.98 3.27 -5.26
N PHE A 85 12.70 1.99 -5.42
CA PHE A 85 13.04 0.99 -4.41
C PHE A 85 13.52 -0.31 -5.05
N ASP A 86 13.79 -1.30 -4.22
CA ASP A 86 14.25 -2.60 -4.71
C ASP A 86 13.08 -3.48 -5.12
N HIS A 87 11.93 -3.26 -4.46
CA HIS A 87 10.74 -4.03 -4.76
C HIS A 87 9.54 -3.51 -3.96
N LEU A 88 8.42 -4.21 -4.07
CA LEU A 88 7.21 -3.81 -3.36
C LEU A 88 7.46 -3.76 -1.86
N PRO A 89 7.85 -4.90 -1.27
CA PRO A 89 8.14 -5.00 0.16
C PRO A 89 9.40 -4.26 0.56
N ALA A 90 9.94 -3.49 -0.38
CA ALA A 90 11.16 -2.72 -0.12
C ALA A 90 10.84 -1.23 0.03
N LEU A 91 9.71 -0.80 -0.53
CA LEU A 91 9.29 0.59 -0.45
C LEU A 91 8.29 0.80 0.68
N LEU A 92 7.37 -0.15 0.82
CA LEU A 92 6.34 -0.07 1.87
C LEU A 92 6.98 -0.06 3.25
N GLU A 93 8.07 -0.80 3.40
CA GLU A 93 8.78 -0.86 4.68
C GLU A 93 9.52 0.44 4.96
N PHE A 94 9.86 1.17 3.90
CA PHE A 94 10.57 2.43 4.03
C PHE A 94 9.60 3.57 4.33
N TYR A 95 8.37 3.43 3.85
CA TYR A 95 7.34 4.44 4.06
C TYR A 95 6.74 4.34 5.46
N LYS A 96 6.92 3.18 6.08
CA LYS A 96 6.40 2.94 7.42
C LYS A 96 6.85 4.03 8.39
N ILE A 97 7.88 4.78 7.98
CA ILE A 97 8.40 5.86 8.82
C ILE A 97 8.19 7.21 8.15
N HIS A 98 8.25 7.24 6.82
CA HIS A 98 8.06 8.47 6.06
C HIS A 98 6.57 8.72 5.82
N TYR A 99 6.23 9.99 5.60
CA TYR A 99 4.84 10.37 5.36
C TYR A 99 4.64 10.77 3.90
N LEU A 100 3.75 10.05 3.21
CA LEU A 100 3.47 10.33 1.81
C LEU A 100 2.88 11.72 1.64
N ASP A 101 1.62 11.89 2.08
CA ASP A 101 0.94 13.17 1.97
C ASP A 101 0.75 13.79 3.36
N THR A 102 -0.11 13.19 4.15
CA THR A 102 -0.39 13.68 5.50
C THR A 102 -0.30 12.56 6.53
N THR A 103 0.06 11.36 6.07
CA THR A 103 0.17 10.21 6.95
C THR A 103 1.12 9.17 6.36
N THR A 104 1.40 8.13 7.14
CA THR A 104 2.29 7.06 6.70
C THR A 104 1.53 5.74 6.51
N LEU A 105 2.25 4.73 6.04
CA LEU A 105 1.64 3.42 5.83
C LEU A 105 1.62 2.60 7.12
N ILE A 106 0.42 2.37 7.64
CA ILE A 106 0.26 1.60 8.87
C ILE A 106 0.07 0.12 8.58
N GLU A 107 -1.09 -0.23 8.03
CA GLU A 107 -1.39 -1.62 7.70
C GLU A 107 -2.22 -1.70 6.41
N PRO A 108 -2.03 -2.79 5.66
CA PRO A 108 -2.75 -3.01 4.40
C PRO A 108 -4.24 -3.30 4.62
N ALA A 109 -5.09 -2.66 3.83
CA ALA A 109 -6.53 -2.85 3.94
C ALA A 109 -6.87 -4.32 4.15
N PRO A 110 -8.03 -4.58 4.78
CA PRO A 110 -8.49 -5.93 5.07
C PRO A 110 -8.91 -6.67 3.80
N ARG A 111 -8.77 -8.00 3.82
CA ARG A 111 -9.14 -8.81 2.67
C ARG A 111 -10.66 -8.94 2.54
N GLY A 1 1.37 -18.83 20.88
CA GLY A 1 2.50 -17.92 21.00
C GLY A 1 2.78 -17.55 22.44
N SER A 2 4.07 -17.46 22.79
CA SER A 2 4.46 -17.11 24.14
C SER A 2 5.46 -15.95 24.14
N SER A 3 4.93 -14.74 24.20
CA SER A 3 5.76 -13.54 24.20
C SER A 3 5.22 -12.49 25.16
N GLY A 4 6.13 -11.81 25.86
CA GLY A 4 5.72 -10.79 26.82
C GLY A 4 4.97 -9.65 26.16
N SER A 5 5.66 -8.54 25.96
CA SER A 5 5.05 -7.36 25.34
C SER A 5 5.53 -7.20 23.90
N SER A 6 4.59 -7.30 22.97
CA SER A 6 4.90 -7.17 21.55
C SER A 6 5.94 -6.07 21.33
N GLY A 7 5.74 -4.93 21.97
CA GLY A 7 6.67 -3.83 21.83
C GLY A 7 5.97 -2.49 21.70
N MET A 8 6.59 -1.56 20.97
CA MET A 8 6.02 -0.24 20.78
C MET A 8 6.06 0.17 19.31
N SER A 9 4.92 0.04 18.63
CA SER A 9 4.84 0.38 17.21
C SER A 9 3.38 0.39 16.75
N SER A 10 3.16 0.87 15.53
CA SER A 10 1.81 0.94 14.98
C SER A 10 1.74 0.17 13.66
N ALA A 11 2.61 0.53 12.72
CA ALA A 11 2.65 -0.13 11.42
C ALA A 11 3.33 -1.49 11.51
N ARG A 12 2.54 -2.52 11.81
CA ARG A 12 3.07 -3.87 11.93
C ARG A 12 2.39 -4.81 10.94
N PHE A 13 3.00 -4.94 9.76
CA PHE A 13 2.45 -5.80 8.72
C PHE A 13 3.57 -6.53 7.97
N ASP A 14 3.19 -7.52 7.17
CA ASP A 14 4.16 -8.29 6.40
C ASP A 14 4.23 -7.79 4.96
N SER A 15 5.11 -6.83 4.73
CA SER A 15 5.29 -6.27 3.39
C SER A 15 5.50 -7.36 2.35
N SER A 16 6.07 -8.48 2.80
CA SER A 16 6.33 -9.61 1.90
C SER A 16 5.05 -10.37 1.59
N ASP A 17 4.22 -10.54 2.60
CA ASP A 17 2.95 -11.26 2.43
C ASP A 17 2.02 -10.49 1.49
N ARG A 18 2.09 -10.83 0.20
CA ARG A 18 1.26 -10.17 -0.80
C ARG A 18 -0.22 -10.43 -0.53
N SER A 19 -0.52 -11.62 -0.04
CA SER A 19 -1.90 -11.99 0.27
C SER A 19 -2.43 -11.22 1.47
N ALA A 20 -1.60 -10.34 2.01
CA ALA A 20 -1.97 -9.53 3.16
C ALA A 20 -2.16 -8.07 2.76
N TRP A 21 -1.47 -7.65 1.70
CA TRP A 21 -1.56 -6.28 1.22
C TRP A 21 -1.86 -6.24 -0.27
N TYR A 22 -1.16 -7.08 -1.02
CA TYR A 22 -1.36 -7.15 -2.47
C TYR A 22 -2.75 -7.67 -2.81
N MET A 23 -3.56 -6.80 -3.41
CA MET A 23 -4.92 -7.18 -3.80
C MET A 23 -4.96 -7.63 -5.26
N GLY A 24 -3.82 -7.52 -5.94
CA GLY A 24 -3.75 -7.93 -7.33
C GLY A 24 -5.10 -7.81 -8.04
N PRO A 25 -5.89 -8.89 -8.02
CA PRO A 25 -7.21 -8.92 -8.65
C PRO A 25 -8.22 -8.05 -7.93
N VAL A 26 -8.15 -6.75 -8.17
CA VAL A 26 -9.06 -5.80 -7.54
C VAL A 26 -9.28 -4.57 -8.41
N SER A 27 -10.54 -4.23 -8.63
CA SER A 27 -10.89 -3.07 -9.46
C SER A 27 -10.70 -1.77 -8.68
N ARG A 28 -10.52 -0.67 -9.42
CA ARG A 28 -10.34 0.63 -8.80
C ARG A 28 -11.51 0.98 -7.88
N GLN A 29 -12.73 0.89 -8.42
CA GLN A 29 -13.92 1.19 -7.67
C GLN A 29 -13.94 0.42 -6.35
N GLU A 30 -13.41 -0.79 -6.37
CA GLU A 30 -13.37 -1.63 -5.18
C GLU A 30 -12.35 -1.09 -4.17
N ALA A 31 -11.08 -1.11 -4.55
CA ALA A 31 -10.02 -0.62 -3.68
C ALA A 31 -10.45 0.65 -2.95
N GLN A 32 -11.26 1.47 -3.61
CA GLN A 32 -11.74 2.71 -3.03
C GLN A 32 -12.67 2.43 -1.84
N THR A 33 -13.63 1.53 -2.05
CA THR A 33 -14.58 1.17 -1.00
C THR A 33 -13.88 0.56 0.20
N ARG A 34 -12.70 -0.02 -0.04
CA ARG A 34 -11.92 -0.65 1.03
C ARG A 34 -11.14 0.40 1.81
N LEU A 35 -10.73 1.47 1.13
CA LEU A 35 -9.97 2.54 1.76
C LEU A 35 -10.81 3.82 1.86
N GLN A 36 -12.11 3.69 1.58
CA GLN A 36 -13.01 4.84 1.65
C GLN A 36 -13.56 5.03 3.05
N GLY A 37 -13.18 6.12 3.70
CA GLY A 37 -13.64 6.40 5.04
C GLY A 37 -12.83 5.68 6.09
N GLN A 38 -12.24 4.54 5.71
CA GLN A 38 -11.43 3.76 6.64
C GLN A 38 -10.44 4.65 7.38
N ARG A 39 -9.89 4.13 8.47
CA ARG A 39 -8.92 4.87 9.27
C ARG A 39 -7.76 5.35 8.41
N HIS A 40 -7.16 6.47 8.80
CA HIS A 40 -6.03 7.03 8.07
C HIS A 40 -4.80 6.14 8.19
N GLY A 41 -4.23 5.77 7.05
CA GLY A 41 -3.05 4.92 7.05
C GLY A 41 -3.22 3.70 6.17
N MET A 42 -4.42 3.13 6.18
CA MET A 42 -4.70 1.94 5.38
C MET A 42 -4.08 2.06 3.99
N PHE A 43 -3.80 0.91 3.38
CA PHE A 43 -3.19 0.89 2.06
C PHE A 43 -3.40 -0.47 1.39
N LEU A 44 -3.09 -0.54 0.09
CA LEU A 44 -3.25 -1.78 -0.66
C LEU A 44 -2.61 -1.66 -2.04
N VAL A 45 -2.07 -2.78 -2.53
CA VAL A 45 -1.42 -2.79 -3.83
C VAL A 45 -2.11 -3.79 -4.77
N ARG A 46 -2.80 -3.28 -5.77
CA ARG A 46 -3.49 -4.13 -6.74
C ARG A 46 -2.84 -4.04 -8.12
N ASP A 47 -3.42 -4.74 -9.08
CA ASP A 47 -2.90 -4.74 -10.45
C ASP A 47 -3.49 -3.58 -11.25
N SER A 48 -2.61 -2.66 -11.67
CA SER A 48 -3.05 -1.51 -12.44
C SER A 48 -3.74 -1.94 -13.73
N SER A 49 -4.63 -1.07 -14.23
CA SER A 49 -5.36 -1.36 -15.45
C SER A 49 -4.97 -0.40 -16.56
N THR A 50 -4.98 0.90 -16.25
CA THR A 50 -4.63 1.93 -17.22
C THR A 50 -3.20 1.75 -17.72
N CYS A 51 -2.27 1.61 -16.79
CA CYS A 51 -0.86 1.43 -17.13
C CYS A 51 -0.53 -0.04 -17.33
N PRO A 52 0.29 -0.33 -18.35
CA PRO A 52 0.70 -1.70 -18.66
C PRO A 52 1.63 -2.29 -17.60
N GLY A 53 1.42 -3.56 -17.27
CA GLY A 53 2.25 -4.21 -16.28
C GLY A 53 2.70 -3.27 -15.18
N ASP A 54 1.77 -2.47 -14.67
CA ASP A 54 2.08 -1.52 -13.61
C ASP A 54 1.20 -1.75 -12.39
N TYR A 55 1.63 -1.25 -11.24
CA TYR A 55 0.90 -1.40 -10.00
C TYR A 55 0.35 -0.06 -9.52
N VAL A 56 -0.56 -0.11 -8.55
CA VAL A 56 -1.16 1.10 -8.00
C VAL A 56 -1.34 0.98 -6.49
N LEU A 57 -0.50 1.70 -5.74
CA LEU A 57 -0.57 1.68 -4.29
C LEU A 57 -1.56 2.72 -3.77
N SER A 58 -2.73 2.25 -3.33
CA SER A 58 -3.76 3.13 -2.81
C SER A 58 -3.70 3.19 -1.29
N VAL A 59 -4.10 4.34 -0.73
CA VAL A 59 -4.10 4.53 0.71
C VAL A 59 -5.28 5.38 1.15
N SER A 60 -5.65 5.27 2.42
CA SER A 60 -6.77 6.03 2.97
C SER A 60 -6.28 7.26 3.73
N GLU A 61 -6.43 8.42 3.11
CA GLU A 61 -5.99 9.67 3.72
C GLU A 61 -6.74 10.86 3.12
N ASN A 62 -6.73 11.98 3.83
CA ASN A 62 -7.40 13.18 3.37
C ASN A 62 -8.88 12.92 3.09
N SER A 63 -9.45 11.96 3.83
CA SER A 63 -10.85 11.60 3.65
C SER A 63 -11.11 11.07 2.25
N ARG A 64 -10.06 10.52 1.63
CA ARG A 64 -10.16 9.97 0.29
C ARG A 64 -9.13 8.87 0.07
N VAL A 65 -9.07 8.36 -1.15
CA VAL A 65 -8.12 7.30 -1.50
C VAL A 65 -7.04 7.82 -2.44
N SER A 66 -5.82 7.90 -1.94
CA SER A 66 -4.69 8.37 -2.74
C SER A 66 -4.11 7.25 -3.59
N HIS A 67 -4.46 7.25 -4.87
CA HIS A 67 -3.98 6.23 -5.80
C HIS A 67 -2.58 6.57 -6.31
N TYR A 68 -1.57 5.95 -5.73
CA TYR A 68 -0.19 6.20 -6.12
C TYR A 68 0.29 5.14 -7.11
N ILE A 69 0.36 5.52 -8.38
CA ILE A 69 0.80 4.59 -9.42
C ILE A 69 2.30 4.30 -9.29
N ILE A 70 2.67 3.05 -9.53
CA ILE A 70 4.07 2.64 -9.45
C ILE A 70 4.62 2.26 -10.82
N ASN A 71 5.56 3.06 -11.31
CA ASN A 71 6.17 2.81 -12.61
C ASN A 71 7.18 1.67 -12.53
N SER A 72 7.07 0.72 -13.46
CA SER A 72 7.97 -0.42 -13.48
C SER A 72 9.28 -0.06 -14.17
N LEU A 73 10.39 -0.19 -13.45
CA LEU A 73 11.70 0.12 -13.99
C LEU A 73 12.32 -1.11 -14.63
N PRO A 74 13.16 -0.88 -15.66
CA PRO A 74 13.84 -1.96 -16.39
C PRO A 74 14.91 -2.64 -15.54
N ASN A 75 15.41 -1.93 -14.54
CA ASN A 75 16.44 -2.47 -13.66
C ASN A 75 15.81 -3.32 -12.56
N ARG A 76 14.84 -4.15 -12.93
CA ARG A 76 14.17 -5.02 -11.97
C ARG A 76 13.83 -4.25 -10.70
N ARG A 77 13.34 -3.03 -10.86
CA ARG A 77 12.98 -2.20 -9.72
C ARG A 77 11.69 -1.42 -10.00
N PHE A 78 11.08 -0.89 -8.93
CA PHE A 78 9.84 -0.13 -9.07
C PHE A 78 10.08 1.35 -8.72
N LYS A 79 9.26 2.22 -9.30
CA LYS A 79 9.37 3.65 -9.05
C LYS A 79 8.01 4.26 -8.74
N ILE A 80 7.77 4.53 -7.46
CA ILE A 80 6.50 5.11 -7.03
C ILE A 80 6.60 6.64 -6.93
N GLY A 81 6.05 7.32 -7.92
CA GLY A 81 6.09 8.77 -7.93
C GLY A 81 7.45 9.31 -8.34
N ASP A 82 8.16 9.88 -7.38
CA ASP A 82 9.48 10.45 -7.63
C ASP A 82 10.55 9.73 -6.81
N GLN A 83 10.26 8.48 -6.45
CA GLN A 83 11.19 7.67 -5.67
C GLN A 83 11.38 6.30 -6.28
N GLU A 84 12.35 5.55 -5.77
CA GLU A 84 12.63 4.21 -6.26
C GLU A 84 13.01 3.27 -5.13
N PHE A 85 12.65 2.00 -5.27
CA PHE A 85 12.94 1.00 -4.25
C PHE A 85 13.41 -0.30 -4.89
N ASP A 86 13.89 -1.22 -4.06
CA ASP A 86 14.38 -2.51 -4.55
C ASP A 86 13.22 -3.34 -5.11
N HIS A 87 12.04 -3.18 -4.52
CA HIS A 87 10.86 -3.91 -4.97
C HIS A 87 9.61 -3.42 -4.25
N LEU A 88 8.49 -4.08 -4.50
CA LEU A 88 7.23 -3.73 -3.87
C LEU A 88 7.34 -3.75 -2.35
N PRO A 89 7.67 -4.94 -1.82
CA PRO A 89 7.82 -5.14 -0.37
C PRO A 89 9.05 -4.43 0.19
N ALA A 90 9.66 -3.58 -0.63
CA ALA A 90 10.84 -2.84 -0.22
C ALA A 90 10.53 -1.35 -0.06
N LEU A 91 9.46 -0.90 -0.69
CA LEU A 91 9.06 0.50 -0.62
C LEU A 91 8.08 0.72 0.53
N LEU A 92 7.15 -0.22 0.69
CA LEU A 92 6.15 -0.13 1.75
C LEU A 92 6.81 -0.08 3.13
N GLU A 93 7.94 -0.77 3.25
CA GLU A 93 8.68 -0.80 4.51
C GLU A 93 9.40 0.52 4.75
N PHE A 94 9.70 1.23 3.67
CA PHE A 94 10.39 2.52 3.77
C PHE A 94 9.41 3.64 4.07
N TYR A 95 8.16 3.46 3.67
CA TYR A 95 7.12 4.46 3.90
C TYR A 95 6.63 4.40 5.34
N LYS A 96 6.81 3.26 5.98
CA LYS A 96 6.38 3.08 7.36
C LYS A 96 6.90 4.20 8.25
N ILE A 97 7.91 4.92 7.75
CA ILE A 97 8.49 6.04 8.50
C ILE A 97 8.32 7.35 7.76
N HIS A 98 8.36 7.28 6.42
CA HIS A 98 8.21 8.45 5.58
C HIS A 98 6.74 8.72 5.27
N TYR A 99 6.33 9.98 5.34
CA TYR A 99 4.96 10.35 5.06
C TYR A 99 4.77 10.71 3.58
N LEU A 100 3.96 9.91 2.89
CA LEU A 100 3.70 10.15 1.48
C LEU A 100 3.22 11.57 1.23
N ASP A 101 2.01 11.88 1.69
CA ASP A 101 1.44 13.20 1.53
C ASP A 101 1.25 13.89 2.88
N THR A 102 0.32 13.37 3.67
CA THR A 102 0.05 13.95 4.99
C THR A 102 0.03 12.86 6.06
N THR A 103 0.23 11.61 5.64
CA THR A 103 0.24 10.48 6.56
C THR A 103 1.16 9.37 6.06
N THR A 104 1.28 8.31 6.86
CA THR A 104 2.12 7.18 6.50
C THR A 104 1.30 5.90 6.38
N LEU A 105 1.99 4.80 6.06
CA LEU A 105 1.32 3.50 5.92
C LEU A 105 1.24 2.79 7.27
N ILE A 106 0.02 2.51 7.72
CA ILE A 106 -0.19 1.82 8.98
C ILE A 106 -0.33 0.32 8.78
N GLU A 107 -1.42 -0.08 8.14
CA GLU A 107 -1.68 -1.49 7.87
C GLU A 107 -2.48 -1.67 6.58
N PRO A 108 -2.18 -2.76 5.86
CA PRO A 108 -2.85 -3.07 4.59
C PRO A 108 -4.30 -3.48 4.79
N ALA A 109 -5.18 -2.99 3.92
CA ALA A 109 -6.59 -3.30 3.99
C ALA A 109 -6.83 -4.81 3.95
N PRO A 110 -7.99 -5.25 4.47
CA PRO A 110 -8.35 -6.67 4.49
C PRO A 110 -8.67 -7.21 3.10
N ARG A 111 -8.35 -8.49 2.88
CA ARG A 111 -8.59 -9.12 1.60
C ARG A 111 -10.07 -9.43 1.40
N GLY A 1 -6.61 -18.20 32.87
CA GLY A 1 -6.21 -17.64 31.59
C GLY A 1 -5.38 -16.38 31.73
N SER A 2 -4.17 -16.41 31.19
CA SER A 2 -3.27 -15.25 31.26
C SER A 2 -3.21 -14.53 29.93
N SER A 3 -2.72 -13.29 29.95
CA SER A 3 -2.61 -12.49 28.74
C SER A 3 -1.19 -11.99 28.54
N GLY A 4 -0.94 -11.39 27.39
CA GLY A 4 0.39 -10.88 27.10
C GLY A 4 0.49 -10.26 25.71
N SER A 5 0.25 -8.95 25.64
CA SER A 5 0.29 -8.24 24.37
C SER A 5 1.11 -6.96 24.50
N SER A 6 1.76 -6.56 23.41
CA SER A 6 2.57 -5.34 23.40
C SER A 6 2.68 -4.77 21.99
N GLY A 7 2.77 -3.45 21.90
CA GLY A 7 2.88 -2.80 20.61
C GLY A 7 3.63 -1.48 20.69
N MET A 8 4.74 -1.40 19.95
CA MET A 8 5.55 -0.19 19.94
C MET A 8 5.40 0.56 18.61
N SER A 9 5.74 -0.12 17.52
CA SER A 9 5.65 0.48 16.20
C SER A 9 4.23 0.36 15.64
N SER A 10 3.64 1.49 15.30
CA SER A 10 2.28 1.52 14.77
C SER A 10 2.17 0.62 13.54
N ALA A 11 3.04 0.85 12.56
CA ALA A 11 3.04 0.06 11.34
C ALA A 11 3.61 -1.33 11.57
N ARG A 12 2.72 -2.31 11.74
CA ARG A 12 3.15 -3.69 11.97
C ARG A 12 2.46 -4.65 11.00
N PHE A 13 3.11 -4.87 9.86
CA PHE A 13 2.56 -5.76 8.85
C PHE A 13 3.67 -6.33 7.96
N ASP A 14 3.48 -7.55 7.47
CA ASP A 14 4.45 -8.21 6.63
C ASP A 14 4.35 -7.70 5.18
N SER A 15 5.21 -6.75 4.84
CA SER A 15 5.21 -6.18 3.50
C SER A 15 5.51 -7.24 2.44
N SER A 16 6.08 -8.37 2.90
CA SER A 16 6.43 -9.46 2.01
C SER A 16 5.18 -10.28 1.64
N ASP A 17 4.27 -10.41 2.60
CA ASP A 17 3.04 -11.16 2.37
C ASP A 17 2.13 -10.43 1.40
N ARG A 18 2.21 -10.82 0.12
CA ARG A 18 1.39 -10.20 -0.92
C ARG A 18 -0.09 -10.46 -0.66
N SER A 19 -0.40 -11.66 -0.18
CA SER A 19 -1.78 -12.03 0.09
C SER A 19 -2.34 -11.23 1.26
N ALA A 20 -1.50 -10.39 1.86
CA ALA A 20 -1.91 -9.56 2.98
C ALA A 20 -2.12 -8.11 2.54
N TRP A 21 -1.41 -7.70 1.50
CA TRP A 21 -1.53 -6.34 0.99
C TRP A 21 -1.80 -6.34 -0.52
N TYR A 22 -1.06 -7.18 -1.23
CA TYR A 22 -1.20 -7.28 -2.68
C TYR A 22 -2.60 -7.77 -3.05
N MET A 23 -3.45 -6.83 -3.48
CA MET A 23 -4.81 -7.16 -3.87
C MET A 23 -4.86 -7.71 -5.29
N GLY A 24 -3.73 -7.62 -6.00
CA GLY A 24 -3.67 -8.11 -7.36
C GLY A 24 -5.00 -8.05 -8.06
N PRO A 25 -5.77 -9.15 -7.99
CA PRO A 25 -7.09 -9.24 -8.62
C PRO A 25 -8.13 -8.35 -7.93
N VAL A 26 -8.08 -7.05 -8.23
CA VAL A 26 -9.01 -6.11 -7.64
C VAL A 26 -9.28 -4.94 -8.60
N SER A 27 -10.51 -4.43 -8.56
CA SER A 27 -10.90 -3.32 -9.42
C SER A 27 -10.82 -2.00 -8.66
N ARG A 28 -10.45 -0.94 -9.38
CA ARG A 28 -10.33 0.38 -8.79
C ARG A 28 -11.56 0.71 -7.94
N GLN A 29 -12.74 0.56 -8.53
CA GLN A 29 -13.99 0.84 -7.83
C GLN A 29 -14.00 0.17 -6.46
N GLU A 30 -13.36 -0.99 -6.37
CA GLU A 30 -13.30 -1.73 -5.11
C GLU A 30 -12.31 -1.08 -4.15
N ALA A 31 -11.02 -1.17 -4.49
CA ALA A 31 -9.98 -0.59 -3.66
C ALA A 31 -10.43 0.72 -3.02
N GLN A 32 -11.33 1.41 -3.72
CA GLN A 32 -11.84 2.69 -3.23
C GLN A 32 -12.77 2.48 -2.03
N THR A 33 -13.77 1.62 -2.21
CA THR A 33 -14.73 1.33 -1.16
C THR A 33 -14.04 0.71 0.06
N ARG A 34 -12.86 0.14 -0.17
CA ARG A 34 -12.11 -0.49 0.91
C ARG A 34 -11.37 0.55 1.74
N LEU A 35 -10.93 1.62 1.09
CA LEU A 35 -10.22 2.70 1.77
C LEU A 35 -11.07 3.96 1.85
N GLN A 36 -12.31 3.86 1.38
CA GLN A 36 -13.23 4.99 1.39
C GLN A 36 -13.85 5.17 2.78
N GLY A 37 -13.41 6.19 3.49
CA GLY A 37 -13.94 6.45 4.83
C GLY A 37 -13.21 5.67 5.90
N GLN A 38 -12.10 5.04 5.52
CA GLN A 38 -11.31 4.25 6.46
C GLN A 38 -10.30 5.15 7.19
N ARG A 39 -9.78 4.64 8.31
CA ARG A 39 -8.81 5.38 9.10
C ARG A 39 -7.59 5.75 8.26
N HIS A 40 -6.97 6.88 8.59
CA HIS A 40 -5.78 7.34 7.88
C HIS A 40 -4.60 6.43 8.12
N GLY A 41 -4.10 5.80 7.06
CA GLY A 41 -2.98 4.89 7.19
C GLY A 41 -3.14 3.64 6.35
N MET A 42 -4.38 3.25 6.10
CA MET A 42 -4.67 2.06 5.32
C MET A 42 -4.05 2.17 3.93
N PHE A 43 -3.77 1.02 3.33
CA PHE A 43 -3.17 0.98 2.00
C PHE A 43 -3.37 -0.39 1.35
N LEU A 44 -3.04 -0.48 0.07
CA LEU A 44 -3.18 -1.73 -0.68
C LEU A 44 -2.60 -1.60 -2.09
N VAL A 45 -2.04 -2.70 -2.59
CA VAL A 45 -1.44 -2.70 -3.92
C VAL A 45 -2.19 -3.66 -4.84
N ARG A 46 -2.85 -3.10 -5.86
CA ARG A 46 -3.60 -3.90 -6.81
C ARG A 46 -2.99 -3.81 -8.20
N ASP A 47 -3.52 -4.59 -9.13
CA ASP A 47 -3.03 -4.60 -10.50
C ASP A 47 -3.51 -3.36 -11.26
N SER A 48 -2.55 -2.56 -11.73
CA SER A 48 -2.87 -1.34 -12.46
C SER A 48 -3.85 -1.64 -13.59
N SER A 49 -4.72 -0.67 -13.87
CA SER A 49 -5.72 -0.83 -14.94
C SER A 49 -5.40 0.08 -16.12
N THR A 50 -5.16 1.36 -15.83
CA THR A 50 -4.85 2.33 -16.87
C THR A 50 -3.46 2.06 -17.46
N CYS A 51 -2.77 1.08 -16.91
CA CYS A 51 -1.43 0.73 -17.38
C CYS A 51 -1.19 -0.78 -17.26
N PRO A 52 -0.77 -1.40 -18.37
CA PRO A 52 -0.48 -2.83 -18.41
C PRO A 52 0.76 -3.21 -17.61
N GLY A 53 0.57 -4.02 -16.57
CA GLY A 53 1.69 -4.44 -15.75
C GLY A 53 1.87 -3.56 -14.52
N ASP A 54 1.93 -2.25 -14.75
CA ASP A 54 2.09 -1.29 -13.65
C ASP A 54 1.20 -1.66 -12.47
N TYR A 55 1.46 -1.05 -11.32
CA TYR A 55 0.68 -1.32 -10.12
C TYR A 55 0.07 -0.02 -9.58
N VAL A 56 -0.86 -0.17 -8.64
CA VAL A 56 -1.52 0.98 -8.03
C VAL A 56 -1.65 0.81 -6.52
N LEU A 57 -0.95 1.64 -5.77
CA LEU A 57 -0.99 1.59 -4.31
C LEU A 57 -2.05 2.53 -3.76
N SER A 58 -3.24 2.00 -3.52
CA SER A 58 -4.34 2.81 -2.99
C SER A 58 -4.17 3.04 -1.49
N VAL A 59 -4.00 4.30 -1.11
CA VAL A 59 -3.82 4.66 0.29
C VAL A 59 -4.98 5.54 0.78
N SER A 60 -5.26 5.45 2.07
CA SER A 60 -6.35 6.22 2.67
C SER A 60 -5.81 7.49 3.32
N GLU A 61 -6.26 8.64 2.83
CA GLU A 61 -5.83 9.93 3.36
C GLU A 61 -6.72 11.06 2.86
N ASN A 62 -6.98 12.03 3.72
CA ASN A 62 -7.82 13.17 3.38
C ASN A 62 -9.22 12.70 2.96
N SER A 63 -9.83 11.87 3.81
CA SER A 63 -11.16 11.36 3.53
C SER A 63 -11.30 10.95 2.07
N ARG A 64 -10.20 10.49 1.49
CA ARG A 64 -10.19 10.07 0.09
C ARG A 64 -9.22 8.92 -0.13
N VAL A 65 -9.17 8.40 -1.35
CA VAL A 65 -8.29 7.29 -1.69
C VAL A 65 -7.09 7.78 -2.48
N SER A 66 -5.97 7.98 -1.79
CA SER A 66 -4.74 8.44 -2.43
C SER A 66 -4.10 7.33 -3.25
N HIS A 67 -4.47 7.25 -4.52
CA HIS A 67 -3.93 6.24 -5.43
C HIS A 67 -2.50 6.59 -5.83
N TYR A 68 -1.55 5.83 -5.30
CA TYR A 68 -0.13 6.05 -5.62
C TYR A 68 0.36 5.06 -6.67
N ILE A 69 0.33 5.48 -7.92
CA ILE A 69 0.77 4.64 -9.02
C ILE A 69 2.25 4.26 -8.87
N ILE A 70 2.59 3.04 -9.26
CA ILE A 70 3.96 2.56 -9.18
C ILE A 70 4.56 2.32 -10.56
N ASN A 71 5.63 3.04 -10.86
CA ASN A 71 6.31 2.90 -12.15
C ASN A 71 7.24 1.71 -12.16
N SER A 72 7.01 0.79 -13.09
CA SER A 72 7.84 -0.41 -13.20
C SER A 72 9.12 -0.12 -13.96
N LEU A 73 10.24 -0.08 -13.24
CA LEU A 73 11.53 0.20 -13.84
C LEU A 73 12.10 -1.06 -14.51
N PRO A 74 12.79 -0.86 -15.64
CA PRO A 74 13.39 -1.97 -16.41
C PRO A 74 14.57 -2.59 -15.68
N ASN A 75 15.06 -1.90 -14.64
CA ASN A 75 16.18 -2.39 -13.86
C ASN A 75 15.72 -3.35 -12.77
N ARG A 76 14.61 -4.03 -13.03
CA ARG A 76 14.06 -4.97 -12.05
C ARG A 76 13.72 -4.28 -10.74
N ARG A 77 13.23 -3.05 -10.84
CA ARG A 77 12.86 -2.27 -9.66
C ARG A 77 11.62 -1.43 -9.92
N PHE A 78 11.05 -0.90 -8.85
CA PHE A 78 9.84 -0.07 -8.96
C PHE A 78 10.14 1.38 -8.59
N LYS A 79 9.20 2.26 -8.91
CA LYS A 79 9.36 3.69 -8.60
C LYS A 79 8.01 4.34 -8.34
N ILE A 80 7.73 4.62 -7.07
CA ILE A 80 6.46 5.24 -6.69
C ILE A 80 6.60 6.76 -6.67
N GLY A 81 6.03 7.41 -7.69
CA GLY A 81 6.09 8.87 -7.76
C GLY A 81 7.44 9.36 -8.24
N ASP A 82 8.23 9.90 -7.32
CA ASP A 82 9.54 10.43 -7.65
C ASP A 82 10.63 9.69 -6.87
N GLN A 83 10.27 8.54 -6.31
CA GLN A 83 11.21 7.73 -5.54
C GLN A 83 11.35 6.34 -6.14
N GLU A 84 12.47 5.68 -5.85
CA GLU A 84 12.72 4.34 -6.36
C GLU A 84 13.07 3.38 -5.22
N PHE A 85 12.71 2.11 -5.40
CA PHE A 85 12.99 1.09 -4.39
C PHE A 85 13.46 -0.21 -5.03
N ASP A 86 13.89 -1.15 -4.21
CA ASP A 86 14.36 -2.44 -4.70
C ASP A 86 13.20 -3.29 -5.21
N HIS A 87 12.04 -3.10 -4.62
CA HIS A 87 10.85 -3.84 -5.02
C HIS A 87 9.61 -3.36 -4.25
N LEU A 88 8.49 -4.04 -4.46
CA LEU A 88 7.25 -3.67 -3.79
C LEU A 88 7.42 -3.67 -2.28
N PRO A 89 7.78 -4.84 -1.73
CA PRO A 89 7.99 -5.01 -0.29
C PRO A 89 9.23 -4.27 0.21
N ALA A 90 9.80 -3.44 -0.64
CA ALA A 90 10.99 -2.67 -0.30
C ALA A 90 10.67 -1.19 -0.17
N LEU A 91 9.55 -0.77 -0.74
CA LEU A 91 9.13 0.63 -0.69
C LEU A 91 8.17 0.85 0.48
N LEU A 92 7.26 -0.08 0.69
CA LEU A 92 6.29 0.02 1.77
C LEU A 92 6.99 0.05 3.13
N GLU A 93 7.97 -0.84 3.30
CA GLU A 93 8.72 -0.91 4.55
C GLU A 93 9.47 0.39 4.82
N PHE A 94 9.81 1.09 3.75
CA PHE A 94 10.52 2.36 3.87
C PHE A 94 9.57 3.50 4.21
N TYR A 95 8.35 3.42 3.68
CA TYR A 95 7.35 4.45 3.93
C TYR A 95 6.73 4.28 5.31
N LYS A 96 7.06 3.18 5.96
CA LYS A 96 6.53 2.89 7.30
C LYS A 96 6.92 4.00 8.27
N ILE A 97 7.97 4.74 7.93
CA ILE A 97 8.43 5.83 8.78
C ILE A 97 8.22 7.18 8.11
N HIS A 98 8.39 7.22 6.79
CA HIS A 98 8.21 8.44 6.02
C HIS A 98 6.76 8.59 5.56
N TYR A 99 6.20 9.77 5.78
CA TYR A 99 4.82 10.05 5.38
C TYR A 99 4.74 10.40 3.90
N LEU A 100 4.07 9.55 3.13
CA LEU A 100 3.92 9.78 1.70
C LEU A 100 3.50 11.21 1.42
N ASP A 101 2.26 11.54 1.77
CA ASP A 101 1.73 12.88 1.55
C ASP A 101 1.53 13.61 2.88
N THR A 102 0.62 13.08 3.71
CA THR A 102 0.32 13.68 5.00
C THR A 102 0.26 12.61 6.09
N THR A 103 0.48 11.36 5.70
CA THR A 103 0.44 10.25 6.64
C THR A 103 1.35 9.12 6.19
N THR A 104 1.53 8.12 7.06
CA THR A 104 2.38 6.98 6.74
C THR A 104 1.54 5.73 6.50
N LEU A 105 2.20 4.63 6.20
CA LEU A 105 1.52 3.36 5.94
C LEU A 105 1.40 2.54 7.22
N ILE A 106 0.19 2.47 7.77
CA ILE A 106 -0.07 1.72 8.99
C ILE A 106 -0.17 0.23 8.70
N GLU A 107 -1.23 -0.16 7.98
CA GLU A 107 -1.46 -1.55 7.64
C GLU A 107 -2.31 -1.67 6.39
N PRO A 108 -2.12 -2.77 5.64
CA PRO A 108 -2.87 -3.03 4.41
C PRO A 108 -4.34 -3.35 4.67
N ALA A 109 -5.20 -2.88 3.78
CA ALA A 109 -6.64 -3.12 3.92
C ALA A 109 -6.96 -4.61 3.80
N PRO A 110 -8.04 -5.03 4.49
CA PRO A 110 -8.48 -6.43 4.48
C PRO A 110 -9.05 -6.85 3.12
N ARG A 111 -8.86 -8.12 2.78
CA ARG A 111 -9.36 -8.63 1.51
C ARG A 111 -10.88 -8.77 1.53
N GLY A 1 -2.44 -19.35 13.26
CA GLY A 1 -3.46 -18.45 13.78
C GLY A 1 -2.88 -17.24 14.47
N SER A 2 -3.69 -16.19 14.62
CA SER A 2 -3.23 -14.97 15.27
C SER A 2 -4.41 -14.04 15.55
N SER A 3 -4.40 -13.42 16.72
CA SER A 3 -5.47 -12.50 17.12
C SER A 3 -4.90 -11.26 17.80
N GLY A 4 -5.68 -10.19 17.81
CA GLY A 4 -5.24 -8.95 18.43
C GLY A 4 -5.13 -7.82 17.44
N SER A 5 -6.22 -7.09 17.24
CA SER A 5 -6.23 -5.97 16.30
C SER A 5 -5.05 -5.04 16.56
N SER A 6 -4.80 -4.15 15.60
CA SER A 6 -3.69 -3.21 15.72
C SER A 6 -4.18 -1.86 16.23
N GLY A 7 -5.06 -1.22 15.47
CA GLY A 7 -5.59 0.07 15.86
C GLY A 7 -4.55 0.94 16.53
N MET A 8 -4.65 1.09 17.86
CA MET A 8 -3.71 1.90 18.61
C MET A 8 -2.27 1.64 18.16
N SER A 9 -1.92 0.36 18.05
CA SER A 9 -0.58 -0.03 17.63
C SER A 9 -0.16 0.73 16.39
N SER A 10 1.14 0.71 16.10
CA SER A 10 1.67 1.40 14.93
C SER A 10 1.80 0.45 13.74
N ALA A 11 2.30 0.96 12.62
CA ALA A 11 2.47 0.16 11.42
C ALA A 11 3.00 -1.23 11.76
N ARG A 12 2.10 -2.21 11.82
CA ARG A 12 2.48 -3.58 12.12
C ARG A 12 1.88 -4.55 11.13
N PHE A 13 2.65 -4.89 10.08
CA PHE A 13 2.17 -5.81 9.06
C PHE A 13 3.35 -6.46 8.34
N ASP A 14 3.05 -7.27 7.33
CA ASP A 14 4.08 -7.95 6.56
C ASP A 14 4.11 -7.44 5.13
N SER A 15 4.90 -6.40 4.90
CA SER A 15 5.02 -5.80 3.56
C SER A 15 5.45 -6.86 2.54
N SER A 16 6.12 -7.90 3.02
CA SER A 16 6.60 -8.97 2.16
C SER A 16 5.45 -9.87 1.71
N ASP A 17 4.52 -10.12 2.64
CA ASP A 17 3.37 -10.96 2.35
C ASP A 17 2.37 -10.24 1.45
N ARG A 18 2.25 -10.70 0.21
CA ARG A 18 1.34 -10.08 -0.75
C ARG A 18 -0.11 -10.37 -0.37
N SER A 19 -0.35 -11.57 0.15
CA SER A 19 -1.69 -11.98 0.55
C SER A 19 -2.19 -11.14 1.72
N ALA A 20 -1.32 -10.26 2.22
CA ALA A 20 -1.67 -9.39 3.35
C ALA A 20 -2.00 -7.99 2.87
N TRP A 21 -1.40 -7.59 1.75
CA TRP A 21 -1.63 -6.26 1.19
C TRP A 21 -2.00 -6.35 -0.29
N TYR A 22 -1.25 -7.17 -1.03
CA TYR A 22 -1.50 -7.34 -2.45
C TYR A 22 -2.96 -7.73 -2.72
N MET A 23 -3.65 -6.92 -3.51
CA MET A 23 -5.04 -7.18 -3.84
C MET A 23 -5.17 -7.75 -5.24
N GLY A 24 -4.05 -7.84 -5.95
CA GLY A 24 -4.06 -8.37 -7.30
C GLY A 24 -5.38 -8.13 -8.01
N PRO A 25 -6.30 -9.10 -7.90
CA PRO A 25 -7.62 -9.01 -8.52
C PRO A 25 -8.51 -7.96 -7.87
N VAL A 26 -8.28 -6.70 -8.21
CA VAL A 26 -9.05 -5.59 -7.65
C VAL A 26 -9.02 -4.37 -8.56
N SER A 27 -10.17 -3.75 -8.76
CA SER A 27 -10.27 -2.58 -9.61
C SER A 27 -10.24 -1.30 -8.78
N ARG A 28 -10.21 -0.16 -9.46
CA ARG A 28 -10.18 1.14 -8.79
C ARG A 28 -11.44 1.35 -7.95
N GLN A 29 -12.59 1.07 -8.56
CA GLN A 29 -13.86 1.24 -7.87
C GLN A 29 -13.89 0.44 -6.57
N GLU A 30 -13.26 -0.73 -6.59
CA GLU A 30 -13.21 -1.58 -5.41
C GLU A 30 -12.24 -1.04 -4.38
N ALA A 31 -10.95 -1.03 -4.74
CA ALA A 31 -9.92 -0.53 -3.85
C ALA A 31 -10.38 0.71 -3.10
N GLN A 32 -11.27 1.48 -3.72
CA GLN A 32 -11.80 2.69 -3.12
C GLN A 32 -12.74 2.36 -1.96
N THR A 33 -13.69 1.47 -2.22
CA THR A 33 -14.65 1.06 -1.21
C THR A 33 -13.95 0.46 0.01
N ARG A 34 -12.75 -0.06 -0.20
CA ARG A 34 -11.99 -0.67 0.87
C ARG A 34 -11.26 0.40 1.69
N LEU A 35 -10.85 1.47 1.03
CA LEU A 35 -10.14 2.56 1.69
C LEU A 35 -11.03 3.80 1.79
N GLN A 36 -12.31 3.64 1.45
CA GLN A 36 -13.26 4.74 1.51
C GLN A 36 -13.90 4.84 2.89
N GLY A 37 -13.49 5.85 3.66
CA GLY A 37 -14.03 6.04 4.99
C GLY A 37 -13.21 5.32 6.05
N GLN A 38 -12.29 4.48 5.61
CA GLN A 38 -11.44 3.73 6.54
C GLN A 38 -10.48 4.65 7.27
N ARG A 39 -9.92 4.17 8.37
CA ARG A 39 -8.98 4.96 9.16
C ARG A 39 -7.76 5.33 8.34
N HIS A 40 -7.22 6.53 8.60
CA HIS A 40 -6.04 7.00 7.88
C HIS A 40 -4.87 6.04 8.06
N GLY A 41 -4.14 5.82 6.97
CA GLY A 41 -3.00 4.92 7.02
C GLY A 41 -3.17 3.71 6.14
N MET A 42 -4.34 3.07 6.24
CA MET A 42 -4.64 1.89 5.43
C MET A 42 -4.04 2.01 4.03
N PHE A 43 -3.74 0.88 3.42
CA PHE A 43 -3.16 0.87 2.07
C PHE A 43 -3.42 -0.47 1.38
N LEU A 44 -3.15 -0.52 0.09
CA LEU A 44 -3.36 -1.74 -0.69
C LEU A 44 -2.74 -1.61 -2.08
N VAL A 45 -2.17 -2.70 -2.58
CA VAL A 45 -1.56 -2.71 -3.90
C VAL A 45 -2.27 -3.68 -4.83
N ARG A 46 -3.00 -3.14 -5.80
CA ARG A 46 -3.72 -3.97 -6.76
C ARG A 46 -3.10 -3.86 -8.15
N ASP A 47 -3.46 -4.80 -9.02
CA ASP A 47 -2.94 -4.81 -10.38
C ASP A 47 -3.46 -3.61 -11.17
N SER A 48 -2.55 -2.76 -11.61
CA SER A 48 -2.92 -1.58 -12.38
C SER A 48 -3.84 -1.94 -13.54
N SER A 49 -4.58 -0.95 -14.04
CA SER A 49 -5.50 -1.17 -15.15
C SER A 49 -5.00 -0.47 -16.41
N THR A 50 -4.48 0.74 -16.25
CA THR A 50 -3.98 1.51 -17.38
C THR A 50 -3.15 0.64 -18.31
N CYS A 51 -2.41 -0.30 -17.74
CA CYS A 51 -1.58 -1.20 -18.53
C CYS A 51 -1.12 -2.39 -17.70
N PRO A 52 -0.98 -3.55 -18.35
CA PRO A 52 -0.53 -4.79 -17.69
C PRO A 52 0.92 -4.73 -17.25
N GLY A 53 1.15 -4.86 -15.95
CA GLY A 53 2.51 -4.82 -15.43
C GLY A 53 2.67 -3.80 -14.32
N ASP A 54 2.28 -2.55 -14.59
CA ASP A 54 2.39 -1.49 -13.61
C ASP A 54 1.47 -1.76 -12.41
N TYR A 55 1.81 -1.15 -11.28
CA TYR A 55 1.01 -1.33 -10.06
C TYR A 55 0.45 0.01 -9.58
N VAL A 56 -0.43 -0.05 -8.58
CA VAL A 56 -1.04 1.15 -8.04
C VAL A 56 -1.28 1.00 -6.54
N LEU A 57 -0.53 1.76 -5.75
CA LEU A 57 -0.66 1.72 -4.30
C LEU A 57 -1.65 2.77 -3.81
N SER A 58 -2.77 2.32 -3.27
CA SER A 58 -3.80 3.22 -2.77
C SER A 58 -3.84 3.20 -1.25
N VAL A 59 -4.04 4.38 -0.66
CA VAL A 59 -4.10 4.51 0.80
C VAL A 59 -5.24 5.42 1.23
N SER A 60 -5.61 5.35 2.51
CA SER A 60 -6.68 6.16 3.04
C SER A 60 -6.14 7.46 3.63
N GLU A 61 -6.21 8.54 2.85
CA GLU A 61 -5.73 9.84 3.29
C GLU A 61 -6.54 10.96 2.66
N ASN A 62 -6.61 12.10 3.35
CA ASN A 62 -7.36 13.25 2.86
C ASN A 62 -8.82 12.88 2.62
N SER A 63 -9.46 12.32 3.63
CA SER A 63 -10.86 11.91 3.53
C SER A 63 -11.13 11.26 2.18
N ARG A 64 -10.11 10.61 1.62
CA ARG A 64 -10.25 9.94 0.34
C ARG A 64 -9.17 8.88 0.16
N VAL A 65 -9.14 8.26 -1.02
CA VAL A 65 -8.15 7.22 -1.31
C VAL A 65 -7.07 7.75 -2.24
N SER A 66 -5.88 8.00 -1.69
CA SER A 66 -4.76 8.50 -2.47
C SER A 66 -4.18 7.40 -3.36
N HIS A 67 -4.56 7.42 -4.64
CA HIS A 67 -4.08 6.43 -5.59
C HIS A 67 -2.67 6.79 -6.09
N TYR A 68 -1.68 6.07 -5.58
CA TYR A 68 -0.29 6.31 -5.96
C TYR A 68 0.19 5.27 -6.97
N ILE A 69 0.37 5.69 -8.21
CA ILE A 69 0.83 4.78 -9.25
C ILE A 69 2.31 4.47 -9.11
N ILE A 70 2.69 3.24 -9.45
CA ILE A 70 4.09 2.81 -9.35
C ILE A 70 4.66 2.48 -10.71
N ASN A 71 5.61 3.29 -11.16
CA ASN A 71 6.24 3.07 -12.47
C ASN A 71 7.21 1.90 -12.42
N SER A 72 7.12 1.01 -13.40
CA SER A 72 7.99 -0.16 -13.46
C SER A 72 9.25 0.14 -14.27
N LEU A 73 10.40 0.01 -13.63
CA LEU A 73 11.68 0.27 -14.29
C LEU A 73 12.23 -1.00 -14.91
N PRO A 74 13.03 -0.83 -15.98
CA PRO A 74 13.64 -1.96 -16.70
C PRO A 74 14.73 -2.64 -15.88
N ASN A 75 15.27 -1.91 -14.91
CA ASN A 75 16.33 -2.45 -14.06
C ASN A 75 15.74 -3.24 -12.90
N ARG A 76 14.75 -4.07 -13.20
CA ARG A 76 14.10 -4.89 -12.18
C ARG A 76 13.86 -4.09 -10.90
N ARG A 77 13.35 -2.86 -11.07
CA ARG A 77 13.08 -1.99 -9.94
C ARG A 77 11.84 -1.15 -10.19
N PHE A 78 11.15 -0.78 -9.11
CA PHE A 78 9.94 0.02 -9.22
C PHE A 78 10.22 1.49 -8.87
N LYS A 79 9.29 2.37 -9.19
CA LYS A 79 9.44 3.78 -8.91
C LYS A 79 8.09 4.42 -8.58
N ILE A 80 7.91 4.78 -7.31
CA ILE A 80 6.67 5.40 -6.86
C ILE A 80 6.80 6.91 -6.79
N GLY A 81 6.31 7.59 -7.83
CA GLY A 81 6.38 9.04 -7.85
C GLY A 81 7.75 9.54 -8.28
N ASP A 82 8.53 10.01 -7.31
CA ASP A 82 9.86 10.52 -7.58
C ASP A 82 10.91 9.73 -6.81
N GLN A 83 10.56 8.51 -6.42
CA GLN A 83 11.48 7.66 -5.68
C GLN A 83 11.51 6.25 -6.28
N GLU A 84 12.49 5.46 -5.86
CA GLU A 84 12.65 4.10 -6.36
C GLU A 84 13.01 3.14 -5.23
N PHE A 85 12.75 1.86 -5.45
CA PHE A 85 13.04 0.83 -4.45
C PHE A 85 13.45 -0.48 -5.11
N ASP A 86 13.94 -1.41 -4.31
CA ASP A 86 14.36 -2.71 -4.82
C ASP A 86 13.17 -3.51 -5.33
N HIS A 87 12.03 -3.36 -4.67
CA HIS A 87 10.81 -4.07 -5.07
C HIS A 87 9.59 -3.50 -4.34
N LEU A 88 8.44 -4.12 -4.56
CA LEU A 88 7.20 -3.69 -3.92
C LEU A 88 7.33 -3.72 -2.40
N PRO A 89 7.61 -4.91 -1.85
CA PRO A 89 7.77 -5.09 -0.41
C PRO A 89 9.04 -4.44 0.13
N ALA A 90 9.65 -3.60 -0.69
CA ALA A 90 10.88 -2.91 -0.30
C ALA A 90 10.63 -1.42 -0.11
N LEU A 91 9.59 -0.91 -0.78
CA LEU A 91 9.25 0.50 -0.69
C LEU A 91 8.29 0.75 0.47
N LEU A 92 7.33 -0.14 0.65
CA LEU A 92 6.35 -0.01 1.73
C LEU A 92 7.04 0.07 3.09
N GLU A 93 8.09 -0.73 3.26
CA GLU A 93 8.84 -0.76 4.51
C GLU A 93 9.56 0.57 4.72
N PHE A 94 9.89 1.25 3.63
CA PHE A 94 10.59 2.52 3.70
C PHE A 94 9.61 3.67 4.00
N TYR A 95 8.33 3.41 3.75
CA TYR A 95 7.30 4.42 3.99
C TYR A 95 6.72 4.27 5.39
N LYS A 96 6.83 3.07 5.95
CA LYS A 96 6.33 2.81 7.29
C LYS A 96 6.78 3.89 8.28
N ILE A 97 7.83 4.61 7.91
CA ILE A 97 8.35 5.67 8.76
C ILE A 97 8.19 7.04 8.10
N HIS A 98 8.24 7.05 6.76
CA HIS A 98 8.09 8.28 6.01
C HIS A 98 6.63 8.57 5.71
N TYR A 99 6.28 9.85 5.60
CA TYR A 99 4.91 10.25 5.32
C TYR A 99 4.74 10.59 3.84
N LEU A 100 3.95 9.79 3.14
CA LEU A 100 3.70 10.01 1.72
C LEU A 100 3.18 11.43 1.47
N ASP A 101 1.99 11.73 1.99
CA ASP A 101 1.39 13.04 1.82
C ASP A 101 1.17 13.71 3.17
N THR A 102 0.30 13.11 3.99
CA THR A 102 0.00 13.65 5.31
C THR A 102 0.00 12.54 6.36
N THR A 103 0.26 11.32 5.93
CA THR A 103 0.31 10.17 6.84
C THR A 103 1.27 9.10 6.33
N THR A 104 1.39 8.02 7.09
CA THR A 104 2.28 6.92 6.73
C THR A 104 1.50 5.65 6.47
N LEU A 105 2.22 4.56 6.23
CA LEU A 105 1.59 3.26 5.96
C LEU A 105 1.52 2.43 7.24
N ILE A 106 0.33 2.34 7.81
CA ILE A 106 0.13 1.57 9.04
C ILE A 106 -0.03 0.08 8.72
N GLU A 107 -1.18 -0.27 8.15
CA GLU A 107 -1.46 -1.66 7.80
C GLU A 107 -2.38 -1.75 6.59
N PRO A 108 -2.19 -2.79 5.77
CA PRO A 108 -3.00 -3.00 4.57
C PRO A 108 -4.44 -3.40 4.89
N ALA A 109 -5.35 -3.07 3.98
CA ALA A 109 -6.76 -3.40 4.17
C ALA A 109 -6.98 -4.91 4.20
N PRO A 110 -7.99 -5.34 4.95
CA PRO A 110 -8.33 -6.77 5.08
C PRO A 110 -8.91 -7.33 3.79
N ARG A 111 -8.65 -8.62 3.55
CA ARG A 111 -9.13 -9.29 2.34
C ARG A 111 -10.61 -9.64 2.49
N GLY A 1 0.57 -24.12 23.49
CA GLY A 1 1.14 -23.06 24.29
C GLY A 1 0.55 -21.71 23.95
N SER A 2 1.34 -20.65 24.15
CA SER A 2 0.89 -19.30 23.88
C SER A 2 2.08 -18.38 23.58
N SER A 3 1.80 -17.23 22.98
CA SER A 3 2.84 -16.27 22.65
C SER A 3 2.41 -14.85 23.00
N GLY A 4 3.37 -13.93 22.99
CA GLY A 4 3.06 -12.54 23.31
C GLY A 4 3.73 -11.56 22.35
N SER A 5 2.96 -11.05 21.41
CA SER A 5 3.48 -10.10 20.42
C SER A 5 3.17 -8.67 20.84
N SER A 6 4.23 -7.90 21.09
CA SER A 6 4.08 -6.51 21.50
C SER A 6 3.85 -5.60 20.29
N GLY A 7 3.30 -4.43 20.53
CA GLY A 7 3.03 -3.49 19.45
C GLY A 7 3.68 -2.14 19.68
N MET A 8 5.00 -2.10 19.57
CA MET A 8 5.75 -0.86 19.77
C MET A 8 5.35 0.19 18.73
N SER A 9 5.61 -0.11 17.46
CA SER A 9 5.28 0.81 16.38
C SER A 9 3.96 0.42 15.72
N SER A 10 3.08 1.40 15.55
CA SER A 10 1.78 1.16 14.94
C SER A 10 1.91 0.37 13.65
N ALA A 11 2.78 0.85 12.77
CA ALA A 11 3.01 0.18 11.49
C ALA A 11 3.62 -1.20 11.70
N ARG A 12 2.75 -2.21 11.82
CA ARG A 12 3.20 -3.58 12.03
C ARG A 12 2.54 -4.52 11.03
N PHE A 13 3.22 -4.76 9.91
CA PHE A 13 2.69 -5.64 8.86
C PHE A 13 3.83 -6.18 8.00
N ASP A 14 3.67 -7.42 7.54
CA ASP A 14 4.67 -8.06 6.70
C ASP A 14 4.60 -7.53 5.27
N SER A 15 5.56 -6.69 4.90
CA SER A 15 5.60 -6.12 3.57
C SER A 15 5.82 -7.20 2.51
N SER A 16 6.43 -8.31 2.92
CA SER A 16 6.70 -9.41 2.02
C SER A 16 5.43 -10.23 1.76
N ASP A 17 4.57 -10.29 2.76
CA ASP A 17 3.32 -11.03 2.65
C ASP A 17 2.37 -10.36 1.67
N ARG A 18 2.37 -10.83 0.43
CA ARG A 18 1.51 -10.27 -0.61
C ARG A 18 0.04 -10.49 -0.27
N SER A 19 -0.27 -11.66 0.29
CA SER A 19 -1.64 -11.99 0.66
C SER A 19 -2.13 -11.07 1.78
N ALA A 20 -1.25 -10.21 2.28
CA ALA A 20 -1.60 -9.28 3.35
C ALA A 20 -1.88 -7.89 2.78
N TRP A 21 -1.18 -7.54 1.71
CA TRP A 21 -1.36 -6.23 1.09
C TRP A 21 -1.72 -6.38 -0.39
N TYR A 22 -1.00 -7.26 -1.08
CA TYR A 22 -1.26 -7.50 -2.50
C TYR A 22 -2.72 -7.86 -2.74
N MET A 23 -3.33 -7.21 -3.73
CA MET A 23 -4.72 -7.48 -4.05
C MET A 23 -4.85 -7.96 -5.50
N GLY A 24 -3.76 -7.87 -6.25
CA GLY A 24 -3.78 -8.31 -7.63
C GLY A 24 -5.14 -8.13 -8.28
N PRO A 25 -5.96 -9.18 -8.22
CA PRO A 25 -7.31 -9.17 -8.80
C PRO A 25 -8.26 -8.24 -8.05
N VAL A 26 -8.15 -6.95 -8.30
CA VAL A 26 -9.00 -5.96 -7.64
C VAL A 26 -9.13 -4.70 -8.48
N SER A 27 -10.37 -4.24 -8.66
CA SER A 27 -10.63 -3.04 -9.45
C SER A 27 -10.50 -1.79 -8.59
N ARG A 28 -10.31 -0.64 -9.25
CA ARG A 28 -10.16 0.62 -8.55
C ARG A 28 -11.38 0.91 -7.67
N GLN A 29 -12.56 0.87 -8.28
CA GLN A 29 -13.80 1.12 -7.55
C GLN A 29 -13.82 0.35 -6.24
N GLU A 30 -13.34 -0.89 -6.27
CA GLU A 30 -13.32 -1.73 -5.08
C GLU A 30 -12.33 -1.18 -4.06
N ALA A 31 -11.04 -1.22 -4.40
CA ALA A 31 -10.00 -0.73 -3.51
C ALA A 31 -10.41 0.58 -2.84
N GLN A 32 -11.18 1.39 -3.57
CA GLN A 32 -11.65 2.67 -3.05
C GLN A 32 -12.70 2.46 -1.96
N THR A 33 -13.65 1.56 -2.22
CA THR A 33 -14.71 1.27 -1.27
C THR A 33 -14.15 0.71 0.03
N ARG A 34 -12.95 0.15 -0.05
CA ARG A 34 -12.30 -0.42 1.13
C ARG A 34 -11.56 0.65 1.92
N LEU A 35 -11.02 1.65 1.21
CA LEU A 35 -10.29 2.73 1.84
C LEU A 35 -11.12 4.01 1.86
N GLN A 36 -12.37 3.91 1.41
CA GLN A 36 -13.26 5.06 1.38
C GLN A 36 -13.90 5.29 2.74
N GLY A 37 -13.47 6.35 3.42
CA GLY A 37 -14.01 6.66 4.73
C GLY A 37 -13.40 5.82 5.83
N GLN A 38 -12.28 5.17 5.52
CA GLN A 38 -11.59 4.32 6.49
C GLN A 38 -10.56 5.12 7.27
N ARG A 39 -9.96 4.49 8.28
CA ARG A 39 -8.94 5.14 9.10
C ARG A 39 -7.71 5.47 8.27
N HIS A 40 -7.26 6.72 8.33
CA HIS A 40 -6.08 7.16 7.59
C HIS A 40 -4.91 6.23 7.86
N GLY A 41 -4.30 5.74 6.78
CA GLY A 41 -3.16 4.84 6.90
C GLY A 41 -3.32 3.58 6.08
N MET A 42 -4.56 3.09 5.98
CA MET A 42 -4.84 1.88 5.21
C MET A 42 -4.26 1.98 3.81
N PHE A 43 -3.87 0.85 3.25
CA PHE A 43 -3.29 0.80 1.91
C PHE A 43 -3.50 -0.57 1.27
N LEU A 44 -3.29 -0.64 -0.04
CA LEU A 44 -3.46 -1.88 -0.78
C LEU A 44 -2.95 -1.74 -2.21
N VAL A 45 -2.15 -2.72 -2.64
CA VAL A 45 -1.59 -2.71 -3.98
C VAL A 45 -2.37 -3.64 -4.90
N ARG A 46 -2.82 -3.10 -6.04
CA ARG A 46 -3.57 -3.90 -7.01
C ARG A 46 -3.02 -3.70 -8.42
N ASP A 47 -3.29 -4.67 -9.28
CA ASP A 47 -2.82 -4.60 -10.66
C ASP A 47 -3.42 -3.41 -11.40
N SER A 48 -2.56 -2.56 -11.96
CA SER A 48 -3.02 -1.38 -12.68
C SER A 48 -4.08 -1.75 -13.72
N SER A 49 -4.53 -0.75 -14.47
CA SER A 49 -5.55 -0.97 -15.50
C SER A 49 -5.09 -0.41 -16.84
N THR A 50 -4.77 0.88 -16.85
CA THR A 50 -4.32 1.53 -18.07
C THR A 50 -2.81 1.78 -18.05
N CYS A 51 -2.10 0.92 -17.34
CA CYS A 51 -0.65 1.04 -17.22
C CYS A 51 0.03 -0.29 -17.51
N PRO A 52 1.12 -0.24 -18.30
CA PRO A 52 1.88 -1.44 -18.67
C PRO A 52 2.64 -2.03 -17.49
N GLY A 53 2.41 -3.32 -17.23
CA GLY A 53 3.08 -3.98 -16.13
C GLY A 53 3.35 -3.05 -14.96
N ASP A 54 2.30 -2.38 -14.49
CA ASP A 54 2.42 -1.45 -13.37
C ASP A 54 1.48 -1.85 -12.23
N TYR A 55 1.53 -1.09 -11.14
CA TYR A 55 0.70 -1.36 -9.98
C TYR A 55 0.08 -0.07 -9.45
N VAL A 56 -0.85 -0.21 -8.51
CA VAL A 56 -1.52 0.94 -7.91
C VAL A 56 -1.71 0.75 -6.41
N LEU A 57 -1.09 1.62 -5.63
CA LEU A 57 -1.20 1.56 -4.17
C LEU A 57 -2.28 2.50 -3.66
N SER A 58 -3.48 1.97 -3.44
CA SER A 58 -4.59 2.77 -2.95
C SER A 58 -4.47 3.00 -1.45
N VAL A 59 -4.22 4.25 -1.07
CA VAL A 59 -4.07 4.61 0.34
C VAL A 59 -5.22 5.51 0.79
N SER A 60 -5.54 5.44 2.07
CA SER A 60 -6.63 6.24 2.63
C SER A 60 -6.08 7.50 3.31
N GLU A 61 -6.10 8.61 2.58
CA GLU A 61 -5.60 9.88 3.10
C GLU A 61 -6.44 11.04 2.59
N ASN A 62 -6.60 12.06 3.44
CA ASN A 62 -7.38 13.24 3.08
C ASN A 62 -8.83 12.86 2.77
N SER A 63 -9.47 12.17 3.71
CA SER A 63 -10.85 11.74 3.53
C SER A 63 -11.09 11.25 2.11
N ARG A 64 -10.07 10.64 1.51
CA ARG A 64 -10.17 10.13 0.15
C ARG A 64 -9.18 9.00 -0.07
N VAL A 65 -9.22 8.40 -1.26
CA VAL A 65 -8.33 7.30 -1.60
C VAL A 65 -7.14 7.80 -2.43
N SER A 66 -6.02 8.02 -1.76
CA SER A 66 -4.80 8.49 -2.43
C SER A 66 -4.16 7.38 -3.23
N HIS A 67 -4.54 7.27 -4.50
CA HIS A 67 -3.99 6.24 -5.37
C HIS A 67 -2.54 6.57 -5.77
N TYR A 68 -1.61 5.83 -5.21
CA TYR A 68 -0.19 6.04 -5.49
C TYR A 68 0.32 5.05 -6.54
N ILE A 69 0.31 5.48 -7.80
CA ILE A 69 0.77 4.63 -8.89
C ILE A 69 2.24 4.27 -8.73
N ILE A 70 2.58 3.04 -9.09
CA ILE A 70 3.96 2.57 -8.99
C ILE A 70 4.52 2.24 -10.36
N ASN A 71 5.46 3.07 -10.83
CA ASN A 71 6.08 2.86 -12.13
C ASN A 71 6.99 1.63 -12.11
N SER A 72 7.00 0.91 -13.21
CA SER A 72 7.82 -0.30 -13.33
C SER A 72 9.15 0.01 -14.01
N LEU A 73 10.22 0.05 -13.22
CA LEU A 73 11.55 0.33 -13.74
C LEU A 73 12.08 -0.84 -14.56
N PRO A 74 12.85 -0.54 -15.60
CA PRO A 74 13.44 -1.56 -16.48
C PRO A 74 14.53 -2.37 -15.78
N ASN A 75 15.12 -1.79 -14.74
CA ASN A 75 16.16 -2.45 -13.99
C ASN A 75 15.58 -3.34 -12.89
N ARG A 76 14.57 -4.13 -13.26
CA ARG A 76 13.92 -5.02 -12.32
C ARG A 76 13.64 -4.31 -10.99
N ARG A 77 13.07 -3.12 -11.08
CA ARG A 77 12.76 -2.32 -9.89
C ARG A 77 11.48 -1.52 -10.09
N PHE A 78 10.98 -0.93 -9.01
CA PHE A 78 9.77 -0.13 -9.06
C PHE A 78 10.05 1.31 -8.63
N LYS A 79 9.16 2.22 -9.03
CA LYS A 79 9.31 3.63 -8.69
C LYS A 79 7.95 4.26 -8.40
N ILE A 80 7.74 4.63 -7.14
CA ILE A 80 6.48 5.25 -6.73
C ILE A 80 6.60 6.76 -6.70
N GLY A 81 6.10 7.41 -7.75
CA GLY A 81 6.16 8.86 -7.82
C GLY A 81 7.52 9.37 -8.24
N ASP A 82 8.27 9.89 -7.28
CA ASP A 82 9.61 10.41 -7.56
C ASP A 82 10.66 9.65 -6.76
N GLN A 83 10.31 8.45 -6.32
CA GLN A 83 11.22 7.61 -5.54
C GLN A 83 11.33 6.21 -6.13
N GLU A 84 12.42 5.53 -5.82
CA GLU A 84 12.62 4.16 -6.32
C GLU A 84 13.03 3.23 -5.19
N PHE A 85 12.74 1.94 -5.36
CA PHE A 85 13.07 0.94 -4.35
C PHE A 85 13.53 -0.36 -5.00
N ASP A 86 13.96 -1.31 -4.18
CA ASP A 86 14.43 -2.59 -4.69
C ASP A 86 13.27 -3.41 -5.24
N HIS A 87 12.08 -3.22 -4.66
CA HIS A 87 10.90 -3.94 -5.09
C HIS A 87 9.66 -3.45 -4.34
N LEU A 88 8.53 -4.11 -4.59
CA LEU A 88 7.27 -3.74 -3.93
C LEU A 88 7.43 -3.78 -2.41
N PRO A 89 7.76 -4.95 -1.88
CA PRO A 89 7.95 -5.14 -0.44
C PRO A 89 9.19 -4.43 0.08
N ALA A 90 9.80 -3.61 -0.76
CA ALA A 90 11.00 -2.87 -0.37
C ALA A 90 10.70 -1.38 -0.23
N LEU A 91 9.59 -0.94 -0.83
CA LEU A 91 9.19 0.46 -0.76
C LEU A 91 8.24 0.70 0.41
N LEU A 92 7.33 -0.23 0.62
CA LEU A 92 6.36 -0.12 1.71
C LEU A 92 7.07 -0.09 3.06
N GLU A 93 8.12 -0.90 3.20
CA GLU A 93 8.89 -0.95 4.44
C GLU A 93 9.60 0.36 4.70
N PHE A 94 9.88 1.10 3.62
CA PHE A 94 10.58 2.38 3.73
C PHE A 94 9.58 3.52 3.95
N TYR A 95 8.30 3.24 3.71
CA TYR A 95 7.25 4.24 3.88
C TYR A 95 6.63 4.14 5.26
N LYS A 96 6.78 2.98 5.89
CA LYS A 96 6.23 2.74 7.22
C LYS A 96 6.71 3.82 8.20
N ILE A 97 7.82 4.46 7.87
CA ILE A 97 8.38 5.50 8.72
C ILE A 97 8.23 6.88 8.07
N HIS A 98 8.31 6.91 6.74
CA HIS A 98 8.19 8.16 6.00
C HIS A 98 6.73 8.46 5.69
N TYR A 99 6.36 9.74 5.72
CA TYR A 99 4.99 10.15 5.44
C TYR A 99 4.83 10.53 3.97
N LEU A 100 4.03 9.74 3.25
CA LEU A 100 3.79 10.00 1.84
C LEU A 100 3.41 11.46 1.60
N ASP A 101 2.21 11.82 1.99
CA ASP A 101 1.73 13.20 1.83
C ASP A 101 1.44 13.84 3.18
N THR A 102 0.45 13.31 3.89
CA THR A 102 0.08 13.84 5.20
C THR A 102 0.05 12.73 6.24
N THR A 103 0.29 11.49 5.81
CA THR A 103 0.29 10.35 6.71
C THR A 103 1.27 9.29 6.24
N THR A 104 1.29 8.16 6.94
CA THR A 104 2.18 7.05 6.59
C THR A 104 1.40 5.76 6.38
N LEU A 105 2.11 4.70 6.04
CA LEU A 105 1.48 3.40 5.81
C LEU A 105 1.34 2.61 7.11
N ILE A 106 0.12 2.54 7.63
CA ILE A 106 -0.14 1.81 8.86
C ILE A 106 -0.25 0.31 8.62
N GLU A 107 -1.34 -0.10 7.99
CA GLU A 107 -1.56 -1.51 7.69
C GLU A 107 -2.40 -1.68 6.43
N PRO A 108 -2.15 -2.77 5.69
CA PRO A 108 -2.86 -3.07 4.45
C PRO A 108 -4.32 -3.44 4.69
N ALA A 109 -5.22 -2.88 3.90
CA ALA A 109 -6.64 -3.16 4.03
C ALA A 109 -6.92 -4.65 3.90
N PRO A 110 -8.04 -5.10 4.50
CA PRO A 110 -8.44 -6.50 4.46
C PRO A 110 -8.90 -6.95 3.07
N ARG A 111 -8.74 -8.24 2.79
CA ARG A 111 -9.13 -8.79 1.49
C ARG A 111 -10.64 -8.96 1.41
N GLY A 1 -4.38 -24.74 24.17
CA GLY A 1 -3.19 -23.91 24.17
C GLY A 1 -3.25 -22.82 23.12
N SER A 2 -4.21 -21.90 23.27
CA SER A 2 -4.38 -20.81 22.32
C SER A 2 -4.14 -19.46 23.01
N SER A 3 -3.66 -18.50 22.24
CA SER A 3 -3.38 -17.17 22.77
C SER A 3 -2.95 -16.21 21.66
N GLY A 4 -3.05 -14.92 21.94
CA GLY A 4 -2.67 -13.92 20.94
C GLY A 4 -1.87 -12.78 21.54
N SER A 5 -0.89 -12.29 20.80
CA SER A 5 -0.05 -11.19 21.27
C SER A 5 -0.59 -9.84 20.78
N SER A 6 -0.54 -8.85 21.66
CA SER A 6 -1.03 -7.51 21.32
C SER A 6 0.07 -6.68 20.69
N GLY A 7 -0.28 -5.95 19.64
CA GLY A 7 0.68 -5.11 18.95
C GLY A 7 1.55 -4.33 19.91
N MET A 8 2.71 -3.87 19.42
CA MET A 8 3.64 -3.10 20.25
C MET A 8 3.74 -1.66 19.75
N SER A 9 3.87 -1.51 18.44
CA SER A 9 3.99 -0.18 17.84
C SER A 9 3.11 -0.07 16.60
N SER A 10 3.04 1.13 16.03
CA SER A 10 2.24 1.37 14.84
C SER A 10 2.91 0.79 13.60
N ALA A 11 2.20 0.81 12.48
CA ALA A 11 2.74 0.30 11.22
C ALA A 11 3.13 -1.16 11.36
N ARG A 12 2.31 -1.93 12.06
CA ARG A 12 2.59 -3.35 12.26
C ARG A 12 1.86 -4.21 11.21
N PHE A 13 2.60 -4.63 10.19
CA PHE A 13 2.03 -5.44 9.12
C PHE A 13 3.12 -6.17 8.35
N ASP A 14 2.71 -7.01 7.41
CA ASP A 14 3.66 -7.77 6.60
C ASP A 14 3.89 -7.11 5.24
N SER A 15 5.15 -6.99 4.84
CA SER A 15 5.49 -6.36 3.57
C SER A 15 5.68 -7.41 2.49
N SER A 16 6.25 -8.56 2.87
CA SER A 16 6.49 -9.64 1.93
C SER A 16 5.19 -10.39 1.61
N ASP A 17 4.34 -10.54 2.63
CA ASP A 17 3.07 -11.24 2.46
C ASP A 17 2.16 -10.48 1.51
N ARG A 18 2.23 -10.82 0.23
CA ARG A 18 1.41 -10.17 -0.79
C ARG A 18 -0.08 -10.42 -0.52
N SER A 19 -0.40 -11.62 -0.06
CA SER A 19 -1.79 -11.98 0.22
C SER A 19 -2.32 -11.17 1.40
N ALA A 20 -1.46 -10.35 1.99
CA ALA A 20 -1.86 -9.52 3.12
C ALA A 20 -2.08 -8.07 2.68
N TRP A 21 -1.38 -7.65 1.64
CA TRP A 21 -1.51 -6.30 1.13
C TRP A 21 -1.80 -6.30 -0.37
N TYR A 22 -1.06 -7.13 -1.10
CA TYR A 22 -1.24 -7.22 -2.56
C TYR A 22 -2.65 -7.71 -2.90
N MET A 23 -3.45 -6.82 -3.47
CA MET A 23 -4.82 -7.15 -3.85
C MET A 23 -4.87 -7.68 -5.28
N GLY A 24 -3.73 -7.68 -5.95
CA GLY A 24 -3.66 -8.16 -7.31
C GLY A 24 -4.98 -7.97 -8.05
N PRO A 25 -5.84 -9.00 -8.00
CA PRO A 25 -7.15 -8.96 -8.66
C PRO A 25 -8.11 -7.99 -8.00
N VAL A 26 -7.94 -6.70 -8.30
CA VAL A 26 -8.80 -5.67 -7.72
C VAL A 26 -8.82 -4.43 -8.60
N SER A 27 -10.01 -3.88 -8.82
CA SER A 27 -10.18 -2.70 -9.65
C SER A 27 -10.23 -1.44 -8.78
N ARG A 28 -9.97 -0.28 -9.41
CA ARG A 28 -9.99 0.99 -8.70
C ARG A 28 -11.29 1.17 -7.93
N GLN A 29 -12.41 1.04 -8.64
CA GLN A 29 -13.73 1.19 -8.02
C GLN A 29 -13.79 0.45 -6.70
N GLU A 30 -13.27 -0.77 -6.68
CA GLU A 30 -13.28 -1.58 -5.47
C GLU A 30 -12.29 -1.03 -4.44
N ALA A 31 -11.01 -1.05 -4.79
CA ALA A 31 -9.98 -0.55 -3.89
C ALA A 31 -10.46 0.67 -3.12
N GLN A 32 -11.20 1.54 -3.79
CA GLN A 32 -11.72 2.75 -3.17
C GLN A 32 -12.65 2.41 -2.01
N THR A 33 -13.63 1.55 -2.28
CA THR A 33 -14.59 1.14 -1.27
C THR A 33 -13.90 0.46 -0.10
N ARG A 34 -12.71 -0.08 -0.36
CA ARG A 34 -11.93 -0.76 0.67
C ARG A 34 -11.20 0.24 1.56
N LEU A 35 -10.84 1.38 0.97
CA LEU A 35 -10.13 2.42 1.71
C LEU A 35 -10.97 3.69 1.80
N GLN A 36 -12.25 3.57 1.48
CA GLN A 36 -13.16 4.71 1.52
C GLN A 36 -13.77 4.86 2.91
N GLY A 37 -13.34 5.91 3.62
CA GLY A 37 -13.84 6.15 4.96
C GLY A 37 -13.00 5.51 6.03
N GLN A 38 -12.33 4.42 5.68
CA GLN A 38 -11.47 3.71 6.63
C GLN A 38 -10.51 4.66 7.33
N ARG A 39 -9.95 4.23 8.44
CA ARG A 39 -9.01 5.04 9.19
C ARG A 39 -7.85 5.49 8.32
N HIS A 40 -7.18 6.56 8.73
CA HIS A 40 -6.04 7.09 7.98
C HIS A 40 -4.82 6.17 8.14
N GLY A 41 -4.26 5.76 7.01
CA GLY A 41 -3.09 4.89 7.03
C GLY A 41 -3.27 3.66 6.17
N MET A 42 -4.47 3.09 6.17
CA MET A 42 -4.76 1.91 5.38
C MET A 42 -4.15 2.04 3.98
N PHE A 43 -3.79 0.89 3.39
CA PHE A 43 -3.20 0.88 2.06
C PHE A 43 -3.41 -0.48 1.39
N LEU A 44 -3.02 -0.57 0.12
CA LEU A 44 -3.17 -1.81 -0.63
C LEU A 44 -2.53 -1.69 -2.01
N VAL A 45 -1.98 -2.79 -2.49
CA VAL A 45 -1.32 -2.81 -3.81
C VAL A 45 -2.02 -3.79 -4.75
N ARG A 46 -2.76 -3.25 -5.71
CA ARG A 46 -3.46 -4.08 -6.68
C ARG A 46 -2.81 -4.00 -8.06
N ASP A 47 -3.28 -4.83 -8.98
CA ASP A 47 -2.73 -4.85 -10.34
C ASP A 47 -3.27 -3.69 -11.16
N SER A 48 -2.37 -2.84 -11.65
CA SER A 48 -2.76 -1.69 -12.45
C SER A 48 -3.53 -2.12 -13.69
N SER A 49 -4.79 -1.70 -13.77
CA SER A 49 -5.65 -2.04 -14.91
C SER A 49 -5.28 -1.20 -16.13
N THR A 50 -5.12 0.10 -15.93
CA THR A 50 -4.77 1.00 -17.02
C THR A 50 -3.64 0.44 -17.86
N CYS A 51 -2.59 -0.03 -17.20
CA CYS A 51 -1.44 -0.61 -17.89
C CYS A 51 -0.89 -1.80 -17.14
N PRO A 52 -0.56 -2.88 -17.87
CA PRO A 52 -0.01 -4.10 -17.29
C PRO A 52 1.41 -3.92 -16.75
N GLY A 53 1.85 -4.85 -15.92
CA GLY A 53 3.19 -4.77 -15.36
C GLY A 53 3.27 -3.76 -14.23
N ASP A 54 2.69 -2.59 -14.44
CA ASP A 54 2.71 -1.53 -13.43
C ASP A 54 1.72 -1.84 -12.31
N TYR A 55 1.92 -1.20 -11.16
CA TYR A 55 1.04 -1.41 -10.01
C TYR A 55 0.43 -0.09 -9.54
N VAL A 56 -0.50 -0.18 -8.60
CA VAL A 56 -1.16 1.00 -8.07
C VAL A 56 -1.37 0.88 -6.56
N LEU A 57 -0.58 1.61 -5.79
CA LEU A 57 -0.68 1.59 -4.34
C LEU A 57 -1.64 2.67 -3.85
N SER A 58 -2.76 2.23 -3.27
CA SER A 58 -3.77 3.15 -2.76
C SER A 58 -3.70 3.24 -1.24
N VAL A 59 -4.15 4.36 -0.70
CA VAL A 59 -4.14 4.57 0.75
C VAL A 59 -5.27 5.50 1.18
N SER A 60 -5.71 5.36 2.42
CA SER A 60 -6.79 6.18 2.95
C SER A 60 -6.23 7.44 3.61
N GLU A 61 -6.12 8.51 2.83
CA GLU A 61 -5.60 9.78 3.33
C GLU A 61 -6.40 10.95 2.77
N ASN A 62 -6.46 12.03 3.53
CA ASN A 62 -7.20 13.23 3.12
C ASN A 62 -8.67 12.90 2.87
N SER A 63 -9.23 12.06 3.73
CA SER A 63 -10.63 11.66 3.61
C SER A 63 -10.92 11.10 2.22
N ARG A 64 -9.89 10.52 1.61
CA ARG A 64 -10.03 9.95 0.26
C ARG A 64 -9.02 8.82 0.06
N VAL A 65 -9.06 8.21 -1.13
CA VAL A 65 -8.14 7.14 -1.46
C VAL A 65 -7.06 7.60 -2.43
N SER A 66 -5.89 7.91 -1.89
CA SER A 66 -4.77 8.37 -2.71
C SER A 66 -4.22 7.24 -3.56
N HIS A 67 -4.53 7.27 -4.85
CA HIS A 67 -4.06 6.25 -5.78
C HIS A 67 -2.66 6.57 -6.28
N TYR A 68 -1.66 5.89 -5.71
CA TYR A 68 -0.27 6.11 -6.09
C TYR A 68 0.19 5.04 -7.08
N ILE A 69 0.36 5.45 -8.34
CA ILE A 69 0.79 4.54 -9.39
C ILE A 69 2.28 4.23 -9.26
N ILE A 70 2.63 2.96 -9.41
CA ILE A 70 4.02 2.54 -9.31
C ILE A 70 4.61 2.27 -10.69
N ASN A 71 5.42 3.22 -11.18
CA ASN A 71 6.06 3.09 -12.49
C ASN A 71 7.05 1.93 -12.49
N SER A 72 6.96 1.09 -13.51
CA SER A 72 7.85 -0.06 -13.65
C SER A 72 9.16 0.34 -14.33
N LEU A 73 10.25 0.22 -13.59
CA LEU A 73 11.57 0.57 -14.12
C LEU A 73 12.17 -0.59 -14.91
N PRO A 74 13.01 -0.26 -15.90
CA PRO A 74 13.67 -1.26 -16.74
C PRO A 74 14.71 -2.08 -15.98
N ASN A 75 15.19 -1.53 -14.87
CA ASN A 75 16.19 -2.20 -14.05
C ASN A 75 15.53 -3.08 -12.99
N ARG A 76 14.48 -3.79 -13.40
CA ARG A 76 13.76 -4.68 -12.49
C ARG A 76 13.51 -3.99 -11.15
N ARG A 77 12.97 -2.78 -11.19
CA ARG A 77 12.68 -2.02 -9.98
C ARG A 77 11.38 -1.23 -10.13
N PHE A 78 10.82 -0.81 -8.99
CA PHE A 78 9.58 -0.04 -9.00
C PHE A 78 9.84 1.42 -8.68
N LYS A 79 8.92 2.29 -9.08
CA LYS A 79 9.05 3.72 -8.84
C LYS A 79 7.69 4.34 -8.51
N ILE A 80 7.50 4.67 -7.24
CA ILE A 80 6.24 5.27 -6.79
C ILE A 80 6.36 6.79 -6.71
N GLY A 81 5.83 7.47 -7.72
CA GLY A 81 5.88 8.92 -7.75
C GLY A 81 7.24 9.44 -8.17
N ASP A 82 7.98 10.00 -7.21
CA ASP A 82 9.31 10.53 -7.49
C ASP A 82 10.38 9.77 -6.71
N GLN A 83 10.11 8.50 -6.43
CA GLN A 83 11.04 7.66 -5.70
C GLN A 83 11.15 6.28 -6.32
N GLU A 84 12.21 5.56 -5.98
CA GLU A 84 12.42 4.21 -6.51
C GLU A 84 12.85 3.25 -5.40
N PHE A 85 12.42 1.99 -5.52
CA PHE A 85 12.75 0.98 -4.53
C PHE A 85 13.23 -0.30 -5.20
N ASP A 86 13.48 -1.32 -4.40
CA ASP A 86 13.95 -2.60 -4.92
C ASP A 86 12.77 -3.51 -5.28
N HIS A 87 11.65 -3.31 -4.59
CA HIS A 87 10.45 -4.11 -4.84
C HIS A 87 9.29 -3.63 -3.98
N LEU A 88 8.18 -4.35 -4.04
CA LEU A 88 6.99 -3.98 -3.26
C LEU A 88 7.31 -3.92 -1.78
N PRO A 89 7.76 -5.06 -1.22
CA PRO A 89 8.12 -5.16 0.20
C PRO A 89 9.38 -4.39 0.53
N ALA A 90 9.85 -3.59 -0.42
CA ALA A 90 11.06 -2.78 -0.22
C ALA A 90 10.71 -1.30 -0.10
N LEU A 91 9.54 -0.92 -0.59
CA LEU A 91 9.10 0.47 -0.54
C LEU A 91 8.14 0.68 0.63
N LEU A 92 7.21 -0.27 0.81
CA LEU A 92 6.24 -0.18 1.89
C LEU A 92 6.93 -0.09 3.25
N GLU A 93 8.06 -0.79 3.39
CA GLU A 93 8.81 -0.78 4.63
C GLU A 93 9.53 0.55 4.83
N PHE A 94 9.92 1.17 3.71
CA PHE A 94 10.63 2.45 3.75
C PHE A 94 9.65 3.58 4.08
N TYR A 95 8.37 3.35 3.81
CA TYR A 95 7.35 4.37 4.07
C TYR A 95 6.92 4.35 5.53
N LYS A 96 7.03 3.18 6.16
CA LYS A 96 6.66 3.02 7.56
C LYS A 96 7.26 4.14 8.40
N ILE A 97 8.30 4.78 7.88
CA ILE A 97 8.96 5.88 8.59
C ILE A 97 8.75 7.21 7.87
N HIS A 98 8.63 7.15 6.55
CA HIS A 98 8.42 8.35 5.74
C HIS A 98 6.94 8.54 5.45
N TYR A 99 6.49 9.79 5.55
CA TYR A 99 5.09 10.12 5.28
C TYR A 99 4.87 10.47 3.81
N LEU A 100 4.07 9.66 3.13
CA LEU A 100 3.78 9.89 1.72
C LEU A 100 3.36 11.33 1.47
N ASP A 101 2.20 11.71 1.98
CA ASP A 101 1.69 13.07 1.81
C ASP A 101 1.46 13.72 3.17
N THR A 102 0.51 13.19 3.93
CA THR A 102 0.19 13.73 5.25
C THR A 102 0.17 12.62 6.30
N THR A 103 0.31 11.38 5.85
CA THR A 103 0.31 10.24 6.76
C THR A 103 1.25 9.14 6.26
N THR A 104 1.41 8.09 7.06
CA THR A 104 2.28 6.98 6.70
C THR A 104 1.47 5.70 6.53
N LEU A 105 2.15 4.63 6.13
CA LEU A 105 1.50 3.34 5.94
C LEU A 105 1.37 2.57 7.25
N ILE A 106 0.14 2.33 7.66
CA ILE A 106 -0.11 1.61 8.91
C ILE A 106 -0.28 0.11 8.65
N GLU A 107 -1.39 -0.25 8.00
CA GLU A 107 -1.66 -1.64 7.69
C GLU A 107 -2.51 -1.77 6.43
N PRO A 108 -2.35 -2.88 5.71
CA PRO A 108 -3.10 -3.14 4.47
C PRO A 108 -4.57 -3.41 4.73
N ALA A 109 -5.43 -2.78 3.94
CA ALA A 109 -6.87 -2.96 4.08
C ALA A 109 -7.23 -4.42 4.28
N PRO A 110 -8.34 -4.67 4.99
CA PRO A 110 -8.81 -6.03 5.26
C PRO A 110 -9.34 -6.73 4.01
N ARG A 111 -9.28 -8.05 4.00
CA ARG A 111 -9.75 -8.84 2.87
C ARG A 111 -11.27 -8.84 2.81
N GLY A 1 -3.36 -17.09 29.11
CA GLY A 1 -3.70 -15.68 29.01
C GLY A 1 -3.10 -15.03 27.79
N SER A 2 -3.57 -15.45 26.61
CA SER A 2 -3.07 -14.90 25.36
C SER A 2 -4.11 -13.98 24.72
N SER A 3 -5.33 -14.47 24.58
CA SER A 3 -6.42 -13.69 23.99
C SER A 3 -6.39 -12.25 24.52
N GLY A 4 -5.92 -11.34 23.67
CA GLY A 4 -5.85 -9.94 24.07
C GLY A 4 -5.27 -9.06 22.98
N SER A 5 -4.52 -8.04 23.38
CA SER A 5 -3.90 -7.12 22.44
C SER A 5 -2.43 -7.47 22.22
N SER A 6 -2.09 -7.80 20.97
CA SER A 6 -0.73 -8.15 20.64
C SER A 6 -0.16 -7.20 19.59
N GLY A 7 -0.44 -5.91 19.76
CA GLY A 7 0.04 -4.91 18.83
C GLY A 7 0.10 -3.53 19.43
N MET A 8 1.17 -3.26 20.18
CA MET A 8 1.35 -1.96 20.82
C MET A 8 1.88 -0.93 19.82
N SER A 9 2.98 -1.26 19.16
CA SER A 9 3.60 -0.36 18.19
C SER A 9 2.77 -0.32 16.90
N SER A 10 2.82 0.81 16.22
CA SER A 10 2.08 0.98 14.97
C SER A 10 2.91 0.54 13.78
N ALA A 11 2.26 0.39 12.63
CA ALA A 11 2.95 -0.04 11.41
C ALA A 11 3.54 -1.43 11.57
N ARG A 12 2.75 -2.34 12.11
CA ARG A 12 3.21 -3.72 12.32
C ARG A 12 2.51 -4.67 11.36
N PHE A 13 3.05 -4.78 10.15
CA PHE A 13 2.48 -5.66 9.13
C PHE A 13 3.58 -6.35 8.33
N ASP A 14 3.18 -7.24 7.43
CA ASP A 14 4.13 -7.98 6.61
C ASP A 14 4.17 -7.39 5.20
N SER A 15 5.33 -6.86 4.82
CA SER A 15 5.50 -6.26 3.50
C SER A 15 5.72 -7.35 2.43
N SER A 16 6.33 -8.45 2.84
CA SER A 16 6.60 -9.56 1.92
C SER A 16 5.31 -10.29 1.57
N ASP A 17 4.44 -10.46 2.57
CA ASP A 17 3.17 -11.15 2.37
C ASP A 17 2.26 -10.36 1.43
N ARG A 18 2.23 -10.78 0.17
CA ARG A 18 1.40 -10.11 -0.83
C ARG A 18 -0.08 -10.31 -0.54
N SER A 19 -0.42 -11.50 -0.05
CA SER A 19 -1.80 -11.83 0.28
C SER A 19 -2.32 -10.96 1.41
N ALA A 20 -1.43 -10.16 1.99
CA ALA A 20 -1.80 -9.28 3.09
C ALA A 20 -2.05 -7.86 2.60
N TRP A 21 -1.30 -7.45 1.58
CA TRP A 21 -1.45 -6.11 1.02
C TRP A 21 -1.80 -6.17 -0.46
N TYR A 22 -1.09 -7.03 -1.19
CA TYR A 22 -1.32 -7.18 -2.62
C TYR A 22 -2.75 -7.66 -2.89
N MET A 23 -3.56 -6.78 -3.47
CA MET A 23 -4.94 -7.11 -3.78
C MET A 23 -5.06 -7.67 -5.19
N GLY A 24 -3.93 -7.72 -5.90
CA GLY A 24 -3.94 -8.24 -7.25
C GLY A 24 -5.26 -8.05 -7.95
N PRO A 25 -6.15 -9.05 -7.85
CA PRO A 25 -7.48 -9.01 -8.47
C PRO A 25 -8.40 -8.00 -7.80
N VAL A 26 -8.21 -6.73 -8.12
CA VAL A 26 -9.03 -5.66 -7.56
C VAL A 26 -9.02 -4.42 -8.45
N SER A 27 -10.22 -3.93 -8.77
CA SER A 27 -10.35 -2.76 -9.63
C SER A 27 -10.31 -1.48 -8.79
N ARG A 28 -10.39 -0.33 -9.46
CA ARG A 28 -10.36 0.96 -8.79
C ARG A 28 -11.65 1.19 -8.00
N GLN A 29 -12.78 0.87 -8.62
CA GLN A 29 -14.07 1.03 -7.96
C GLN A 29 -14.12 0.26 -6.66
N GLU A 30 -13.42 -0.87 -6.61
CA GLU A 30 -13.40 -1.70 -5.41
C GLU A 30 -12.41 -1.15 -4.39
N ALA A 31 -11.13 -1.21 -4.72
CA ALA A 31 -10.08 -0.72 -3.83
C ALA A 31 -10.57 0.50 -3.05
N GLN A 32 -11.30 1.38 -3.72
CA GLN A 32 -11.81 2.59 -3.09
C GLN A 32 -12.74 2.25 -1.93
N THR A 33 -13.73 1.42 -2.20
CA THR A 33 -14.68 1.01 -1.18
C THR A 33 -13.98 0.37 0.01
N ARG A 34 -12.79 -0.18 -0.23
CA ARG A 34 -12.01 -0.82 0.81
C ARG A 34 -11.30 0.22 1.67
N LEU A 35 -10.92 1.33 1.05
CA LEU A 35 -10.23 2.40 1.76
C LEU A 35 -11.10 3.65 1.83
N GLN A 36 -12.38 3.51 1.53
CA GLN A 36 -13.31 4.63 1.56
C GLN A 36 -13.85 4.85 2.96
N GLY A 37 -13.39 5.93 3.59
CA GLY A 37 -13.85 6.24 4.95
C GLY A 37 -13.12 5.43 6.00
N GLN A 38 -12.20 4.57 5.56
CA GLN A 38 -11.43 3.74 6.47
C GLN A 38 -10.43 4.57 7.26
N ARG A 39 -9.81 3.96 8.26
CA ARG A 39 -8.83 4.64 9.09
C ARG A 39 -7.68 5.19 8.25
N HIS A 40 -7.14 6.34 8.65
CA HIS A 40 -6.05 6.96 7.92
C HIS A 40 -4.77 6.15 8.07
N GLY A 41 -4.23 5.68 6.94
CA GLY A 41 -3.01 4.89 6.97
C GLY A 41 -3.13 3.63 6.14
N MET A 42 -4.34 3.14 5.98
CA MET A 42 -4.59 1.92 5.20
C MET A 42 -3.99 2.05 3.80
N PHE A 43 -3.57 0.92 3.24
CA PHE A 43 -2.97 0.90 1.90
C PHE A 43 -3.14 -0.47 1.25
N LEU A 44 -2.91 -0.53 -0.05
CA LEU A 44 -3.04 -1.77 -0.79
C LEU A 44 -2.46 -1.64 -2.20
N VAL A 45 -2.00 -2.75 -2.76
CA VAL A 45 -1.42 -2.75 -4.10
C VAL A 45 -2.15 -3.73 -5.01
N ARG A 46 -2.78 -3.19 -6.06
CA ARG A 46 -3.52 -4.02 -7.01
C ARG A 46 -2.93 -3.89 -8.42
N ASP A 47 -3.49 -4.64 -9.36
CA ASP A 47 -3.03 -4.61 -10.73
C ASP A 47 -3.55 -3.38 -11.46
N SER A 48 -2.63 -2.51 -11.89
CA SER A 48 -3.00 -1.28 -12.59
C SER A 48 -3.66 -1.60 -13.93
N SER A 49 -4.93 -1.24 -14.05
CA SER A 49 -5.68 -1.49 -15.28
C SER A 49 -5.26 -0.51 -16.38
N THR A 50 -5.13 0.76 -16.01
CA THR A 50 -4.75 1.80 -16.96
C THR A 50 -3.60 1.33 -17.84
N CYS A 51 -2.54 0.83 -17.21
CA CYS A 51 -1.37 0.35 -17.94
C CYS A 51 -0.99 -1.06 -17.49
N PRO A 52 -0.55 -1.88 -18.43
CA PRO A 52 -0.14 -3.26 -18.16
C PRO A 52 1.16 -3.34 -17.36
N GLY A 53 1.22 -4.26 -16.41
CA GLY A 53 2.40 -4.42 -15.59
C GLY A 53 2.46 -3.42 -14.45
N ASP A 54 2.19 -2.16 -14.76
CA ASP A 54 2.20 -1.10 -13.75
C ASP A 54 1.24 -1.43 -12.61
N TYR A 55 1.45 -0.78 -11.47
CA TYR A 55 0.60 -0.99 -10.30
C TYR A 55 0.12 0.33 -9.71
N VAL A 56 -0.87 0.26 -8.83
CA VAL A 56 -1.42 1.45 -8.20
C VAL A 56 -1.69 1.21 -6.72
N LEU A 57 -0.90 1.86 -5.86
CA LEU A 57 -1.05 1.71 -4.42
C LEU A 57 -2.14 2.64 -3.89
N SER A 58 -3.28 2.05 -3.50
CA SER A 58 -4.40 2.83 -2.98
C SER A 58 -4.24 3.07 -1.48
N VAL A 59 -4.15 4.33 -1.09
CA VAL A 59 -4.00 4.69 0.31
C VAL A 59 -5.12 5.62 0.76
N SER A 60 -5.54 5.47 2.02
CA SER A 60 -6.60 6.30 2.57
C SER A 60 -6.03 7.53 3.26
N GLU A 61 -6.22 8.69 2.66
CA GLU A 61 -5.72 9.94 3.21
C GLU A 61 -6.57 11.12 2.74
N ASN A 62 -6.63 12.15 3.58
CA ASN A 62 -7.41 13.35 3.24
C ASN A 62 -8.88 13.00 3.01
N SER A 63 -9.45 12.21 3.91
CA SER A 63 -10.84 11.79 3.79
C SER A 63 -11.15 11.34 2.37
N ARG A 64 -10.19 10.66 1.75
CA ARG A 64 -10.36 10.18 0.39
C ARG A 64 -9.46 8.98 0.12
N VAL A 65 -9.58 8.40 -1.07
CA VAL A 65 -8.78 7.25 -1.45
C VAL A 65 -7.67 7.65 -2.43
N SER A 66 -6.47 7.87 -1.89
CA SER A 66 -5.33 8.26 -2.71
C SER A 66 -4.87 7.10 -3.59
N HIS A 67 -4.35 7.42 -4.77
CA HIS A 67 -3.87 6.41 -5.70
C HIS A 67 -2.42 6.66 -6.08
N TYR A 68 -1.50 6.06 -5.33
CA TYR A 68 -0.08 6.22 -5.59
C TYR A 68 0.40 5.23 -6.64
N ILE A 69 0.54 5.71 -7.87
CA ILE A 69 0.99 4.86 -8.98
C ILE A 69 2.45 4.45 -8.79
N ILE A 70 2.76 3.22 -9.17
CA ILE A 70 4.12 2.71 -9.06
C ILE A 70 4.70 2.34 -10.42
N ASN A 71 5.65 3.15 -10.88
CA ASN A 71 6.28 2.91 -12.18
C ASN A 71 7.11 1.63 -12.16
N SER A 72 7.11 0.91 -13.28
CA SER A 72 7.86 -0.33 -13.38
C SER A 72 9.16 -0.12 -14.16
N LEU A 73 10.27 -0.09 -13.45
CA LEU A 73 11.58 0.10 -14.08
C LEU A 73 12.08 -1.20 -14.71
N PRO A 74 12.74 -1.09 -15.87
CA PRO A 74 13.29 -2.25 -16.58
C PRO A 74 14.48 -2.87 -15.85
N ASN A 75 14.86 -2.27 -14.73
CA ASN A 75 15.97 -2.78 -13.94
C ASN A 75 15.48 -3.58 -12.73
N ARG A 76 14.53 -4.47 -12.99
CA ARG A 76 13.96 -5.31 -11.93
C ARG A 76 13.72 -4.49 -10.67
N ARG A 77 13.18 -3.29 -10.84
CA ARG A 77 12.90 -2.40 -9.72
C ARG A 77 11.67 -1.55 -9.99
N PHE A 78 11.07 -1.02 -8.92
CA PHE A 78 9.88 -0.18 -9.04
C PHE A 78 10.18 1.26 -8.64
N LYS A 79 9.37 2.19 -9.13
CA LYS A 79 9.55 3.60 -8.83
C LYS A 79 8.20 4.27 -8.56
N ILE A 80 7.94 4.55 -7.28
CA ILE A 80 6.69 5.19 -6.89
C ILE A 80 6.81 6.71 -6.93
N GLY A 81 6.30 7.32 -7.98
CA GLY A 81 6.37 8.77 -8.11
C GLY A 81 7.75 9.25 -8.52
N ASP A 82 8.49 9.79 -7.55
CA ASP A 82 9.83 10.30 -7.82
C ASP A 82 10.86 9.55 -6.97
N GLN A 83 10.48 8.39 -6.46
CA GLN A 83 11.36 7.58 -5.63
C GLN A 83 11.48 6.17 -6.18
N GLU A 84 12.59 5.50 -5.85
CA GLU A 84 12.82 4.14 -6.31
C GLU A 84 13.15 3.22 -5.13
N PHE A 85 12.83 1.93 -5.30
CA PHE A 85 13.07 0.94 -4.25
C PHE A 85 13.53 -0.38 -4.86
N ASP A 86 14.04 -1.26 -4.01
CA ASP A 86 14.52 -2.57 -4.46
C ASP A 86 13.36 -3.40 -5.01
N HIS A 87 12.17 -3.20 -4.47
CA HIS A 87 10.99 -3.94 -4.91
C HIS A 87 9.74 -3.45 -4.18
N LEU A 88 8.62 -4.11 -4.43
CA LEU A 88 7.36 -3.74 -3.80
C LEU A 88 7.48 -3.76 -2.28
N PRO A 89 7.82 -4.94 -1.72
CA PRO A 89 7.99 -5.11 -0.28
C PRO A 89 9.22 -4.40 0.26
N ALA A 90 9.83 -3.57 -0.58
CA ALA A 90 11.01 -2.82 -0.20
C ALA A 90 10.71 -1.34 -0.07
N LEU A 91 9.63 -0.90 -0.72
CA LEU A 91 9.23 0.50 -0.67
C LEU A 91 8.28 0.76 0.50
N LEU A 92 7.36 -0.17 0.73
CA LEU A 92 6.40 -0.04 1.81
C LEU A 92 7.11 0.02 3.16
N GLU A 93 8.22 -0.70 3.28
CA GLU A 93 8.99 -0.73 4.52
C GLU A 93 9.69 0.61 4.74
N PHE A 94 9.94 1.32 3.66
CA PHE A 94 10.60 2.62 3.73
C PHE A 94 9.60 3.74 4.01
N TYR A 95 8.34 3.49 3.67
CA TYR A 95 7.28 4.47 3.88
C TYR A 95 6.75 4.40 5.31
N LYS A 96 6.94 3.25 5.95
CA LYS A 96 6.48 3.05 7.32
C LYS A 96 7.00 4.16 8.24
N ILE A 97 8.06 4.82 7.81
CA ILE A 97 8.65 5.90 8.60
C ILE A 97 8.43 7.26 7.92
N HIS A 98 8.45 7.25 6.58
CA HIS A 98 8.25 8.48 5.81
C HIS A 98 6.78 8.69 5.51
N TYR A 99 6.31 9.93 5.70
CA TYR A 99 4.92 10.27 5.44
C TYR A 99 4.70 10.64 3.98
N LEU A 100 3.93 9.83 3.27
CA LEU A 100 3.65 10.07 1.87
C LEU A 100 3.20 11.51 1.64
N ASP A 101 1.97 11.81 2.04
CA ASP A 101 1.42 13.15 1.89
C ASP A 101 1.16 13.79 3.24
N THR A 102 0.26 13.19 4.02
CA THR A 102 -0.08 13.70 5.34
C THR A 102 -0.09 12.58 6.37
N THR A 103 0.18 11.36 5.92
CA THR A 103 0.19 10.20 6.81
C THR A 103 1.16 9.14 6.31
N THR A 104 1.26 8.04 7.05
CA THR A 104 2.15 6.95 6.68
C THR A 104 1.38 5.65 6.48
N LEU A 105 2.10 4.60 6.10
CA LEU A 105 1.47 3.29 5.87
C LEU A 105 1.38 2.51 7.18
N ILE A 106 0.18 2.45 7.73
CA ILE A 106 -0.04 1.72 8.98
C ILE A 106 -0.20 0.23 8.73
N GLU A 107 -1.33 -0.16 8.14
CA GLU A 107 -1.60 -1.56 7.84
C GLU A 107 -2.41 -1.69 6.55
N PRO A 108 -2.14 -2.77 5.81
CA PRO A 108 -2.82 -3.04 4.54
C PRO A 108 -4.29 -3.42 4.74
N ALA A 109 -5.16 -2.81 3.95
CA ALA A 109 -6.60 -3.09 4.04
C ALA A 109 -6.86 -4.57 4.28
N PRO A 110 -8.00 -4.88 4.92
CA PRO A 110 -8.39 -6.27 5.22
C PRO A 110 -8.76 -7.05 3.96
N ARG A 111 -8.49 -8.34 3.98
CA ARG A 111 -8.80 -9.21 2.84
C ARG A 111 -10.25 -9.68 2.89
N GLY A 1 -8.09 -24.98 25.31
CA GLY A 1 -7.88 -23.59 25.67
C GLY A 1 -8.51 -22.64 24.67
N SER A 2 -8.73 -21.40 25.10
CA SER A 2 -9.33 -20.40 24.23
C SER A 2 -8.78 -19.01 24.56
N SER A 3 -8.07 -18.41 23.61
CA SER A 3 -7.48 -17.09 23.80
C SER A 3 -7.63 -16.25 22.53
N GLY A 4 -7.33 -14.96 22.65
CA GLY A 4 -7.42 -14.07 21.51
C GLY A 4 -7.27 -12.62 21.89
N SER A 5 -6.24 -11.97 21.35
CA SER A 5 -5.98 -10.57 21.64
C SER A 5 -5.37 -9.85 20.43
N SER A 6 -6.18 -9.03 19.77
CA SER A 6 -5.73 -8.30 18.59
C SER A 6 -4.96 -7.06 19.00
N GLY A 7 -5.51 -6.31 19.95
CA GLY A 7 -4.86 -5.09 20.40
C GLY A 7 -4.72 -4.05 19.31
N MET A 8 -3.76 -3.15 19.47
CA MET A 8 -3.52 -2.10 18.48
C MET A 8 -2.10 -1.56 18.59
N SER A 9 -1.39 -1.53 17.48
CA SER A 9 -0.01 -1.03 17.45
C SER A 9 0.27 -0.30 16.15
N SER A 10 1.39 0.43 16.12
CA SER A 10 1.78 1.19 14.94
C SER A 10 1.83 0.30 13.71
N ALA A 11 2.28 0.86 12.59
CA ALA A 11 2.38 0.11 11.35
C ALA A 11 2.85 -1.32 11.60
N ARG A 12 1.92 -2.26 11.58
CA ARG A 12 2.24 -3.66 11.81
C ARG A 12 1.67 -4.55 10.71
N PHE A 13 2.54 -5.05 9.85
CA PHE A 13 2.13 -5.92 8.75
C PHE A 13 3.33 -6.53 8.04
N ASP A 14 3.07 -7.44 7.11
CA ASP A 14 4.13 -8.10 6.37
C ASP A 14 4.22 -7.55 4.95
N SER A 15 4.98 -6.47 4.78
CA SER A 15 5.15 -5.85 3.47
C SER A 15 5.47 -6.90 2.40
N SER A 16 6.03 -8.02 2.84
CA SER A 16 6.40 -9.09 1.92
C SER A 16 5.17 -9.94 1.58
N ASP A 17 4.32 -10.18 2.57
CA ASP A 17 3.11 -10.97 2.37
C ASP A 17 2.17 -10.28 1.39
N ARG A 18 2.25 -10.66 0.12
CA ARG A 18 1.41 -10.08 -0.91
C ARG A 18 -0.06 -10.39 -0.65
N SER A 19 -0.33 -11.54 -0.05
CA SER A 19 -1.69 -11.95 0.26
C SER A 19 -2.24 -11.16 1.43
N ALA A 20 -1.48 -10.17 1.88
CA ALA A 20 -1.89 -9.33 3.00
C ALA A 20 -2.08 -7.88 2.57
N TRP A 21 -1.38 -7.49 1.50
CA TRP A 21 -1.46 -6.13 0.99
C TRP A 21 -1.70 -6.14 -0.52
N TYR A 22 -1.01 -7.03 -1.22
CA TYR A 22 -1.15 -7.13 -2.67
C TYR A 22 -2.53 -7.69 -3.04
N MET A 23 -3.43 -6.81 -3.44
CA MET A 23 -4.78 -7.21 -3.83
C MET A 23 -4.83 -7.54 -5.31
N GLY A 24 -3.67 -7.59 -5.96
CA GLY A 24 -3.61 -7.89 -7.37
C GLY A 24 -4.98 -7.89 -8.02
N PRO A 25 -5.69 -9.03 -7.92
CA PRO A 25 -7.03 -9.18 -8.50
C PRO A 25 -8.07 -8.35 -7.77
N VAL A 26 -8.08 -7.05 -8.03
CA VAL A 26 -9.03 -6.15 -7.39
C VAL A 26 -9.43 -5.01 -8.33
N SER A 27 -10.72 -4.68 -8.33
CA SER A 27 -11.22 -3.62 -9.19
C SER A 27 -10.99 -2.25 -8.56
N ARG A 28 -10.66 -1.27 -9.39
CA ARG A 28 -10.41 0.09 -8.92
C ARG A 28 -11.51 0.55 -7.98
N GLN A 29 -12.76 0.43 -8.43
CA GLN A 29 -13.90 0.84 -7.63
C GLN A 29 -13.86 0.19 -6.25
N GLU A 30 -13.31 -1.01 -6.18
CA GLU A 30 -13.20 -1.75 -4.93
C GLU A 30 -12.13 -1.12 -4.03
N ALA A 31 -10.88 -1.28 -4.41
CA ALA A 31 -9.77 -0.75 -3.63
C ALA A 31 -10.13 0.61 -3.03
N GLN A 32 -11.02 1.33 -3.70
CA GLN A 32 -11.45 2.64 -3.23
C GLN A 32 -12.40 2.51 -2.03
N THR A 33 -13.43 1.70 -2.20
CA THR A 33 -14.42 1.49 -1.14
C THR A 33 -13.76 0.86 0.09
N ARG A 34 -12.63 0.19 -0.12
CA ARG A 34 -11.92 -0.45 0.98
C ARG A 34 -11.06 0.57 1.74
N LEU A 35 -10.65 1.63 1.05
CA LEU A 35 -9.84 2.67 1.65
C LEU A 35 -10.62 3.98 1.75
N GLN A 36 -11.91 3.92 1.47
CA GLN A 36 -12.76 5.10 1.53
C GLN A 36 -13.31 5.31 2.93
N GLY A 37 -12.85 6.38 3.58
CA GLY A 37 -13.31 6.67 4.93
C GLY A 37 -12.50 5.94 5.99
N GLN A 38 -11.94 4.80 5.61
CA GLN A 38 -11.14 4.01 6.53
C GLN A 38 -10.11 4.87 7.26
N ARG A 39 -9.61 4.38 8.38
CA ARG A 39 -8.62 5.11 9.17
C ARG A 39 -7.44 5.53 8.30
N HIS A 40 -6.80 6.62 8.68
CA HIS A 40 -5.64 7.13 7.94
C HIS A 40 -4.43 6.22 8.13
N GLY A 41 -4.00 5.57 7.05
CA GLY A 41 -2.86 4.68 7.11
C GLY A 41 -3.05 3.43 6.28
N MET A 42 -4.30 3.03 6.08
CA MET A 42 -4.61 1.85 5.30
C MET A 42 -4.06 1.97 3.88
N PHE A 43 -3.65 0.84 3.30
CA PHE A 43 -3.11 0.82 1.95
C PHE A 43 -3.27 -0.55 1.31
N LEU A 44 -2.96 -0.64 0.03
CA LEU A 44 -3.07 -1.90 -0.69
C LEU A 44 -2.52 -1.76 -2.11
N VAL A 45 -1.91 -2.83 -2.62
CA VAL A 45 -1.34 -2.83 -3.97
C VAL A 45 -2.19 -3.67 -4.91
N ARG A 46 -2.72 -3.03 -5.94
CA ARG A 46 -3.55 -3.72 -6.93
C ARG A 46 -2.90 -3.67 -8.31
N ASP A 47 -3.52 -4.34 -9.27
CA ASP A 47 -3.02 -4.36 -10.65
C ASP A 47 -3.52 -3.16 -11.44
N SER A 48 -2.60 -2.44 -12.05
CA SER A 48 -2.96 -1.25 -12.84
C SER A 48 -3.76 -1.65 -14.08
N SER A 49 -4.90 -1.00 -14.26
CA SER A 49 -5.75 -1.29 -15.41
C SER A 49 -5.30 -0.51 -16.63
N THR A 50 -4.93 0.76 -16.43
CA THR A 50 -4.47 1.62 -17.52
C THR A 50 -3.56 0.85 -18.47
N CYS A 51 -2.53 0.22 -17.92
CA CYS A 51 -1.58 -0.53 -18.72
C CYS A 51 -1.06 -1.75 -17.95
N PRO A 52 -0.87 -2.86 -18.66
CA PRO A 52 -0.38 -4.11 -18.07
C PRO A 52 1.08 -4.02 -17.63
N GLY A 53 1.32 -4.26 -16.34
CA GLY A 53 2.67 -4.21 -15.82
C GLY A 53 2.78 -3.28 -14.62
N ASP A 54 2.36 -2.04 -14.78
CA ASP A 54 2.42 -1.06 -13.70
C ASP A 54 1.44 -1.43 -12.58
N TYR A 55 1.67 -0.86 -11.41
CA TYR A 55 0.81 -1.14 -10.25
C TYR A 55 0.27 0.16 -9.65
N VAL A 56 -0.76 0.04 -8.82
CA VAL A 56 -1.37 1.19 -8.19
C VAL A 56 -1.52 0.99 -6.69
N LEU A 57 -0.85 1.83 -5.91
CA LEU A 57 -0.91 1.74 -4.46
C LEU A 57 -2.03 2.61 -3.90
N SER A 58 -3.15 1.98 -3.55
CA SER A 58 -4.30 2.71 -3.00
C SER A 58 -4.13 2.93 -1.50
N VAL A 59 -4.14 4.19 -1.09
CA VAL A 59 -4.00 4.54 0.32
C VAL A 59 -5.16 5.41 0.80
N SER A 60 -5.48 5.31 2.07
CA SER A 60 -6.57 6.09 2.65
C SER A 60 -6.03 7.33 3.35
N GLU A 61 -6.22 8.49 2.74
CA GLU A 61 -5.75 9.75 3.31
C GLU A 61 -6.56 10.92 2.78
N ASN A 62 -6.83 11.90 3.64
CA ASN A 62 -7.60 13.08 3.26
C ASN A 62 -9.00 12.69 2.82
N SER A 63 -9.70 11.94 3.67
CA SER A 63 -11.06 11.50 3.37
C SER A 63 -11.18 11.06 1.91
N ARG A 64 -10.10 10.48 1.39
CA ARG A 64 -10.07 10.01 0.01
C ARG A 64 -9.06 8.88 -0.16
N VAL A 65 -8.98 8.35 -1.38
CA VAL A 65 -8.05 7.26 -1.67
C VAL A 65 -6.84 7.76 -2.44
N SER A 66 -5.74 7.97 -1.72
CA SER A 66 -4.51 8.45 -2.33
C SER A 66 -3.89 7.38 -3.23
N HIS A 67 -4.30 7.36 -4.48
CA HIS A 67 -3.78 6.39 -5.45
C HIS A 67 -2.37 6.75 -5.89
N TYR A 68 -1.39 6.04 -5.37
CA TYR A 68 0.01 6.29 -5.70
C TYR A 68 0.51 5.29 -6.74
N ILE A 69 0.48 5.70 -8.01
CA ILE A 69 0.94 4.85 -9.09
C ILE A 69 2.38 4.40 -8.89
N ILE A 70 2.68 3.19 -9.33
CA ILE A 70 4.03 2.65 -9.19
C ILE A 70 4.63 2.30 -10.55
N ASN A 71 5.59 3.11 -10.99
CA ASN A 71 6.24 2.88 -12.28
C ASN A 71 7.12 1.64 -12.24
N SER A 72 7.12 0.88 -13.33
CA SER A 72 7.90 -0.34 -13.41
C SER A 72 9.22 -0.08 -14.12
N LEU A 73 10.31 -0.07 -13.35
CA LEU A 73 11.64 0.17 -13.91
C LEU A 73 12.17 -1.07 -14.62
N PRO A 74 13.03 -0.86 -15.63
CA PRO A 74 13.61 -1.95 -16.41
C PRO A 74 14.62 -2.76 -15.59
N ASN A 75 15.07 -2.19 -14.48
CA ASN A 75 16.03 -2.86 -13.62
C ASN A 75 15.33 -3.65 -12.52
N ARG A 76 14.25 -4.33 -12.89
CA ARG A 76 13.49 -5.13 -11.93
C ARG A 76 13.26 -4.34 -10.65
N ARG A 77 12.88 -3.07 -10.78
CA ARG A 77 12.64 -2.22 -9.62
C ARG A 77 11.36 -1.41 -9.81
N PHE A 78 10.84 -0.86 -8.71
CA PHE A 78 9.62 -0.06 -8.77
C PHE A 78 9.91 1.39 -8.38
N LYS A 79 9.28 2.32 -9.09
CA LYS A 79 9.47 3.74 -8.82
C LYS A 79 8.13 4.42 -8.53
N ILE A 80 7.89 4.70 -7.25
CA ILE A 80 6.65 5.35 -6.84
C ILE A 80 6.83 6.87 -6.76
N GLY A 81 6.32 7.57 -7.76
CA GLY A 81 6.42 9.02 -7.79
C GLY A 81 7.79 9.49 -8.24
N ASP A 82 8.56 10.03 -7.30
CA ASP A 82 9.90 10.53 -7.61
C ASP A 82 10.96 9.76 -6.82
N GLN A 83 10.61 8.55 -6.39
CA GLN A 83 11.53 7.71 -5.62
C GLN A 83 11.61 6.32 -6.22
N GLU A 84 12.68 5.60 -5.87
CA GLU A 84 12.88 4.24 -6.37
C GLU A 84 13.24 3.29 -5.24
N PHE A 85 12.75 2.05 -5.33
CA PHE A 85 13.02 1.05 -4.31
C PHE A 85 13.49 -0.26 -4.95
N ASP A 86 13.85 -1.22 -4.11
CA ASP A 86 14.32 -2.51 -4.58
C ASP A 86 13.17 -3.34 -5.16
N HIS A 87 11.97 -3.13 -4.62
CA HIS A 87 10.78 -3.84 -5.08
C HIS A 87 9.53 -3.35 -4.35
N LEU A 88 8.41 -4.00 -4.61
CA LEU A 88 7.14 -3.62 -3.99
C LEU A 88 7.26 -3.67 -2.47
N PRO A 89 7.58 -4.85 -1.93
CA PRO A 89 7.73 -5.05 -0.49
C PRO A 89 8.97 -4.35 0.07
N ALA A 90 9.60 -3.52 -0.76
CA ALA A 90 10.79 -2.79 -0.35
C ALA A 90 10.49 -1.31 -0.19
N LEU A 91 9.45 -0.84 -0.86
CA LEU A 91 9.06 0.57 -0.80
C LEU A 91 8.09 0.81 0.35
N LEU A 92 7.16 -0.11 0.53
CA LEU A 92 6.17 0.00 1.60
C LEU A 92 6.84 0.02 2.97
N GLU A 93 7.92 -0.75 3.10
CA GLU A 93 8.66 -0.82 4.35
C GLU A 93 9.41 0.48 4.62
N PHE A 94 9.71 1.22 3.56
CA PHE A 94 10.42 2.48 3.68
C PHE A 94 9.45 3.64 3.92
N TYR A 95 8.17 3.39 3.66
CA TYR A 95 7.14 4.40 3.86
C TYR A 95 6.55 4.32 5.26
N LYS A 96 6.66 3.14 5.88
CA LYS A 96 6.14 2.94 7.22
C LYS A 96 6.66 4.00 8.18
N ILE A 97 7.76 4.64 7.82
CA ILE A 97 8.35 5.69 8.63
C ILE A 97 8.17 7.07 7.99
N HIS A 98 8.20 7.09 6.66
CA HIS A 98 8.04 8.34 5.93
C HIS A 98 6.56 8.63 5.65
N TYR A 99 6.19 9.89 5.79
CA TYR A 99 4.80 10.30 5.56
C TYR A 99 4.60 10.75 4.12
N LEU A 100 3.79 10.00 3.38
CA LEU A 100 3.51 10.32 1.98
C LEU A 100 3.08 11.78 1.84
N ASP A 101 1.90 12.09 2.35
CA ASP A 101 1.37 13.45 2.28
C ASP A 101 1.08 13.99 3.67
N THR A 102 0.16 13.33 4.38
CA THR A 102 -0.21 13.75 5.73
C THR A 102 -0.15 12.58 6.70
N THR A 103 0.06 11.38 6.16
CA THR A 103 0.15 10.18 6.99
C THR A 103 1.10 9.16 6.38
N THR A 104 1.26 8.02 7.06
CA THR A 104 2.14 6.97 6.59
C THR A 104 1.39 5.66 6.42
N LEU A 105 2.10 4.62 6.00
CA LEU A 105 1.49 3.31 5.80
C LEU A 105 1.48 2.51 7.10
N ILE A 106 0.29 2.33 7.67
CA ILE A 106 0.15 1.59 8.91
C ILE A 106 -0.03 0.09 8.64
N GLU A 107 -1.19 -0.28 8.11
CA GLU A 107 -1.48 -1.67 7.80
C GLU A 107 -2.36 -1.78 6.56
N PRO A 108 -2.18 -2.86 5.80
CA PRO A 108 -2.96 -3.12 4.57
C PRO A 108 -4.42 -3.46 4.88
N ALA A 109 -5.31 -3.01 4.01
CA ALA A 109 -6.73 -3.27 4.17
C ALA A 109 -6.99 -4.73 4.50
N PRO A 110 -8.19 -5.02 5.06
CA PRO A 110 -8.58 -6.38 5.43
C PRO A 110 -8.83 -7.26 4.21
N ARG A 111 -8.54 -8.56 4.36
CA ARG A 111 -8.73 -9.51 3.28
C ARG A 111 -10.21 -9.64 2.91
N GLY A 1 -11.97 -17.99 20.10
CA GLY A 1 -11.04 -16.88 20.01
C GLY A 1 -10.24 -16.71 21.28
N SER A 2 -9.55 -17.76 21.71
CA SER A 2 -8.75 -17.72 22.93
C SER A 2 -7.33 -17.25 22.63
N SER A 3 -7.16 -15.93 22.53
CA SER A 3 -5.86 -15.34 22.25
C SER A 3 -5.90 -13.83 22.40
N GLY A 4 -4.72 -13.23 22.61
CA GLY A 4 -4.65 -11.79 22.77
C GLY A 4 -3.82 -11.13 21.68
N SER A 5 -4.16 -9.89 21.35
CA SER A 5 -3.45 -9.14 20.32
C SER A 5 -3.13 -7.74 20.79
N SER A 6 -1.84 -7.46 20.96
CA SER A 6 -1.39 -6.15 21.42
C SER A 6 -1.14 -5.22 20.23
N GLY A 7 -1.06 -3.92 20.51
CA GLY A 7 -0.82 -2.95 19.46
C GLY A 7 0.10 -1.84 19.90
N MET A 8 1.34 -2.19 20.24
CA MET A 8 2.33 -1.20 20.68
C MET A 8 3.09 -0.64 19.49
N SER A 9 3.72 -1.52 18.72
CA SER A 9 4.49 -1.11 17.56
C SER A 9 3.57 -0.63 16.44
N SER A 10 3.94 0.49 15.81
CA SER A 10 3.16 1.06 14.73
C SER A 10 3.65 0.56 13.38
N ALA A 11 2.74 0.43 12.42
CA ALA A 11 3.09 -0.03 11.08
C ALA A 11 3.73 -1.42 11.13
N ARG A 12 3.06 -2.36 11.79
CA ARG A 12 3.57 -3.72 11.91
C ARG A 12 2.77 -4.67 11.01
N PHE A 13 3.30 -4.94 9.83
CA PHE A 13 2.65 -5.84 8.89
C PHE A 13 3.67 -6.55 8.01
N ASP A 14 3.22 -7.60 7.32
CA ASP A 14 4.10 -8.36 6.44
C ASP A 14 4.18 -7.73 5.06
N SER A 15 5.30 -7.05 4.79
CA SER A 15 5.50 -6.39 3.50
C SER A 15 5.63 -7.42 2.38
N SER A 16 6.20 -8.59 2.71
CA SER A 16 6.38 -9.64 1.73
C SER A 16 5.08 -10.37 1.45
N ASP A 17 4.28 -10.57 2.51
CA ASP A 17 3.00 -11.26 2.37
C ASP A 17 2.07 -10.50 1.43
N ARG A 18 2.10 -10.88 0.16
CA ARG A 18 1.26 -10.23 -0.84
C ARG A 18 -0.22 -10.46 -0.55
N SER A 19 -0.53 -11.65 -0.05
CA SER A 19 -1.92 -12.00 0.27
C SER A 19 -2.43 -11.17 1.44
N ALA A 20 -1.56 -10.32 1.98
CA ALA A 20 -1.93 -9.48 3.11
C ALA A 20 -2.14 -8.04 2.66
N TRP A 21 -1.47 -7.64 1.59
CA TRP A 21 -1.59 -6.30 1.06
C TRP A 21 -1.90 -6.32 -0.44
N TYR A 22 -1.19 -7.16 -1.17
CA TYR A 22 -1.39 -7.28 -2.61
C TYR A 22 -2.81 -7.73 -2.93
N MET A 23 -3.62 -6.79 -3.43
CA MET A 23 -5.00 -7.10 -3.78
C MET A 23 -5.09 -7.69 -5.19
N GLY A 24 -3.94 -7.75 -5.88
CA GLY A 24 -3.92 -8.30 -7.22
C GLY A 24 -5.23 -8.10 -7.95
N PRO A 25 -6.12 -9.09 -7.85
CA PRO A 25 -7.44 -9.05 -8.50
C PRO A 25 -8.37 -8.02 -7.86
N VAL A 26 -8.17 -6.75 -8.21
CA VAL A 26 -8.99 -5.67 -7.69
C VAL A 26 -9.01 -4.48 -8.64
N SER A 27 -10.18 -3.85 -8.73
CA SER A 27 -10.35 -2.69 -9.61
C SER A 27 -10.40 -1.40 -8.81
N ARG A 28 -9.98 -0.30 -9.42
CA ARG A 28 -9.99 0.99 -8.76
C ARG A 28 -11.28 1.19 -7.97
N GLN A 29 -12.41 0.91 -8.61
CA GLN A 29 -13.71 1.06 -7.97
C GLN A 29 -13.73 0.36 -6.62
N GLU A 30 -13.28 -0.88 -6.60
CA GLU A 30 -13.25 -1.67 -5.38
C GLU A 30 -12.27 -1.06 -4.36
N ALA A 31 -10.99 -1.11 -4.70
CA ALA A 31 -9.96 -0.57 -3.82
C ALA A 31 -10.46 0.65 -3.06
N GLN A 32 -11.26 1.47 -3.74
CA GLN A 32 -11.82 2.67 -3.12
C GLN A 32 -12.75 2.32 -1.96
N THR A 33 -13.71 1.45 -2.24
CA THR A 33 -14.67 1.03 -1.22
C THR A 33 -13.97 0.35 -0.05
N ARG A 34 -12.79 -0.23 -0.33
CA ARG A 34 -12.02 -0.93 0.69
C ARG A 34 -11.26 0.07 1.57
N LEU A 35 -10.94 1.23 0.99
CA LEU A 35 -10.21 2.26 1.72
C LEU A 35 -11.05 3.53 1.83
N GLN A 36 -12.35 3.41 1.54
CA GLN A 36 -13.25 4.55 1.62
C GLN A 36 -13.78 4.74 3.03
N GLY A 37 -13.46 5.89 3.63
CA GLY A 37 -13.91 6.16 4.98
C GLY A 37 -13.21 5.31 6.02
N GLN A 38 -12.07 4.73 5.63
CA GLN A 38 -11.30 3.88 6.52
C GLN A 38 -10.29 4.71 7.32
N ARG A 39 -9.62 4.07 8.27
CA ARG A 39 -8.63 4.75 9.09
C ARG A 39 -7.47 5.25 8.25
N HIS A 40 -6.93 6.40 8.61
CA HIS A 40 -5.81 6.99 7.88
C HIS A 40 -4.57 6.11 7.99
N GLY A 41 -4.01 5.73 6.85
CA GLY A 41 -2.83 4.89 6.84
C GLY A 41 -3.02 3.63 6.02
N MET A 42 -4.26 3.13 5.98
CA MET A 42 -4.57 1.92 5.23
C MET A 42 -4.07 2.03 3.79
N PHE A 43 -3.50 0.93 3.29
CA PHE A 43 -2.98 0.91 1.93
C PHE A 43 -3.21 -0.46 1.28
N LEU A 44 -2.97 -0.54 -0.03
CA LEU A 44 -3.15 -1.79 -0.76
C LEU A 44 -2.55 -1.69 -2.15
N VAL A 45 -1.98 -2.79 -2.62
CA VAL A 45 -1.37 -2.84 -3.95
C VAL A 45 -2.10 -3.82 -4.86
N ARG A 46 -2.73 -3.29 -5.90
CA ARG A 46 -3.47 -4.12 -6.85
C ARG A 46 -2.85 -4.02 -8.24
N ASP A 47 -3.20 -4.97 -9.11
CA ASP A 47 -2.69 -5.00 -10.48
C ASP A 47 -3.29 -3.86 -11.30
N SER A 48 -2.41 -3.03 -11.86
CA SER A 48 -2.85 -1.89 -12.67
C SER A 48 -3.55 -2.37 -13.94
N SER A 49 -4.69 -1.75 -14.25
CA SER A 49 -5.45 -2.11 -15.44
C SER A 49 -5.17 -1.14 -16.58
N THR A 50 -5.02 0.13 -16.25
CA THR A 50 -4.74 1.15 -17.25
C THR A 50 -3.28 1.12 -17.69
N CYS A 51 -2.38 1.18 -16.71
CA CYS A 51 -0.95 1.17 -16.99
C CYS A 51 -0.44 -0.27 -17.13
N PRO A 52 0.34 -0.52 -18.19
CA PRO A 52 0.90 -1.85 -18.47
C PRO A 52 1.97 -2.24 -17.47
N GLY A 53 2.06 -3.53 -17.17
CA GLY A 53 3.05 -4.01 -16.22
C GLY A 53 3.33 -3.01 -15.12
N ASP A 54 2.27 -2.39 -14.62
CA ASP A 54 2.40 -1.40 -13.54
C ASP A 54 1.49 -1.74 -12.37
N TYR A 55 1.57 -0.94 -11.31
CA TYR A 55 0.75 -1.17 -10.13
C TYR A 55 0.24 0.15 -9.56
N VAL A 56 -0.79 0.07 -8.73
CA VAL A 56 -1.37 1.26 -8.12
C VAL A 56 -1.55 1.07 -6.62
N LEU A 57 -0.79 1.84 -5.84
CA LEU A 57 -0.85 1.75 -4.38
C LEU A 57 -1.91 2.71 -3.83
N SER A 58 -3.08 2.17 -3.51
CA SER A 58 -4.17 2.98 -2.97
C SER A 58 -4.03 3.16 -1.47
N VAL A 59 -4.00 4.41 -1.02
CA VAL A 59 -3.86 4.72 0.39
C VAL A 59 -4.99 5.61 0.87
N SER A 60 -5.46 5.37 2.09
CA SER A 60 -6.56 6.15 2.66
C SER A 60 -6.01 7.36 3.41
N GLU A 61 -6.36 8.55 2.93
CA GLU A 61 -5.91 9.78 3.55
C GLU A 61 -6.68 10.99 3.00
N ASN A 62 -6.77 12.04 3.80
CA ASN A 62 -7.48 13.25 3.40
C ASN A 62 -8.95 12.95 3.11
N SER A 63 -9.57 12.18 4.00
CA SER A 63 -10.98 11.82 3.84
C SER A 63 -11.26 11.37 2.41
N ARG A 64 -10.26 10.74 1.78
CA ARG A 64 -10.41 10.26 0.42
C ARG A 64 -9.51 9.05 0.18
N VAL A 65 -9.53 8.55 -1.06
CA VAL A 65 -8.71 7.39 -1.42
C VAL A 65 -7.56 7.80 -2.33
N SER A 66 -6.37 7.93 -1.75
CA SER A 66 -5.18 8.31 -2.50
C SER A 66 -4.75 7.19 -3.45
N HIS A 67 -4.32 7.58 -4.64
CA HIS A 67 -3.88 6.61 -5.65
C HIS A 67 -2.45 6.89 -6.08
N TYR A 68 -1.50 6.20 -5.45
CA TYR A 68 -0.08 6.37 -5.78
C TYR A 68 0.39 5.32 -6.76
N ILE A 69 0.48 5.69 -8.03
CA ILE A 69 0.92 4.78 -9.07
C ILE A 69 2.39 4.39 -8.89
N ILE A 70 2.71 3.14 -9.18
CA ILE A 70 4.08 2.65 -9.04
C ILE A 70 4.65 2.25 -10.40
N ASN A 71 5.53 3.09 -10.93
CA ASN A 71 6.16 2.82 -12.23
C ASN A 71 7.03 1.58 -12.16
N SER A 72 6.99 0.78 -13.22
CA SER A 72 7.79 -0.44 -13.28
C SER A 72 9.08 -0.21 -14.06
N LEU A 73 10.19 -0.16 -13.35
CA LEU A 73 11.50 0.05 -13.97
C LEU A 73 12.02 -1.25 -14.58
N PRO A 74 12.82 -1.11 -15.65
CA PRO A 74 13.41 -2.26 -16.35
C PRO A 74 14.48 -2.96 -15.52
N ASN A 75 14.92 -2.31 -14.45
CA ASN A 75 15.94 -2.87 -13.57
C ASN A 75 15.30 -3.60 -12.40
N ARG A 76 14.22 -4.34 -12.68
CA ARG A 76 13.52 -5.09 -11.65
C ARG A 76 13.32 -4.23 -10.40
N ARG A 77 13.01 -2.96 -10.61
CA ARG A 77 12.78 -2.04 -9.50
C ARG A 77 11.51 -1.22 -9.71
N PHE A 78 10.88 -0.82 -8.62
CA PHE A 78 9.65 -0.05 -8.69
C PHE A 78 9.91 1.41 -8.33
N LYS A 79 9.27 2.32 -9.07
CA LYS A 79 9.43 3.75 -8.84
C LYS A 79 8.08 4.42 -8.60
N ILE A 80 7.81 4.75 -7.35
CA ILE A 80 6.55 5.39 -6.99
C ILE A 80 6.72 6.91 -6.87
N GLY A 81 6.24 7.62 -7.88
CA GLY A 81 6.35 9.07 -7.88
C GLY A 81 7.74 9.55 -8.23
N ASP A 82 8.45 10.09 -7.24
CA ASP A 82 9.80 10.59 -7.46
C ASP A 82 10.80 9.81 -6.63
N GLN A 83 10.48 8.55 -6.33
CA GLN A 83 11.36 7.70 -5.54
C GLN A 83 11.49 6.32 -6.17
N GLU A 84 12.52 5.58 -5.77
CA GLU A 84 12.77 4.25 -6.29
C GLU A 84 13.18 3.29 -5.18
N PHE A 85 12.67 2.07 -5.25
CA PHE A 85 12.99 1.05 -4.24
C PHE A 85 13.44 -0.24 -4.91
N ASP A 86 13.87 -1.20 -4.10
CA ASP A 86 14.33 -2.49 -4.60
C ASP A 86 13.17 -3.29 -5.17
N HIS A 87 12.01 -3.19 -4.53
CA HIS A 87 10.83 -3.91 -4.97
C HIS A 87 9.59 -3.43 -4.21
N LEU A 88 8.46 -4.09 -4.45
CA LEU A 88 7.22 -3.74 -3.80
C LEU A 88 7.37 -3.77 -2.28
N PRO A 89 7.70 -4.95 -1.75
CA PRO A 89 7.90 -5.14 -0.31
C PRO A 89 9.14 -4.43 0.21
N ALA A 90 9.67 -3.52 -0.59
CA ALA A 90 10.86 -2.77 -0.21
C ALA A 90 10.54 -1.29 -0.03
N LEU A 91 9.49 -0.83 -0.70
CA LEU A 91 9.07 0.56 -0.61
C LEU A 91 8.13 0.79 0.56
N LEU A 92 7.21 -0.15 0.76
CA LEU A 92 6.25 -0.06 1.86
C LEU A 92 6.96 0.05 3.20
N GLU A 93 8.09 -0.64 3.32
CA GLU A 93 8.87 -0.62 4.56
C GLU A 93 9.58 0.71 4.73
N PHE A 94 9.98 1.32 3.61
CA PHE A 94 10.67 2.60 3.64
C PHE A 94 9.70 3.74 3.92
N TYR A 95 8.43 3.51 3.60
CA TYR A 95 7.40 4.52 3.81
C TYR A 95 6.95 4.55 5.27
N LYS A 96 7.24 3.46 5.99
CA LYS A 96 6.87 3.36 7.40
C LYS A 96 7.38 4.57 8.19
N ILE A 97 8.39 5.23 7.64
CA ILE A 97 8.97 6.40 8.29
C ILE A 97 8.68 7.68 7.51
N HIS A 98 8.62 7.55 6.18
CA HIS A 98 8.34 8.69 5.31
C HIS A 98 6.85 8.81 5.05
N TYR A 99 6.31 10.02 5.27
CA TYR A 99 4.89 10.27 5.06
C TYR A 99 4.61 10.61 3.60
N LEU A 100 3.87 9.73 2.93
CA LEU A 100 3.53 9.93 1.53
C LEU A 100 3.09 11.37 1.27
N ASP A 101 1.99 11.76 1.91
CA ASP A 101 1.46 13.11 1.77
C ASP A 101 1.25 13.77 3.13
N THR A 102 0.33 13.21 3.91
CA THR A 102 0.03 13.73 5.24
C THR A 102 0.03 12.63 6.29
N THR A 103 0.19 11.39 5.83
CA THR A 103 0.21 10.24 6.72
C THR A 103 1.14 9.15 6.20
N THR A 104 1.38 8.14 7.03
CA THR A 104 2.25 7.03 6.66
C THR A 104 1.46 5.74 6.52
N LEU A 105 2.15 4.66 6.14
CA LEU A 105 1.51 3.37 5.98
C LEU A 105 1.37 2.66 7.32
N ILE A 106 0.14 2.30 7.67
CA ILE A 106 -0.13 1.62 8.93
C ILE A 106 -0.31 0.11 8.70
N GLU A 107 -1.36 -0.26 8.00
CA GLU A 107 -1.65 -1.65 7.72
C GLU A 107 -2.50 -1.80 6.46
N PRO A 108 -2.33 -2.93 5.75
CA PRO A 108 -3.09 -3.21 4.53
C PRO A 108 -4.56 -3.47 4.79
N ALA A 109 -5.42 -2.95 3.93
CA ALA A 109 -6.86 -3.13 4.06
C ALA A 109 -7.22 -4.61 4.12
N PRO A 110 -8.44 -4.90 4.60
CA PRO A 110 -8.94 -6.28 4.71
C PRO A 110 -9.21 -6.92 3.35
N ARG A 111 -9.03 -8.23 3.27
CA ARG A 111 -9.26 -8.95 2.03
C ARG A 111 -10.75 -9.04 1.72
N GLY A 1 4.37 -15.33 27.83
CA GLY A 1 4.07 -14.07 28.47
C GLY A 1 5.04 -12.97 28.08
N SER A 2 5.06 -11.89 28.85
CA SER A 2 5.94 -10.77 28.58
C SER A 2 7.24 -10.90 29.37
N SER A 3 8.33 -10.44 28.78
CA SER A 3 9.64 -10.51 29.43
C SER A 3 10.10 -9.13 29.87
N GLY A 4 10.13 -8.18 28.94
CA GLY A 4 10.54 -6.84 29.26
C GLY A 4 10.79 -6.00 28.03
N SER A 5 9.78 -5.22 27.63
CA SER A 5 9.90 -4.37 26.44
C SER A 5 8.73 -3.39 26.37
N SER A 6 9.04 -2.10 26.22
CA SER A 6 8.03 -1.07 26.15
C SER A 6 8.16 -0.29 24.84
N GLY A 7 7.21 0.64 24.61
CA GLY A 7 7.23 1.43 23.41
C GLY A 7 5.90 1.46 22.71
N MET A 8 5.86 2.01 21.49
CA MET A 8 4.63 2.11 20.72
C MET A 8 4.74 1.28 19.43
N SER A 9 3.67 0.59 19.09
CA SER A 9 3.64 -0.24 17.89
C SER A 9 2.93 0.49 16.74
N SER A 10 3.64 0.65 15.63
CA SER A 10 3.08 1.34 14.46
C SER A 10 3.68 0.79 13.17
N ALA A 11 2.86 0.69 12.14
CA ALA A 11 3.30 0.18 10.84
C ALA A 11 3.83 -1.24 10.97
N ARG A 12 3.07 -2.10 11.64
CA ARG A 12 3.47 -3.49 11.83
C ARG A 12 2.73 -4.41 10.88
N PHE A 13 3.34 -4.69 9.73
CA PHE A 13 2.72 -5.56 8.73
C PHE A 13 3.79 -6.26 7.89
N ASP A 14 3.39 -7.29 7.17
CA ASP A 14 4.31 -8.04 6.31
C ASP A 14 4.28 -7.49 4.89
N SER A 15 5.20 -6.58 4.59
CA SER A 15 5.29 -5.97 3.27
C SER A 15 5.53 -7.04 2.20
N SER A 16 5.99 -8.21 2.64
CA SER A 16 6.26 -9.32 1.72
C SER A 16 4.99 -10.10 1.43
N ASP A 17 4.16 -10.29 2.46
CA ASP A 17 2.91 -11.03 2.31
C ASP A 17 1.98 -10.32 1.34
N ARG A 18 2.07 -10.70 0.06
CA ARG A 18 1.22 -10.11 -0.97
C ARG A 18 -0.25 -10.36 -0.68
N SER A 19 -0.55 -11.53 -0.13
CA SER A 19 -1.93 -11.90 0.19
C SER A 19 -2.44 -11.10 1.38
N ALA A 20 -1.62 -10.16 1.84
CA ALA A 20 -1.99 -9.32 2.98
C ALA A 20 -2.12 -7.87 2.56
N TRP A 21 -1.42 -7.49 1.50
CA TRP A 21 -1.45 -6.11 1.01
C TRP A 21 -1.71 -6.09 -0.49
N TYR A 22 -1.06 -6.99 -1.21
CA TYR A 22 -1.22 -7.06 -2.66
C TYR A 22 -2.61 -7.56 -3.03
N MET A 23 -3.46 -6.64 -3.48
CA MET A 23 -4.82 -6.98 -3.86
C MET A 23 -4.88 -7.42 -5.32
N GLY A 24 -3.75 -7.32 -6.01
CA GLY A 24 -3.69 -7.71 -7.41
C GLY A 24 -5.03 -7.60 -8.10
N PRO A 25 -5.81 -8.69 -8.07
CA PRO A 25 -7.14 -8.74 -8.70
C PRO A 25 -8.15 -7.87 -7.96
N VAL A 26 -8.10 -6.56 -8.21
CA VAL A 26 -9.02 -5.63 -7.58
C VAL A 26 -9.27 -4.42 -8.47
N SER A 27 -10.54 -4.14 -8.74
CA SER A 27 -10.91 -3.02 -9.58
C SER A 27 -10.79 -1.70 -8.82
N ARG A 28 -10.52 -0.62 -9.55
CA ARG A 28 -10.38 0.69 -8.94
C ARG A 28 -11.57 1.02 -8.06
N GLN A 29 -12.78 0.83 -8.59
CA GLN A 29 -14.00 1.11 -7.85
C GLN A 29 -14.02 0.35 -6.53
N GLU A 30 -13.41 -0.83 -6.52
CA GLU A 30 -13.36 -1.66 -5.33
C GLU A 30 -12.34 -1.13 -4.34
N ALA A 31 -11.06 -1.23 -4.70
CA ALA A 31 -9.99 -0.75 -3.84
C ALA A 31 -10.39 0.55 -3.12
N GLN A 32 -11.23 1.33 -3.78
CA GLN A 32 -11.68 2.60 -3.20
C GLN A 32 -12.61 2.35 -2.02
N THR A 33 -13.61 1.50 -2.22
CA THR A 33 -14.58 1.18 -1.18
C THR A 33 -13.90 0.46 -0.01
N ARG A 34 -12.74 -0.13 -0.29
CA ARG A 34 -11.99 -0.87 0.74
C ARG A 34 -11.25 0.10 1.66
N LEU A 35 -10.89 1.26 1.12
CA LEU A 35 -10.17 2.27 1.88
C LEU A 35 -11.01 3.54 2.02
N GLN A 36 -12.24 3.49 1.54
CA GLN A 36 -13.14 4.63 1.61
C GLN A 36 -13.78 4.74 2.98
N GLY A 37 -13.45 5.80 3.71
CA GLY A 37 -14.00 6.00 5.04
C GLY A 37 -13.16 5.35 6.12
N GLN A 38 -12.45 4.28 5.76
CA GLN A 38 -11.60 3.58 6.71
C GLN A 38 -10.65 4.54 7.42
N ARG A 39 -10.06 4.07 8.52
CA ARG A 39 -9.13 4.90 9.29
C ARG A 39 -7.95 5.33 8.43
N HIS A 40 -7.37 6.48 8.76
CA HIS A 40 -6.24 7.01 8.01
C HIS A 40 -5.01 6.12 8.21
N GLY A 41 -4.43 5.68 7.10
CA GLY A 41 -3.25 4.83 7.17
C GLY A 41 -3.38 3.60 6.30
N MET A 42 -4.56 3.00 6.28
CA MET A 42 -4.80 1.80 5.48
C MET A 42 -4.24 1.97 4.07
N PHE A 43 -3.77 0.86 3.49
CA PHE A 43 -3.20 0.89 2.16
C PHE A 43 -3.42 -0.44 1.44
N LEU A 44 -3.06 -0.50 0.17
CA LEU A 44 -3.21 -1.71 -0.63
C LEU A 44 -2.58 -1.55 -2.00
N VAL A 45 -2.03 -2.64 -2.52
CA VAL A 45 -1.39 -2.62 -3.84
C VAL A 45 -2.09 -3.57 -4.80
N ARG A 46 -2.73 -3.01 -5.82
CA ARG A 46 -3.43 -3.81 -6.81
C ARG A 46 -2.82 -3.63 -8.20
N ASP A 47 -3.34 -4.37 -9.18
CA ASP A 47 -2.83 -4.29 -10.54
C ASP A 47 -3.40 -3.08 -11.26
N SER A 48 -2.52 -2.26 -11.84
CA SER A 48 -2.94 -1.07 -12.56
C SER A 48 -3.93 -1.41 -13.67
N SER A 49 -4.44 -0.39 -14.34
CA SER A 49 -5.40 -0.58 -15.42
C SER A 49 -4.95 0.15 -16.69
N THR A 50 -4.74 1.46 -16.56
CA THR A 50 -4.31 2.27 -17.70
C THR A 50 -2.82 2.07 -17.98
N CYS A 51 -2.14 1.39 -17.07
CA CYS A 51 -0.72 1.13 -17.21
C CYS A 51 -0.43 -0.36 -17.28
N PRO A 52 0.42 -0.78 -18.23
CA PRO A 52 0.79 -2.18 -18.42
C PRO A 52 1.65 -2.71 -17.28
N GLY A 53 1.37 -3.92 -16.84
CA GLY A 53 2.12 -4.53 -15.76
C GLY A 53 2.52 -3.52 -14.70
N ASP A 54 1.61 -2.61 -14.38
CA ASP A 54 1.89 -1.57 -13.39
C ASP A 54 1.05 -1.81 -12.14
N TYR A 55 1.30 -1.01 -11.10
CA TYR A 55 0.57 -1.14 -9.85
C TYR A 55 0.14 0.24 -9.33
N VAL A 56 -0.82 0.25 -8.40
CA VAL A 56 -1.31 1.49 -7.83
C VAL A 56 -1.56 1.34 -6.33
N LEU A 57 -0.68 1.93 -5.53
CA LEU A 57 -0.80 1.87 -4.08
C LEU A 57 -1.90 2.80 -3.58
N SER A 58 -3.04 2.23 -3.22
CA SER A 58 -4.17 3.01 -2.72
C SER A 58 -4.17 3.07 -1.20
N VAL A 59 -4.23 4.29 -0.66
CA VAL A 59 -4.22 4.48 0.78
C VAL A 59 -5.36 5.41 1.21
N SER A 60 -5.79 5.28 2.46
CA SER A 60 -6.86 6.11 2.99
C SER A 60 -6.30 7.35 3.70
N GLU A 61 -6.63 8.51 3.16
CA GLU A 61 -6.17 9.78 3.73
C GLU A 61 -6.90 10.96 3.11
N ASN A 62 -7.14 11.99 3.92
CA ASN A 62 -7.84 13.19 3.45
C ASN A 62 -9.27 12.85 3.03
N SER A 63 -9.86 11.86 3.69
CA SER A 63 -11.23 11.44 3.38
C SER A 63 -11.33 10.95 1.93
N ARG A 64 -10.21 10.45 1.41
CA ARG A 64 -10.18 9.95 0.05
C ARG A 64 -9.16 8.81 -0.09
N VAL A 65 -9.03 8.29 -1.30
CA VAL A 65 -8.10 7.20 -1.57
C VAL A 65 -6.97 7.65 -2.49
N SER A 66 -5.79 7.88 -1.92
CA SER A 66 -4.64 8.32 -2.69
C SER A 66 -4.08 7.17 -3.52
N HIS A 67 -4.23 7.28 -4.85
CA HIS A 67 -3.73 6.25 -5.75
C HIS A 67 -2.32 6.57 -6.22
N TYR A 68 -1.32 5.96 -5.58
CA TYR A 68 0.07 6.19 -5.93
C TYR A 68 0.54 5.18 -6.96
N ILE A 69 0.59 5.60 -8.22
CA ILE A 69 1.02 4.73 -9.31
C ILE A 69 2.48 4.32 -9.13
N ILE A 70 2.74 3.03 -9.22
CA ILE A 70 4.10 2.52 -9.08
C ILE A 70 4.66 2.06 -10.42
N ASN A 71 5.63 2.81 -10.93
CA ASN A 71 6.25 2.49 -12.21
C ASN A 71 7.23 1.33 -12.06
N SER A 72 7.10 0.32 -12.92
CA SER A 72 7.97 -0.84 -12.88
C SER A 72 9.18 -0.65 -13.78
N LEU A 73 10.34 -0.41 -13.16
CA LEU A 73 11.57 -0.20 -13.90
C LEU A 73 12.08 -1.51 -14.50
N PRO A 74 12.69 -1.44 -15.69
CA PRO A 74 13.22 -2.60 -16.39
C PRO A 74 14.46 -3.17 -15.70
N ASN A 75 14.88 -2.51 -14.63
CA ASN A 75 16.06 -2.95 -13.88
C ASN A 75 15.65 -3.77 -12.65
N ARG A 76 14.69 -4.67 -12.84
CA ARG A 76 14.22 -5.52 -11.75
C ARG A 76 13.86 -4.68 -10.54
N ARG A 77 13.41 -3.45 -10.77
CA ARG A 77 13.04 -2.55 -9.69
C ARG A 77 11.84 -1.69 -10.09
N PHE A 78 11.20 -1.09 -9.10
CA PHE A 78 10.04 -0.24 -9.34
C PHE A 78 10.36 1.22 -9.04
N LYS A 79 9.36 2.09 -9.19
CA LYS A 79 9.54 3.51 -8.94
C LYS A 79 8.19 4.18 -8.68
N ILE A 80 7.93 4.51 -7.41
CA ILE A 80 6.69 5.15 -7.03
C ILE A 80 6.80 6.67 -7.14
N GLY A 81 6.27 7.23 -8.22
CA GLY A 81 6.32 8.66 -8.41
C GLY A 81 7.72 9.15 -8.77
N ASP A 82 8.42 9.68 -7.78
CA ASP A 82 9.78 10.18 -7.98
C ASP A 82 10.77 9.48 -7.07
N GLN A 83 10.42 8.26 -6.66
CA GLN A 83 11.27 7.46 -5.79
C GLN A 83 11.48 6.07 -6.35
N GLU A 84 12.57 5.42 -5.92
CA GLU A 84 12.89 4.07 -6.38
C GLU A 84 13.18 3.15 -5.21
N PHE A 85 12.91 1.86 -5.40
CA PHE A 85 13.15 0.88 -4.35
C PHE A 85 13.55 -0.47 -4.95
N ASP A 86 14.12 -1.33 -4.12
CA ASP A 86 14.55 -2.65 -4.57
C ASP A 86 13.39 -3.43 -5.16
N HIS A 87 12.19 -3.22 -4.62
CA HIS A 87 10.99 -3.90 -5.10
C HIS A 87 9.75 -3.39 -4.38
N LEU A 88 8.61 -4.02 -4.66
CA LEU A 88 7.35 -3.63 -4.03
C LEU A 88 7.47 -3.67 -2.51
N PRO A 89 7.81 -4.85 -1.97
CA PRO A 89 7.96 -5.04 -0.53
C PRO A 89 9.18 -4.33 0.03
N ALA A 90 9.66 -3.32 -0.70
CA ALA A 90 10.83 -2.56 -0.28
C ALA A 90 10.47 -1.08 -0.09
N LEU A 91 9.56 -0.59 -0.92
CA LEU A 91 9.14 0.81 -0.84
C LEU A 91 8.18 1.02 0.33
N LEU A 92 7.23 0.10 0.49
CA LEU A 92 6.25 0.19 1.56
C LEU A 92 6.93 0.22 2.92
N GLU A 93 7.93 -0.65 3.11
CA GLU A 93 8.67 -0.70 4.37
C GLU A 93 9.39 0.60 4.64
N PHE A 94 9.87 1.24 3.57
CA PHE A 94 10.58 2.52 3.70
C PHE A 94 9.61 3.65 4.03
N TYR A 95 8.36 3.51 3.60
CA TYR A 95 7.35 4.52 3.85
C TYR A 95 6.85 4.46 5.29
N LYS A 96 7.16 3.37 5.97
CA LYS A 96 6.76 3.18 7.35
C LYS A 96 7.23 4.35 8.22
N ILE A 97 8.22 5.08 7.73
CA ILE A 97 8.75 6.23 8.45
C ILE A 97 8.49 7.53 7.69
N HIS A 98 8.52 7.44 6.36
CA HIS A 98 8.29 8.61 5.53
C HIS A 98 6.80 8.80 5.26
N TYR A 99 6.30 10.00 5.51
CA TYR A 99 4.89 10.31 5.30
C TYR A 99 4.63 10.68 3.84
N LEU A 100 3.88 9.84 3.15
CA LEU A 100 3.54 10.08 1.75
C LEU A 100 3.08 11.52 1.54
N ASP A 101 1.90 11.84 2.07
CA ASP A 101 1.35 13.18 1.95
C ASP A 101 1.12 13.81 3.32
N THR A 102 0.20 13.24 4.08
CA THR A 102 -0.12 13.75 5.41
C THR A 102 -0.09 12.62 6.44
N THR A 103 0.06 11.39 5.97
CA THR A 103 0.10 10.23 6.85
C THR A 103 1.05 9.17 6.32
N THR A 104 1.31 8.16 7.13
CA THR A 104 2.21 7.07 6.74
C THR A 104 1.45 5.77 6.55
N LEU A 105 2.18 4.69 6.24
CA LEU A 105 1.56 3.39 6.03
C LEU A 105 1.48 2.60 7.34
N ILE A 106 0.26 2.29 7.76
CA ILE A 106 0.06 1.54 8.99
C ILE A 106 -0.11 0.05 8.70
N GLU A 107 -1.22 -0.30 8.07
CA GLU A 107 -1.50 -1.69 7.73
C GLU A 107 -2.39 -1.78 6.49
N PRO A 108 -2.20 -2.86 5.70
CA PRO A 108 -2.97 -3.09 4.48
C PRO A 108 -4.43 -3.44 4.78
N ALA A 109 -5.34 -2.86 4.01
CA ALA A 109 -6.77 -3.12 4.18
C ALA A 109 -7.04 -4.61 4.34
N PRO A 110 -8.12 -4.95 5.06
CA PRO A 110 -8.50 -6.34 5.29
C PRO A 110 -9.03 -7.02 4.03
N ARG A 111 -8.80 -8.33 3.93
CA ARG A 111 -9.24 -9.08 2.77
C ARG A 111 -10.65 -8.69 2.36
N GLY A 1 -6.92 -18.32 25.36
CA GLY A 1 -6.70 -16.89 25.19
C GLY A 1 -5.28 -16.48 25.51
N SER A 2 -4.66 -15.75 24.59
CA SER A 2 -3.29 -15.29 24.77
C SER A 2 -3.21 -13.77 24.67
N SER A 3 -3.21 -13.11 25.83
CA SER A 3 -3.13 -11.65 25.87
C SER A 3 -2.41 -11.18 27.13
N GLY A 4 -1.25 -10.56 26.95
CA GLY A 4 -0.49 -10.07 28.08
C GLY A 4 -0.21 -8.58 27.99
N SER A 5 0.46 -8.05 29.01
CA SER A 5 0.78 -6.63 29.05
C SER A 5 2.15 -6.37 28.44
N SER A 6 2.45 -7.06 27.34
CA SER A 6 3.73 -6.91 26.66
C SER A 6 3.84 -5.55 25.99
N GLY A 7 2.78 -5.17 25.27
CA GLY A 7 2.78 -3.89 24.59
C GLY A 7 2.29 -3.99 23.16
N MET A 8 2.34 -2.88 22.43
CA MET A 8 1.90 -2.85 21.04
C MET A 8 2.72 -1.85 20.22
N SER A 9 3.04 -2.23 19.00
CA SER A 9 3.83 -1.37 18.12
C SER A 9 2.97 -0.82 16.99
N SER A 10 3.45 0.26 16.36
CA SER A 10 2.72 0.89 15.27
C SER A 10 3.30 0.47 13.91
N ALA A 11 2.41 0.18 12.97
CA ALA A 11 2.83 -0.23 11.63
C ALA A 11 3.46 -1.62 11.65
N ARG A 12 2.75 -2.58 12.23
CA ARG A 12 3.25 -3.95 12.32
C ARG A 12 2.49 -4.87 11.38
N PHE A 13 3.00 -5.03 10.16
CA PHE A 13 2.36 -5.88 9.17
C PHE A 13 3.40 -6.49 8.23
N ASP A 14 2.98 -7.47 7.45
CA ASP A 14 3.87 -8.14 6.50
C ASP A 14 3.91 -7.40 5.17
N SER A 15 5.12 -7.10 4.71
CA SER A 15 5.30 -6.39 3.45
C SER A 15 5.52 -7.36 2.30
N SER A 16 6.00 -8.55 2.62
CA SER A 16 6.25 -9.57 1.62
C SER A 16 4.97 -10.32 1.25
N ASP A 17 4.14 -10.58 2.27
CA ASP A 17 2.88 -11.29 2.06
C ASP A 17 1.98 -10.51 1.11
N ARG A 18 2.09 -10.81 -0.18
CA ARG A 18 1.28 -10.14 -1.19
C ARG A 18 -0.21 -10.35 -0.93
N SER A 19 -0.55 -11.51 -0.38
CA SER A 19 -1.94 -11.84 -0.07
C SER A 19 -2.44 -11.05 1.13
N ALA A 20 -1.58 -10.17 1.64
CA ALA A 20 -1.94 -9.35 2.79
C ALA A 20 -2.03 -7.88 2.41
N TRP A 21 -1.30 -7.48 1.37
CA TRP A 21 -1.30 -6.10 0.90
C TRP A 21 -1.58 -6.04 -0.58
N TYR A 22 -0.97 -6.94 -1.34
CA TYR A 22 -1.15 -6.98 -2.79
C TYR A 22 -2.50 -7.58 -3.15
N MET A 23 -3.43 -6.71 -3.56
CA MET A 23 -4.76 -7.16 -3.94
C MET A 23 -4.82 -7.48 -5.43
N GLY A 24 -3.66 -7.57 -6.06
CA GLY A 24 -3.60 -7.86 -7.48
C GLY A 24 -4.96 -7.80 -8.14
N PRO A 25 -5.74 -8.89 -8.03
CA PRO A 25 -7.08 -8.97 -8.62
C PRO A 25 -8.08 -8.07 -7.90
N VAL A 26 -8.01 -6.78 -8.18
CA VAL A 26 -8.92 -5.82 -7.57
C VAL A 26 -9.25 -4.68 -8.53
N SER A 27 -10.48 -4.20 -8.46
CA SER A 27 -10.92 -3.11 -9.32
C SER A 27 -10.67 -1.76 -8.66
N ARG A 28 -10.48 -0.73 -9.49
CA ARG A 28 -10.23 0.61 -8.99
C ARG A 28 -11.36 1.07 -8.06
N GLN A 29 -12.59 0.88 -8.51
CA GLN A 29 -13.76 1.27 -7.72
C GLN A 29 -13.79 0.52 -6.39
N GLU A 30 -13.29 -0.72 -6.40
CA GLU A 30 -13.27 -1.54 -5.20
C GLU A 30 -12.27 -1.00 -4.19
N ALA A 31 -10.98 -1.13 -4.51
CA ALA A 31 -9.93 -0.65 -3.63
C ALA A 31 -10.33 0.63 -2.92
N GLN A 32 -11.16 1.44 -3.58
CA GLN A 32 -11.62 2.70 -3.02
C GLN A 32 -12.58 2.45 -1.85
N THR A 33 -13.55 1.56 -2.06
CA THR A 33 -14.53 1.24 -1.03
C THR A 33 -13.85 0.64 0.20
N ARG A 34 -12.68 0.04 -0.01
CA ARG A 34 -11.93 -0.57 1.08
C ARG A 34 -11.14 0.49 1.86
N LEU A 35 -10.68 1.51 1.14
CA LEU A 35 -9.91 2.57 1.76
C LEU A 35 -10.73 3.86 1.84
N GLN A 36 -12.01 3.76 1.52
CA GLN A 36 -12.90 4.91 1.55
C GLN A 36 -13.50 5.09 2.95
N GLY A 37 -13.13 6.17 3.61
CA GLY A 37 -13.63 6.44 4.94
C GLY A 37 -12.90 5.67 6.02
N GLN A 38 -12.03 4.75 5.59
CA GLN A 38 -11.27 3.93 6.52
C GLN A 38 -10.27 4.79 7.30
N ARG A 39 -9.74 4.24 8.38
CA ARG A 39 -8.77 4.95 9.21
C ARG A 39 -7.56 5.37 8.39
N HIS A 40 -7.10 6.59 8.62
CA HIS A 40 -5.95 7.12 7.91
C HIS A 40 -4.73 6.23 8.09
N GLY A 41 -4.19 5.74 6.97
CA GLY A 41 -3.03 4.87 7.03
C GLY A 41 -3.18 3.64 6.16
N MET A 42 -4.34 3.01 6.22
CA MET A 42 -4.61 1.82 5.43
C MET A 42 -4.00 1.94 4.03
N PHE A 43 -3.66 0.81 3.43
CA PHE A 43 -3.06 0.78 2.11
C PHE A 43 -3.27 -0.57 1.43
N LEU A 44 -2.95 -0.64 0.14
CA LEU A 44 -3.11 -1.87 -0.62
C LEU A 44 -2.54 -1.72 -2.02
N VAL A 45 -2.00 -2.81 -2.56
CA VAL A 45 -1.43 -2.80 -3.91
C VAL A 45 -2.25 -3.65 -4.86
N ARG A 46 -3.02 -2.99 -5.73
CA ARG A 46 -3.85 -3.68 -6.71
C ARG A 46 -3.23 -3.61 -8.10
N ASP A 47 -3.86 -4.31 -9.04
CA ASP A 47 -3.38 -4.33 -10.42
C ASP A 47 -3.56 -2.97 -11.08
N SER A 48 -2.50 -2.47 -11.71
CA SER A 48 -2.54 -1.17 -12.38
C SER A 48 -3.78 -1.06 -13.27
N SER A 49 -3.96 0.11 -13.86
CA SER A 49 -5.11 0.36 -14.72
C SER A 49 -4.66 0.59 -16.17
N THR A 50 -4.93 -0.38 -17.03
CA THR A 50 -4.55 -0.27 -18.43
C THR A 50 -3.09 0.14 -18.59
N CYS A 51 -2.24 -0.38 -17.69
CA CYS A 51 -0.82 -0.06 -17.72
C CYS A 51 0.01 -1.34 -17.80
N PRO A 52 1.03 -1.33 -18.68
CA PRO A 52 1.92 -2.49 -18.86
C PRO A 52 2.83 -2.72 -17.66
N GLY A 53 2.89 -3.97 -17.22
CA GLY A 53 3.71 -4.31 -16.07
C GLY A 53 3.81 -3.18 -15.07
N ASP A 54 2.67 -2.78 -14.51
CA ASP A 54 2.64 -1.71 -13.53
C ASP A 54 1.76 -2.09 -12.34
N TYR A 55 1.70 -1.20 -11.35
CA TYR A 55 0.91 -1.44 -10.15
C TYR A 55 0.29 -0.15 -9.63
N VAL A 56 -0.48 -0.25 -8.57
CA VAL A 56 -1.13 0.91 -7.97
C VAL A 56 -1.24 0.76 -6.45
N LEU A 57 -0.57 1.65 -5.73
CA LEU A 57 -0.60 1.62 -4.26
C LEU A 57 -1.60 2.63 -3.72
N SER A 58 -2.78 2.14 -3.32
CA SER A 58 -3.82 3.00 -2.78
C SER A 58 -3.73 3.07 -1.26
N VAL A 59 -4.08 4.22 -0.70
CA VAL A 59 -4.05 4.41 0.75
C VAL A 59 -5.22 5.26 1.22
N SER A 60 -5.47 5.25 2.52
CA SER A 60 -6.57 6.02 3.10
C SER A 60 -6.05 7.31 3.71
N GLU A 61 -6.43 8.44 3.11
CA GLU A 61 -6.00 9.74 3.60
C GLU A 61 -6.78 10.86 2.90
N ASN A 62 -6.81 12.03 3.53
CA ASN A 62 -7.51 13.19 2.97
C ASN A 62 -8.94 12.81 2.57
N SER A 63 -9.67 12.22 3.51
CA SER A 63 -11.05 11.80 3.26
C SER A 63 -11.19 11.23 1.86
N ARG A 64 -10.12 10.61 1.37
CA ARG A 64 -10.13 10.00 0.04
C ARG A 64 -9.05 8.93 -0.07
N VAL A 65 -8.92 8.36 -1.27
CA VAL A 65 -7.93 7.31 -1.51
C VAL A 65 -6.80 7.82 -2.41
N SER A 66 -5.61 7.93 -1.84
CA SER A 66 -4.45 8.41 -2.58
C SER A 66 -3.83 7.27 -3.39
N HIS A 67 -4.22 7.16 -4.64
CA HIS A 67 -3.70 6.13 -5.53
C HIS A 67 -2.31 6.50 -6.05
N TYR A 68 -1.28 5.88 -5.47
CA TYR A 68 0.09 6.15 -5.88
C TYR A 68 0.58 5.10 -6.87
N ILE A 69 0.40 5.37 -8.16
CA ILE A 69 0.84 4.45 -9.20
C ILE A 69 2.25 3.95 -8.94
N ILE A 70 2.61 2.83 -9.56
CA ILE A 70 3.93 2.26 -9.40
C ILE A 70 4.52 1.84 -10.75
N ASN A 71 5.30 2.74 -11.35
CA ASN A 71 5.91 2.46 -12.64
C ASN A 71 7.00 1.41 -12.51
N SER A 72 7.02 0.45 -13.43
CA SER A 72 8.00 -0.62 -13.41
C SER A 72 9.25 -0.21 -14.19
N LEU A 73 10.40 -0.25 -13.51
CA LEU A 73 11.67 0.11 -14.14
C LEU A 73 12.33 -1.12 -14.78
N PRO A 74 13.12 -0.87 -15.84
CA PRO A 74 13.82 -1.94 -16.56
C PRO A 74 14.95 -2.54 -15.74
N ASN A 75 15.10 -2.06 -14.51
CA ASN A 75 16.14 -2.56 -13.62
C ASN A 75 15.55 -3.35 -12.47
N ARG A 76 14.61 -4.23 -12.78
CA ARG A 76 13.95 -5.05 -11.76
C ARG A 76 13.62 -4.22 -10.52
N ARG A 77 13.10 -3.03 -10.75
CA ARG A 77 12.75 -2.13 -9.65
C ARG A 77 11.44 -1.40 -9.95
N PHE A 78 10.85 -0.81 -8.91
CA PHE A 78 9.60 -0.08 -9.05
C PHE A 78 9.80 1.41 -8.78
N LYS A 79 8.91 2.23 -9.33
CA LYS A 79 8.99 3.68 -9.13
C LYS A 79 7.63 4.25 -8.73
N ILE A 80 7.50 4.56 -7.44
CA ILE A 80 6.26 5.11 -6.92
C ILE A 80 6.28 6.63 -6.92
N GLY A 81 5.68 7.23 -7.94
CA GLY A 81 5.64 8.68 -8.04
C GLY A 81 6.97 9.26 -8.48
N ASP A 82 7.70 9.84 -7.53
CA ASP A 82 9.00 10.44 -7.82
C ASP A 82 10.11 9.70 -7.09
N GLN A 83 9.75 8.61 -6.42
CA GLN A 83 10.72 7.81 -5.68
C GLN A 83 10.83 6.41 -6.27
N GLU A 84 11.90 5.70 -5.91
CA GLU A 84 12.13 4.35 -6.40
C GLU A 84 12.60 3.43 -5.27
N PHE A 85 12.41 2.13 -5.45
CA PHE A 85 12.81 1.15 -4.46
C PHE A 85 13.32 -0.12 -5.12
N ASP A 86 13.62 -1.13 -4.31
CA ASP A 86 14.12 -2.40 -4.81
C ASP A 86 12.96 -3.31 -5.23
N HIS A 87 11.81 -3.12 -4.58
CA HIS A 87 10.64 -3.92 -4.88
C HIS A 87 9.43 -3.44 -4.08
N LEU A 88 8.32 -4.16 -4.19
CA LEU A 88 7.10 -3.81 -3.47
C LEU A 88 7.35 -3.75 -1.97
N PRO A 89 7.78 -4.87 -1.39
CA PRO A 89 8.07 -4.97 0.04
C PRO A 89 9.31 -4.19 0.44
N ALA A 90 9.83 -3.41 -0.50
CA ALA A 90 11.03 -2.60 -0.25
C ALA A 90 10.67 -1.13 -0.11
N LEU A 91 9.51 -0.75 -0.64
CA LEU A 91 9.06 0.64 -0.57
C LEU A 91 8.04 0.83 0.56
N LEU A 92 7.16 -0.16 0.73
CA LEU A 92 6.14 -0.11 1.77
C LEU A 92 6.79 -0.06 3.15
N GLU A 93 7.90 -0.77 3.31
CA GLU A 93 8.61 -0.80 4.58
C GLU A 93 9.36 0.50 4.82
N PHE A 94 9.72 1.18 3.74
CA PHE A 94 10.44 2.45 3.83
C PHE A 94 9.47 3.61 4.08
N TYR A 95 8.20 3.39 3.77
CA TYR A 95 7.18 4.42 3.96
C TYR A 95 6.56 4.33 5.34
N LYS A 96 6.67 3.16 5.96
CA LYS A 96 6.13 2.94 7.30
C LYS A 96 6.59 4.03 8.26
N ILE A 97 7.66 4.72 7.89
CA ILE A 97 8.21 5.78 8.71
C ILE A 97 8.08 7.14 8.02
N HIS A 98 8.20 7.14 6.70
CA HIS A 98 8.10 8.36 5.92
C HIS A 98 6.64 8.71 5.64
N TYR A 99 6.33 10.00 5.59
CA TYR A 99 4.97 10.45 5.34
C TYR A 99 4.80 10.87 3.88
N LEU A 100 3.97 10.13 3.15
CA LEU A 100 3.73 10.43 1.74
C LEU A 100 3.25 11.87 1.55
N ASP A 101 2.04 12.15 2.04
CA ASP A 101 1.48 13.48 1.94
C ASP A 101 1.21 14.07 3.32
N THR A 102 0.26 13.47 4.03
CA THR A 102 -0.10 13.94 5.37
C THR A 102 -0.08 12.79 6.37
N THR A 103 0.13 11.57 5.87
CA THR A 103 0.17 10.39 6.73
C THR A 103 1.09 9.33 6.14
N THR A 104 1.28 8.25 6.89
CA THR A 104 2.13 7.14 6.45
C THR A 104 1.34 5.84 6.34
N LEU A 105 2.03 4.77 5.98
CA LEU A 105 1.40 3.46 5.84
C LEU A 105 1.40 2.72 7.17
N ILE A 106 0.20 2.42 7.68
CA ILE A 106 0.07 1.70 8.95
C ILE A 106 -0.07 0.21 8.71
N GLU A 107 -1.17 -0.19 8.08
CA GLU A 107 -1.42 -1.60 7.80
C GLU A 107 -2.26 -1.75 6.53
N PRO A 108 -1.99 -2.83 5.77
CA PRO A 108 -2.70 -3.12 4.53
C PRO A 108 -4.14 -3.54 4.77
N ALA A 109 -5.06 -3.00 3.98
CA ALA A 109 -6.48 -3.32 4.10
C ALA A 109 -6.70 -4.83 4.09
N PRO A 110 -7.74 -5.28 4.81
CA PRO A 110 -8.08 -6.71 4.90
C PRO A 110 -8.62 -7.26 3.58
N ARG A 111 -8.33 -8.53 3.31
CA ARG A 111 -8.79 -9.17 2.09
C ARG A 111 -10.27 -9.55 2.18
N GLY A 1 -15.15 -15.23 21.47
CA GLY A 1 -15.14 -13.78 21.56
C GLY A 1 -13.94 -13.17 20.86
N SER A 2 -13.01 -12.63 21.65
CA SER A 2 -11.81 -12.01 21.10
C SER A 2 -10.56 -12.56 21.77
N SER A 3 -9.47 -12.64 21.00
CA SER A 3 -8.21 -13.16 21.52
C SER A 3 -7.03 -12.63 20.70
N GLY A 4 -5.96 -12.27 21.39
CA GLY A 4 -4.78 -11.76 20.72
C GLY A 4 -3.68 -11.36 21.68
N SER A 5 -2.60 -10.80 21.15
CA SER A 5 -1.48 -10.37 21.97
C SER A 5 -1.38 -8.86 22.02
N SER A 6 -0.42 -8.36 22.80
CA SER A 6 -0.23 -6.92 22.94
C SER A 6 0.82 -6.41 21.95
N GLY A 7 0.64 -5.18 21.50
CA GLY A 7 1.57 -4.58 20.56
C GLY A 7 1.78 -3.10 20.79
N MET A 8 2.85 -2.56 20.22
CA MET A 8 3.16 -1.14 20.36
C MET A 8 3.30 -0.47 19.01
N SER A 9 4.24 -0.95 18.20
CA SER A 9 4.47 -0.39 16.88
C SER A 9 3.16 0.04 16.23
N SER A 10 3.24 1.06 15.39
CA SER A 10 2.06 1.57 14.70
C SER A 10 1.76 0.76 13.44
N ALA A 11 2.79 0.52 12.64
CA ALA A 11 2.65 -0.25 11.42
C ALA A 11 3.02 -1.72 11.63
N ARG A 12 2.01 -2.54 11.90
CA ARG A 12 2.23 -3.97 12.12
C ARG A 12 1.69 -4.80 10.97
N PHE A 13 2.57 -5.20 10.06
CA PHE A 13 2.17 -6.00 8.91
C PHE A 13 3.39 -6.52 8.16
N ASP A 14 3.20 -7.60 7.41
CA ASP A 14 4.29 -8.20 6.63
C ASP A 14 4.27 -7.69 5.20
N SER A 15 5.14 -6.73 4.90
CA SER A 15 5.22 -6.15 3.57
C SER A 15 5.61 -7.21 2.54
N SER A 16 5.99 -8.39 3.03
CA SER A 16 6.39 -9.49 2.16
C SER A 16 5.19 -10.36 1.80
N ASP A 17 4.20 -10.39 2.69
CA ASP A 17 3.00 -11.18 2.48
C ASP A 17 2.09 -10.51 1.46
N ARG A 18 2.25 -10.89 0.19
CA ARG A 18 1.43 -10.33 -0.89
C ARG A 18 -0.05 -10.60 -0.65
N SER A 19 -0.34 -11.75 -0.03
CA SER A 19 -1.72 -12.14 0.24
C SER A 19 -2.28 -11.32 1.40
N ALA A 20 -1.54 -10.30 1.83
CA ALA A 20 -1.97 -9.45 2.92
C ALA A 20 -2.08 -8.00 2.49
N TRP A 21 -1.30 -7.64 1.47
CA TRP A 21 -1.30 -6.28 0.95
C TRP A 21 -1.49 -6.27 -0.56
N TYR A 22 -0.85 -7.21 -1.25
CA TYR A 22 -0.94 -7.31 -2.70
C TYR A 22 -2.30 -7.87 -3.12
N MET A 23 -3.20 -6.98 -3.50
CA MET A 23 -4.54 -7.37 -3.93
C MET A 23 -4.60 -7.52 -5.45
N GLY A 24 -3.44 -7.68 -6.07
CA GLY A 24 -3.38 -7.83 -7.51
C GLY A 24 -4.77 -7.89 -8.14
N PRO A 25 -5.47 -9.00 -7.93
CA PRO A 25 -6.82 -9.20 -8.47
C PRO A 25 -7.86 -8.30 -7.80
N VAL A 26 -7.82 -7.01 -8.13
CA VAL A 26 -8.74 -6.04 -7.56
C VAL A 26 -9.17 -5.01 -8.60
N SER A 27 -10.32 -4.38 -8.37
CA SER A 27 -10.84 -3.37 -9.29
C SER A 27 -10.77 -1.98 -8.67
N ARG A 28 -10.26 -1.02 -9.44
CA ARG A 28 -10.15 0.35 -8.97
C ARG A 28 -11.31 0.72 -8.06
N GLN A 29 -12.53 0.58 -8.58
CA GLN A 29 -13.73 0.89 -7.81
C GLN A 29 -13.66 0.28 -6.41
N GLU A 30 -13.18 -0.96 -6.35
CA GLU A 30 -13.07 -1.66 -5.06
C GLU A 30 -12.04 -0.98 -4.17
N ALA A 31 -10.77 -1.05 -4.57
CA ALA A 31 -9.69 -0.44 -3.80
C ALA A 31 -10.16 0.86 -3.13
N GLN A 32 -11.09 1.55 -3.78
CA GLN A 32 -11.62 2.80 -3.24
C GLN A 32 -12.53 2.53 -2.04
N THR A 33 -13.54 1.70 -2.25
CA THR A 33 -14.49 1.37 -1.20
C THR A 33 -13.77 0.76 0.00
N ARG A 34 -12.62 0.16 -0.24
CA ARG A 34 -11.84 -0.47 0.81
C ARG A 34 -11.08 0.58 1.62
N LEU A 35 -10.75 1.69 0.98
CA LEU A 35 -10.02 2.78 1.63
C LEU A 35 -10.87 4.04 1.70
N GLN A 36 -12.15 3.91 1.36
CA GLN A 36 -13.07 5.04 1.40
C GLN A 36 -13.61 5.27 2.80
N GLY A 37 -13.25 6.41 3.39
CA GLY A 37 -13.71 6.73 4.74
C GLY A 37 -13.15 5.78 5.77
N GLN A 38 -12.12 5.04 5.40
CA GLN A 38 -11.49 4.09 6.31
C GLN A 38 -10.43 4.79 7.16
N ARG A 39 -10.06 4.15 8.28
CA ARG A 39 -9.07 4.70 9.19
C ARG A 39 -7.84 5.19 8.42
N HIS A 40 -7.40 6.41 8.73
CA HIS A 40 -6.24 7.00 8.07
C HIS A 40 -5.02 6.08 8.18
N GLY A 41 -4.44 5.75 7.05
CA GLY A 41 -3.27 4.88 7.04
C GLY A 41 -3.45 3.67 6.15
N MET A 42 -4.66 3.11 6.15
CA MET A 42 -4.96 1.94 5.34
C MET A 42 -4.29 2.04 3.97
N PHE A 43 -3.79 0.92 3.47
CA PHE A 43 -3.13 0.88 2.18
C PHE A 43 -3.33 -0.47 1.48
N LEU A 44 -2.96 -0.54 0.22
CA LEU A 44 -3.12 -1.77 -0.56
C LEU A 44 -2.49 -1.62 -1.94
N VAL A 45 -1.99 -2.72 -2.47
CA VAL A 45 -1.36 -2.72 -3.80
C VAL A 45 -2.13 -3.62 -4.77
N ARG A 46 -2.73 -3.00 -5.78
CA ARG A 46 -3.50 -3.74 -6.78
C ARG A 46 -2.85 -3.63 -8.16
N ASP A 47 -3.33 -4.42 -9.09
CA ASP A 47 -2.80 -4.41 -10.45
C ASP A 47 -3.47 -3.33 -11.30
N SER A 48 -2.69 -2.35 -11.73
CA SER A 48 -3.21 -1.25 -12.53
C SER A 48 -4.10 -1.77 -13.66
N SER A 49 -4.75 -0.85 -14.36
CA SER A 49 -5.63 -1.22 -15.46
C SER A 49 -5.14 -0.64 -16.78
N THR A 50 -4.99 0.68 -16.82
CA THR A 50 -4.52 1.37 -18.02
C THR A 50 -3.01 1.46 -18.04
N CYS A 51 -2.36 0.58 -17.28
CA CYS A 51 -0.90 0.57 -17.21
C CYS A 51 -0.36 -0.86 -17.39
N PRO A 52 0.60 -1.01 -18.31
CA PRO A 52 1.22 -2.31 -18.59
C PRO A 52 2.10 -2.79 -17.44
N GLY A 53 1.87 -4.03 -17.01
CA GLY A 53 2.65 -4.59 -15.93
C GLY A 53 2.99 -3.56 -14.86
N ASP A 54 2.01 -2.77 -14.46
CA ASP A 54 2.22 -1.74 -13.45
C ASP A 54 1.32 -1.98 -12.23
N TYR A 55 1.65 -1.34 -11.13
CA TYR A 55 0.88 -1.47 -9.89
C TYR A 55 0.36 -0.12 -9.42
N VAL A 56 -0.61 -0.16 -8.51
CA VAL A 56 -1.20 1.06 -7.97
C VAL A 56 -1.43 0.94 -6.47
N LEU A 57 -0.58 1.61 -5.69
CA LEU A 57 -0.69 1.58 -4.23
C LEU A 57 -1.71 2.60 -3.74
N SER A 58 -2.86 2.09 -3.29
CA SER A 58 -3.92 2.96 -2.79
C SER A 58 -3.88 3.06 -1.27
N VAL A 59 -4.24 4.22 -0.76
CA VAL A 59 -4.23 4.46 0.69
C VAL A 59 -5.31 5.46 1.09
N SER A 60 -5.81 5.33 2.31
CA SER A 60 -6.86 6.22 2.80
C SER A 60 -6.24 7.44 3.48
N GLU A 61 -6.28 8.58 2.78
CA GLU A 61 -5.72 9.82 3.30
C GLU A 61 -6.47 11.02 2.74
N ASN A 62 -6.58 12.07 3.54
CA ASN A 62 -7.27 13.29 3.13
C ASN A 62 -8.71 12.99 2.72
N SER A 63 -9.44 12.33 3.63
CA SER A 63 -10.82 11.98 3.37
C SER A 63 -11.00 11.45 1.95
N ARG A 64 -9.95 10.82 1.43
CA ARG A 64 -9.98 10.27 0.08
C ARG A 64 -9.04 9.07 -0.03
N VAL A 65 -8.99 8.47 -1.22
CA VAL A 65 -8.14 7.32 -1.47
C VAL A 65 -6.98 7.68 -2.39
N SER A 66 -5.83 7.99 -1.79
CA SER A 66 -4.65 8.35 -2.57
C SER A 66 -4.19 7.18 -3.45
N HIS A 67 -4.21 7.39 -4.76
CA HIS A 67 -3.81 6.36 -5.70
C HIS A 67 -2.37 6.58 -6.16
N TYR A 68 -1.43 5.93 -5.49
CA TYR A 68 -0.02 6.07 -5.82
C TYR A 68 0.40 5.02 -6.85
N ILE A 69 0.46 5.43 -8.11
CA ILE A 69 0.85 4.54 -9.20
C ILE A 69 2.33 4.21 -9.14
N ILE A 70 2.66 2.92 -9.20
CA ILE A 70 4.04 2.47 -9.16
C ILE A 70 4.55 2.12 -10.55
N ASN A 71 5.36 3.01 -11.12
CA ASN A 71 5.91 2.78 -12.45
C ASN A 71 6.92 1.63 -12.44
N SER A 72 6.80 0.74 -13.42
CA SER A 72 7.69 -0.42 -13.52
C SER A 72 8.95 -0.05 -14.30
N LEU A 73 10.08 -0.08 -13.60
CA LEU A 73 11.37 0.24 -14.21
C LEU A 73 11.95 -0.97 -14.93
N PRO A 74 12.74 -0.72 -15.98
CA PRO A 74 13.38 -1.77 -16.77
C PRO A 74 14.47 -2.50 -15.99
N ASN A 75 15.02 -1.84 -14.98
CA ASN A 75 16.07 -2.42 -14.16
C ASN A 75 15.48 -3.22 -13.00
N ARG A 76 14.53 -4.10 -13.32
CA ARG A 76 13.89 -4.92 -12.30
C ARG A 76 13.67 -4.13 -11.02
N ARG A 77 13.06 -2.97 -11.14
CA ARG A 77 12.79 -2.11 -9.99
C ARG A 77 11.50 -1.33 -10.18
N PHE A 78 10.92 -0.86 -9.07
CA PHE A 78 9.68 -0.10 -9.12
C PHE A 78 9.94 1.37 -8.81
N LYS A 79 9.01 2.22 -9.23
CA LYS A 79 9.13 3.65 -9.00
C LYS A 79 7.78 4.27 -8.63
N ILE A 80 7.61 4.58 -7.36
CA ILE A 80 6.36 5.18 -6.88
C ILE A 80 6.45 6.70 -6.84
N GLY A 81 5.79 7.35 -7.78
CA GLY A 81 5.80 8.80 -7.84
C GLY A 81 7.13 9.34 -8.33
N ASP A 82 7.92 9.91 -7.41
CA ASP A 82 9.21 10.47 -7.76
C ASP A 82 10.34 9.75 -7.02
N GLN A 83 10.08 8.51 -6.63
CA GLN A 83 11.06 7.71 -5.91
C GLN A 83 11.13 6.30 -6.48
N GLU A 84 12.22 5.59 -6.17
CA GLU A 84 12.42 4.24 -6.66
C GLU A 84 12.83 3.30 -5.52
N PHE A 85 12.46 2.04 -5.63
CA PHE A 85 12.79 1.04 -4.62
C PHE A 85 13.25 -0.26 -5.26
N ASP A 86 13.66 -1.21 -4.43
CA ASP A 86 14.13 -2.50 -4.91
C ASP A 86 12.95 -3.38 -5.32
N HIS A 87 11.82 -3.22 -4.63
CA HIS A 87 10.63 -4.00 -4.94
C HIS A 87 9.46 -3.56 -4.07
N LEU A 88 8.34 -4.26 -4.19
CA LEU A 88 7.15 -3.93 -3.41
C LEU A 88 7.46 -3.87 -1.92
N PRO A 89 7.92 -5.00 -1.37
CA PRO A 89 8.28 -5.11 0.05
C PRO A 89 9.53 -4.31 0.40
N ALA A 90 9.95 -3.45 -0.52
CA ALA A 90 11.14 -2.62 -0.32
C ALA A 90 10.76 -1.15 -0.17
N LEU A 91 9.64 -0.77 -0.77
CA LEU A 91 9.17 0.61 -0.71
C LEU A 91 8.24 0.81 0.47
N LEU A 92 7.37 -0.16 0.71
CA LEU A 92 6.42 -0.09 1.81
C LEU A 92 7.14 0.06 3.14
N GLU A 93 8.17 -0.75 3.34
CA GLU A 93 8.95 -0.72 4.58
C GLU A 93 9.63 0.64 4.74
N PHE A 94 9.96 1.27 3.62
CA PHE A 94 10.63 2.56 3.63
C PHE A 94 9.64 3.68 3.94
N TYR A 95 8.36 3.42 3.67
CA TYR A 95 7.31 4.40 3.93
C TYR A 95 6.68 4.21 5.30
N LYS A 96 7.01 3.07 5.93
CA LYS A 96 6.48 2.76 7.25
C LYS A 96 6.92 3.81 8.27
N ILE A 97 7.90 4.62 7.89
CA ILE A 97 8.41 5.67 8.77
C ILE A 97 8.23 7.04 8.15
N HIS A 98 8.26 7.10 6.82
CA HIS A 98 8.10 8.36 6.11
C HIS A 98 6.63 8.61 5.77
N TYR A 99 6.22 9.88 5.83
CA TYR A 99 4.84 10.24 5.54
C TYR A 99 4.69 10.66 4.07
N LEU A 100 3.94 9.86 3.32
CA LEU A 100 3.72 10.14 1.91
C LEU A 100 3.27 11.58 1.71
N ASP A 101 2.08 11.92 2.18
CA ASP A 101 1.55 13.26 2.05
C ASP A 101 1.28 13.88 3.42
N THR A 102 0.34 13.27 4.15
CA THR A 102 -0.02 13.77 5.47
C THR A 102 -0.02 12.63 6.50
N THR A 103 0.18 11.40 6.01
CA THR A 103 0.20 10.24 6.88
C THR A 103 1.16 9.18 6.36
N THR A 104 1.25 8.06 7.06
CA THR A 104 2.13 6.97 6.66
C THR A 104 1.34 5.68 6.45
N LEU A 105 2.06 4.60 6.12
CA LEU A 105 1.42 3.31 5.89
C LEU A 105 1.26 2.54 7.20
N ILE A 106 0.04 2.51 7.71
CA ILE A 106 -0.25 1.81 8.96
C ILE A 106 -0.34 0.30 8.73
N GLU A 107 -1.38 -0.12 8.02
CA GLU A 107 -1.59 -1.54 7.73
C GLU A 107 -2.43 -1.72 6.47
N PRO A 108 -2.22 -2.85 5.78
CA PRO A 108 -2.95 -3.17 4.56
C PRO A 108 -4.42 -3.48 4.81
N ALA A 109 -5.30 -2.82 4.05
CA ALA A 109 -6.73 -3.03 4.19
C ALA A 109 -7.05 -4.51 4.43
N PRO A 110 -8.16 -4.76 5.15
CA PRO A 110 -8.61 -6.12 5.46
C PRO A 110 -9.11 -6.87 4.22
N ARG A 111 -8.96 -8.18 4.23
CA ARG A 111 -9.40 -9.00 3.10
C ARG A 111 -10.92 -8.93 2.94
N GLY A 1 -4.31 -17.50 27.35
CA GLY A 1 -4.27 -16.80 26.09
C GLY A 1 -4.13 -15.30 26.25
N SER A 2 -3.98 -14.60 25.13
CA SER A 2 -3.82 -13.15 25.16
C SER A 2 -4.95 -12.46 24.42
N SER A 3 -5.91 -11.93 25.17
CA SER A 3 -7.05 -11.24 24.58
C SER A 3 -6.86 -9.73 24.63
N GLY A 4 -5.66 -9.27 24.33
CA GLY A 4 -5.36 -7.86 24.35
C GLY A 4 -5.15 -7.30 22.96
N SER A 5 -4.31 -6.27 22.86
CA SER A 5 -4.04 -5.64 21.57
C SER A 5 -5.30 -5.04 20.97
N SER A 6 -6.11 -4.41 21.82
CA SER A 6 -7.35 -3.79 21.37
C SER A 6 -7.21 -2.28 21.27
N GLY A 7 -7.31 -1.76 20.06
CA GLY A 7 -7.19 -0.33 19.85
C GLY A 7 -6.26 0.01 18.70
N MET A 8 -5.87 1.28 18.62
CA MET A 8 -4.97 1.74 17.55
C MET A 8 -3.67 0.96 17.58
N SER A 9 -3.06 0.81 16.40
CA SER A 9 -1.81 0.07 16.28
C SER A 9 -0.95 0.65 15.16
N SER A 10 0.27 1.06 15.51
CA SER A 10 1.19 1.63 14.53
C SER A 10 1.43 0.67 13.38
N ALA A 11 2.32 1.04 12.47
CA ALA A 11 2.65 0.21 11.32
C ALA A 11 2.95 -1.22 11.74
N ARG A 12 1.95 -2.09 11.65
CA ARG A 12 2.12 -3.49 12.03
C ARG A 12 1.62 -4.42 10.93
N PHE A 13 2.55 -4.92 10.12
CA PHE A 13 2.20 -5.81 9.03
C PHE A 13 3.46 -6.35 8.34
N ASP A 14 3.26 -7.23 7.37
CA ASP A 14 4.38 -7.82 6.63
C ASP A 14 4.40 -7.32 5.19
N SER A 15 5.26 -6.35 4.92
CA SER A 15 5.38 -5.78 3.58
C SER A 15 5.70 -6.86 2.55
N SER A 16 6.35 -7.93 3.02
CA SER A 16 6.72 -9.04 2.14
C SER A 16 5.49 -9.87 1.76
N ASP A 17 4.63 -10.12 2.74
CA ASP A 17 3.42 -10.90 2.50
C ASP A 17 2.48 -10.17 1.55
N ARG A 18 2.47 -10.60 0.30
CA ARG A 18 1.62 -9.98 -0.71
C ARG A 18 0.15 -10.26 -0.43
N SER A 19 -0.14 -11.46 0.07
CA SER A 19 -1.50 -11.85 0.39
C SER A 19 -2.07 -11.01 1.53
N ALA A 20 -1.23 -10.14 2.08
CA ALA A 20 -1.64 -9.28 3.18
C ALA A 20 -1.93 -7.86 2.68
N TRP A 21 -1.22 -7.44 1.63
CA TRP A 21 -1.41 -6.12 1.07
C TRP A 21 -1.73 -6.21 -0.43
N TYR A 22 -0.97 -7.04 -1.14
CA TYR A 22 -1.17 -7.21 -2.57
C TYR A 22 -2.59 -7.70 -2.88
N MET A 23 -3.40 -6.81 -3.44
CA MET A 23 -4.78 -7.15 -3.77
C MET A 23 -4.87 -7.72 -5.18
N GLY A 24 -3.74 -7.78 -5.87
CA GLY A 24 -3.72 -8.31 -7.21
C GLY A 24 -5.02 -8.10 -7.94
N PRO A 25 -5.92 -9.10 -7.85
CA PRO A 25 -7.23 -9.05 -8.51
C PRO A 25 -8.15 -8.02 -7.86
N VAL A 26 -7.95 -6.75 -8.21
CA VAL A 26 -8.77 -5.67 -7.65
C VAL A 26 -8.73 -4.44 -8.56
N SER A 27 -9.81 -3.67 -8.54
CA SER A 27 -9.91 -2.47 -9.37
C SER A 27 -10.09 -1.23 -8.50
N ARG A 28 -9.99 -0.07 -9.12
CA ARG A 28 -10.14 1.20 -8.40
C ARG A 28 -11.48 1.27 -7.68
N GLN A 29 -12.54 0.96 -8.42
CA GLN A 29 -13.90 0.99 -7.85
C GLN A 29 -13.94 0.28 -6.50
N GLU A 30 -13.35 -0.91 -6.45
CA GLU A 30 -13.32 -1.69 -5.22
C GLU A 30 -12.33 -1.10 -4.21
N ALA A 31 -11.05 -1.09 -4.59
CA ALA A 31 -10.02 -0.55 -3.72
C ALA A 31 -10.49 0.70 -2.99
N GLN A 32 -11.30 1.51 -3.68
CA GLN A 32 -11.84 2.73 -3.10
C GLN A 32 -12.78 2.42 -1.94
N THR A 33 -13.74 1.55 -2.19
CA THR A 33 -14.70 1.16 -1.15
C THR A 33 -14.00 0.53 0.04
N ARG A 34 -12.81 0.00 -0.19
CA ARG A 34 -12.04 -0.63 0.88
C ARG A 34 -11.28 0.41 1.70
N LEU A 35 -10.87 1.49 1.04
CA LEU A 35 -10.13 2.55 1.70
C LEU A 35 -11.00 3.80 1.84
N GLN A 36 -12.27 3.67 1.48
CA GLN A 36 -13.20 4.79 1.56
C GLN A 36 -13.78 4.91 2.98
N GLY A 37 -13.44 5.99 3.67
CA GLY A 37 -13.93 6.19 5.02
C GLY A 37 -13.04 5.55 6.06
N GLN A 38 -12.38 4.46 5.69
CA GLN A 38 -11.50 3.75 6.60
C GLN A 38 -10.54 4.71 7.30
N ARG A 39 -9.95 4.26 8.39
CA ARG A 39 -9.01 5.08 9.14
C ARG A 39 -7.83 5.50 8.28
N HIS A 40 -7.14 6.55 8.70
CA HIS A 40 -5.99 7.06 7.96
C HIS A 40 -4.77 6.17 8.17
N GLY A 41 -4.26 5.61 7.08
CA GLY A 41 -3.10 4.74 7.16
C GLY A 41 -3.24 3.50 6.31
N MET A 42 -4.46 3.01 6.18
CA MET A 42 -4.73 1.82 5.38
C MET A 42 -4.17 1.97 3.97
N PHE A 43 -3.69 0.86 3.41
CA PHE A 43 -3.12 0.87 2.06
C PHE A 43 -3.33 -0.48 1.38
N LEU A 44 -3.06 -0.52 0.08
CA LEU A 44 -3.22 -1.74 -0.70
C LEU A 44 -2.66 -1.57 -2.11
N VAL A 45 -1.97 -2.60 -2.60
CA VAL A 45 -1.39 -2.56 -3.93
C VAL A 45 -2.09 -3.55 -4.87
N ARG A 46 -2.64 -3.03 -5.95
CA ARG A 46 -3.34 -3.86 -6.92
C ARG A 46 -2.81 -3.63 -8.33
N ASP A 47 -3.12 -4.54 -9.24
CA ASP A 47 -2.68 -4.43 -10.63
C ASP A 47 -3.44 -3.32 -11.35
N SER A 48 -2.69 -2.37 -11.91
CA SER A 48 -3.29 -1.25 -12.63
C SER A 48 -4.35 -1.74 -13.61
N SER A 49 -5.16 -0.82 -14.11
CA SER A 49 -6.22 -1.15 -15.06
C SER A 49 -5.99 -0.46 -16.39
N THR A 50 -4.99 0.41 -16.44
CA THR A 50 -4.66 1.14 -17.66
C THR A 50 -3.16 1.14 -17.91
N CYS A 51 -2.40 1.51 -16.90
CA CYS A 51 -0.94 1.57 -17.01
C CYS A 51 -0.37 0.19 -17.33
N PRO A 52 0.58 0.15 -18.28
CA PRO A 52 1.22 -1.10 -18.70
C PRO A 52 2.13 -1.68 -17.63
N GLY A 53 1.97 -2.97 -17.36
CA GLY A 53 2.78 -3.63 -16.35
C GLY A 53 3.14 -2.70 -15.19
N ASP A 54 2.14 -1.99 -14.68
CA ASP A 54 2.34 -1.06 -13.58
C ASP A 54 1.43 -1.41 -12.41
N TYR A 55 1.59 -0.69 -11.30
CA TYR A 55 0.79 -0.93 -10.11
C TYR A 55 0.23 0.39 -9.56
N VAL A 56 -0.66 0.28 -8.58
CA VAL A 56 -1.26 1.46 -7.97
C VAL A 56 -1.48 1.25 -6.47
N LEU A 57 -0.72 1.97 -5.66
CA LEU A 57 -0.84 1.86 -4.21
C LEU A 57 -1.95 2.78 -3.68
N SER A 58 -3.08 2.17 -3.34
CA SER A 58 -4.22 2.92 -2.81
C SER A 58 -4.19 2.98 -1.30
N VAL A 59 -4.33 4.18 -0.75
CA VAL A 59 -4.32 4.37 0.70
C VAL A 59 -5.43 5.32 1.14
N SER A 60 -5.80 5.25 2.42
CA SER A 60 -6.85 6.10 2.96
C SER A 60 -6.26 7.37 3.58
N GLU A 61 -6.30 8.45 2.82
CA GLU A 61 -5.77 9.73 3.30
C GLU A 61 -6.67 10.89 2.86
N ASN A 62 -6.80 11.88 3.72
CA ASN A 62 -7.63 13.05 3.44
C ASN A 62 -9.05 12.62 3.06
N SER A 63 -9.62 11.71 3.84
CA SER A 63 -10.97 11.21 3.57
C SER A 63 -11.13 10.81 2.11
N ARG A 64 -10.05 10.29 1.53
CA ARG A 64 -10.08 9.86 0.14
C ARG A 64 -9.05 8.76 -0.11
N VAL A 65 -9.13 8.13 -1.28
CA VAL A 65 -8.20 7.06 -1.64
C VAL A 65 -7.08 7.57 -2.53
N SER A 66 -5.88 7.66 -1.96
CA SER A 66 -4.72 8.14 -2.70
C SER A 66 -4.12 7.02 -3.55
N HIS A 67 -4.34 7.11 -4.86
CA HIS A 67 -3.82 6.11 -5.79
C HIS A 67 -2.41 6.46 -6.24
N TYR A 68 -1.42 5.92 -5.54
CA TYR A 68 -0.02 6.18 -5.86
C TYR A 68 0.48 5.22 -6.94
N ILE A 69 0.57 5.71 -8.16
CA ILE A 69 1.04 4.90 -9.28
C ILE A 69 2.49 4.45 -9.07
N ILE A 70 2.78 3.21 -9.47
CA ILE A 70 4.12 2.67 -9.33
C ILE A 70 4.69 2.26 -10.68
N ASN A 71 5.61 3.07 -11.20
CA ASN A 71 6.24 2.80 -12.49
C ASN A 71 7.08 1.53 -12.42
N SER A 72 7.04 0.74 -13.49
CA SER A 72 7.79 -0.51 -13.54
C SER A 72 9.11 -0.31 -14.27
N LEU A 73 10.21 -0.35 -13.53
CA LEU A 73 11.54 -0.18 -14.10
C LEU A 73 12.03 -1.47 -14.74
N PRO A 74 12.84 -1.34 -15.80
CA PRO A 74 13.40 -2.48 -16.53
C PRO A 74 14.44 -3.24 -15.71
N ASN A 75 15.02 -2.55 -14.73
CA ASN A 75 16.04 -3.15 -13.87
C ASN A 75 15.40 -3.90 -12.72
N ARG A 76 14.26 -4.54 -12.99
CA ARG A 76 13.54 -5.29 -11.96
C ARG A 76 13.35 -4.45 -10.70
N ARG A 77 12.89 -3.22 -10.88
CA ARG A 77 12.67 -2.32 -9.75
C ARG A 77 11.41 -1.48 -9.97
N PHE A 78 10.82 -1.01 -8.88
CA PHE A 78 9.61 -0.19 -8.95
C PHE A 78 9.91 1.25 -8.55
N LYS A 79 9.31 2.19 -9.28
CA LYS A 79 9.50 3.61 -9.01
C LYS A 79 8.17 4.29 -8.70
N ILE A 80 7.95 4.59 -7.42
CA ILE A 80 6.71 5.24 -7.00
C ILE A 80 6.88 6.76 -6.98
N GLY A 81 6.31 7.42 -7.99
CA GLY A 81 6.41 8.87 -8.07
C GLY A 81 7.79 9.34 -8.46
N ASP A 82 8.50 9.91 -7.49
CA ASP A 82 9.86 10.41 -7.73
C ASP A 82 10.88 9.64 -6.89
N GLN A 83 10.53 8.42 -6.51
CA GLN A 83 11.42 7.58 -5.70
C GLN A 83 11.53 6.18 -6.28
N GLU A 84 12.60 5.48 -5.94
CA GLU A 84 12.82 4.13 -6.42
C GLU A 84 13.18 3.18 -5.27
N PHE A 85 12.81 1.92 -5.42
CA PHE A 85 13.08 0.93 -4.39
C PHE A 85 13.53 -0.40 -5.02
N ASP A 86 13.95 -1.33 -4.18
CA ASP A 86 14.41 -2.63 -4.65
C ASP A 86 13.24 -3.45 -5.20
N HIS A 87 12.06 -3.24 -4.63
CA HIS A 87 10.87 -3.96 -5.07
C HIS A 87 9.63 -3.45 -4.34
N LEU A 88 8.50 -4.10 -4.59
CA LEU A 88 7.24 -3.71 -3.96
C LEU A 88 7.36 -3.74 -2.43
N PRO A 89 7.68 -4.92 -1.89
CA PRO A 89 7.83 -5.12 -0.44
C PRO A 89 9.08 -4.42 0.10
N ALA A 90 9.69 -3.58 -0.73
CA ALA A 90 10.89 -2.86 -0.33
C ALA A 90 10.59 -1.38 -0.16
N LEU A 91 9.55 -0.90 -0.81
CA LEU A 91 9.16 0.50 -0.73
C LEU A 91 8.20 0.74 0.43
N LEU A 92 7.25 -0.18 0.60
CA LEU A 92 6.27 -0.07 1.68
C LEU A 92 6.95 -0.03 3.03
N GLU A 93 8.04 -0.79 3.17
CA GLU A 93 8.78 -0.85 4.42
C GLU A 93 9.55 0.45 4.65
N PHE A 94 9.84 1.17 3.56
CA PHE A 94 10.56 2.43 3.65
C PHE A 94 9.61 3.59 3.87
N TYR A 95 8.32 3.34 3.63
CA TYR A 95 7.31 4.37 3.81
C TYR A 95 6.72 4.35 5.21
N LYS A 96 6.85 3.20 5.86
CA LYS A 96 6.33 3.03 7.22
C LYS A 96 6.84 4.15 8.14
N ILE A 97 7.93 4.79 7.72
CA ILE A 97 8.51 5.87 8.49
C ILE A 97 8.34 7.22 7.79
N HIS A 98 8.34 7.19 6.46
CA HIS A 98 8.18 8.39 5.66
C HIS A 98 6.71 8.67 5.38
N TYR A 99 6.32 9.93 5.51
CA TYR A 99 4.94 10.34 5.28
C TYR A 99 4.71 10.70 3.81
N LEU A 100 3.91 9.89 3.13
CA LEU A 100 3.60 10.13 1.72
C LEU A 100 3.09 11.55 1.51
N ASP A 101 1.89 11.82 2.02
CA ASP A 101 1.28 13.13 1.88
C ASP A 101 1.02 13.76 3.25
N THR A 102 0.12 13.15 4.01
CA THR A 102 -0.23 13.64 5.34
C THR A 102 -0.22 12.51 6.36
N THR A 103 0.01 11.29 5.89
CA THR A 103 0.05 10.12 6.76
C THR A 103 0.99 9.06 6.22
N THR A 104 1.28 8.05 7.04
CA THR A 104 2.17 6.97 6.64
C THR A 104 1.40 5.67 6.45
N LEU A 105 2.11 4.61 6.09
CA LEU A 105 1.50 3.31 5.86
C LEU A 105 1.45 2.50 7.15
N ILE A 106 0.24 2.32 7.69
CA ILE A 106 0.07 1.56 8.92
C ILE A 106 -0.09 0.08 8.64
N GLU A 107 -1.24 -0.29 8.07
CA GLU A 107 -1.51 -1.69 7.75
C GLU A 107 -2.40 -1.80 6.51
N PRO A 108 -2.23 -2.89 5.75
CA PRO A 108 -3.00 -3.15 4.53
C PRO A 108 -4.47 -3.44 4.82
N ALA A 109 -5.35 -3.03 3.91
CA ALA A 109 -6.78 -3.26 4.06
C ALA A 109 -7.09 -4.75 4.12
N PRO A 110 -8.25 -5.08 4.71
CA PRO A 110 -8.69 -6.47 4.85
C PRO A 110 -9.09 -7.09 3.51
N ARG A 111 -8.88 -8.40 3.38
CA ARG A 111 -9.23 -9.10 2.15
C ARG A 111 -10.54 -9.87 2.30
N GLY A 1 -9.05 -9.26 16.73
CA GLY A 1 -9.86 -8.74 17.81
C GLY A 1 -9.25 -7.50 18.44
N SER A 2 -9.96 -6.91 19.39
CA SER A 2 -9.47 -5.70 20.07
C SER A 2 -9.87 -5.71 21.55
N SER A 3 -9.29 -4.81 22.32
CA SER A 3 -9.58 -4.71 23.75
C SER A 3 -9.38 -3.28 24.24
N GLY A 4 -10.17 -2.90 25.24
CA GLY A 4 -10.07 -1.56 25.80
C GLY A 4 -8.93 -1.44 26.79
N SER A 5 -7.73 -1.86 26.37
CA SER A 5 -6.56 -1.80 27.23
C SER A 5 -5.27 -1.93 26.41
N SER A 6 -4.41 -0.92 26.51
CA SER A 6 -3.14 -0.92 25.79
C SER A 6 -3.37 -1.29 24.32
N GLY A 7 -4.42 -0.74 23.73
CA GLY A 7 -4.73 -1.02 22.34
C GLY A 7 -4.19 0.04 21.41
N MET A 8 -2.88 0.07 21.25
CA MET A 8 -2.23 1.05 20.37
C MET A 8 -1.00 0.44 19.69
N SER A 9 -1.12 0.17 18.39
CA SER A 9 -0.03 -0.41 17.64
C SER A 9 0.26 0.40 16.38
N SER A 10 1.53 0.49 16.01
CA SER A 10 1.93 1.24 14.82
C SER A 10 2.03 0.33 13.61
N ALA A 11 2.49 0.89 12.49
CA ALA A 11 2.63 0.13 11.25
C ALA A 11 3.05 -1.31 11.54
N ARG A 12 2.09 -2.22 11.54
CA ARG A 12 2.37 -3.63 11.79
C ARG A 12 1.76 -4.51 10.71
N PHE A 13 2.60 -4.96 9.78
CA PHE A 13 2.15 -5.82 8.69
C PHE A 13 3.34 -6.45 7.97
N ASP A 14 3.06 -7.43 7.12
CA ASP A 14 4.10 -8.13 6.37
C ASP A 14 4.20 -7.58 4.95
N SER A 15 5.24 -6.81 4.69
CA SER A 15 5.45 -6.22 3.37
C SER A 15 5.68 -7.30 2.32
N SER A 16 6.33 -8.38 2.73
CA SER A 16 6.63 -9.48 1.82
C SER A 16 5.36 -10.28 1.51
N ASP A 17 4.48 -10.40 2.51
CA ASP A 17 3.24 -11.13 2.34
C ASP A 17 2.29 -10.38 1.41
N ARG A 18 2.28 -10.78 0.14
CA ARG A 18 1.42 -10.14 -0.85
C ARG A 18 -0.05 -10.41 -0.54
N SER A 19 -0.34 -11.62 -0.08
CA SER A 19 -1.71 -12.01 0.24
C SER A 19 -2.25 -11.20 1.42
N ALA A 20 -1.39 -10.37 1.99
CA ALA A 20 -1.76 -9.53 3.12
C ALA A 20 -2.06 -8.10 2.68
N TRP A 21 -1.41 -7.68 1.60
CA TRP A 21 -1.59 -6.33 1.07
C TRP A 21 -1.91 -6.37 -0.42
N TYR A 22 -1.14 -7.16 -1.16
CA TYR A 22 -1.35 -7.28 -2.60
C TYR A 22 -2.79 -7.66 -2.92
N MET A 23 -3.51 -6.73 -3.53
CA MET A 23 -4.91 -6.96 -3.89
C MET A 23 -5.02 -7.51 -5.31
N GLY A 24 -3.90 -7.49 -6.03
CA GLY A 24 -3.90 -8.00 -7.39
C GLY A 24 -5.24 -7.84 -8.08
N PRO A 25 -6.09 -8.89 -7.98
CA PRO A 25 -7.41 -8.89 -8.58
C PRO A 25 -8.36 -7.92 -7.89
N VAL A 26 -8.25 -6.64 -8.20
CA VAL A 26 -9.10 -5.62 -7.60
C VAL A 26 -9.26 -4.42 -8.53
N SER A 27 -10.47 -3.87 -8.58
CA SER A 27 -10.76 -2.72 -9.43
C SER A 27 -10.77 -1.43 -8.62
N ARG A 28 -10.44 -0.32 -9.27
CA ARG A 28 -10.41 0.98 -8.60
C ARG A 28 -11.65 1.16 -7.73
N GLN A 29 -12.82 1.09 -8.36
CA GLN A 29 -14.09 1.26 -7.65
C GLN A 29 -14.07 0.50 -6.32
N GLU A 30 -13.55 -0.72 -6.36
CA GLU A 30 -13.47 -1.55 -5.16
C GLU A 30 -12.39 -1.04 -4.21
N ALA A 31 -11.14 -1.10 -4.65
CA ALA A 31 -10.02 -0.64 -3.85
C ALA A 31 -10.41 0.57 -3.00
N GLN A 32 -11.17 1.47 -3.60
CA GLN A 32 -11.60 2.68 -2.91
C GLN A 32 -12.56 2.34 -1.78
N THR A 33 -13.63 1.63 -2.10
CA THR A 33 -14.62 1.23 -1.11
C THR A 33 -13.97 0.58 0.10
N ARG A 34 -12.75 0.07 -0.10
CA ARG A 34 -12.02 -0.58 0.97
C ARG A 34 -11.28 0.43 1.82
N LEU A 35 -10.84 1.51 1.19
CA LEU A 35 -10.11 2.57 1.88
C LEU A 35 -10.92 3.87 1.91
N GLN A 36 -12.21 3.76 1.59
CA GLN A 36 -13.08 4.93 1.57
C GLN A 36 -13.73 5.13 2.94
N GLY A 37 -13.25 6.14 3.67
CA GLY A 37 -13.79 6.44 4.98
C GLY A 37 -13.03 5.74 6.09
N GLN A 38 -12.24 4.73 5.72
CA GLN A 38 -11.45 3.98 6.69
C GLN A 38 -10.47 4.90 7.43
N ARG A 39 -9.86 4.37 8.47
CA ARG A 39 -8.90 5.14 9.27
C ARG A 39 -7.63 5.42 8.47
N HIS A 40 -7.20 6.68 8.49
CA HIS A 40 -6.00 7.08 7.75
C HIS A 40 -4.86 6.10 8.01
N GLY A 41 -4.17 5.69 6.95
CA GLY A 41 -3.07 4.76 7.08
C GLY A 41 -3.23 3.54 6.21
N MET A 42 -4.45 3.00 6.17
CA MET A 42 -4.73 1.81 5.36
C MET A 42 -4.13 1.95 3.97
N PHE A 43 -3.58 0.86 3.46
CA PHE A 43 -2.97 0.84 2.13
C PHE A 43 -3.21 -0.48 1.43
N LEU A 44 -2.86 -0.54 0.15
CA LEU A 44 -3.03 -1.76 -0.64
C LEU A 44 -2.43 -1.60 -2.03
N VAL A 45 -1.95 -2.69 -2.60
CA VAL A 45 -1.35 -2.67 -3.93
C VAL A 45 -2.14 -3.55 -4.89
N ARG A 46 -2.81 -2.92 -5.85
CA ARG A 46 -3.60 -3.64 -6.84
C ARG A 46 -3.03 -3.46 -8.24
N ASP A 47 -3.51 -4.26 -9.18
CA ASP A 47 -3.05 -4.18 -10.56
C ASP A 47 -3.39 -2.82 -11.18
N SER A 48 -2.41 -2.20 -11.81
CA SER A 48 -2.61 -0.90 -12.44
C SER A 48 -3.69 -0.97 -13.50
N SER A 49 -4.15 0.20 -13.96
CA SER A 49 -5.18 0.27 -14.97
C SER A 49 -4.58 0.24 -16.38
N THR A 50 -5.14 -0.58 -17.25
CA THR A 50 -4.66 -0.71 -18.62
C THR A 50 -3.16 -0.52 -18.69
N CYS A 51 -2.46 -0.97 -17.64
CA CYS A 51 -1.01 -0.85 -17.58
C CYS A 51 -0.38 -2.16 -17.10
N PRO A 52 0.20 -2.91 -18.04
CA PRO A 52 0.84 -4.20 -17.73
C PRO A 52 2.13 -4.02 -16.94
N GLY A 53 2.28 -4.80 -15.87
CA GLY A 53 3.47 -4.71 -15.05
C GLY A 53 3.38 -3.62 -14.01
N ASP A 54 2.76 -2.50 -14.38
CA ASP A 54 2.62 -1.37 -13.47
C ASP A 54 1.66 -1.72 -12.33
N TYR A 55 1.82 -1.03 -11.21
CA TYR A 55 0.98 -1.27 -10.04
C TYR A 55 0.43 0.05 -9.50
N VAL A 56 -0.54 -0.06 -8.58
CA VAL A 56 -1.16 1.12 -7.99
C VAL A 56 -1.40 0.90 -6.50
N LEU A 57 -0.64 1.62 -5.67
CA LEU A 57 -0.78 1.51 -4.23
C LEU A 57 -1.86 2.46 -3.71
N SER A 58 -3.00 1.90 -3.36
CA SER A 58 -4.12 2.71 -2.86
C SER A 58 -4.06 2.81 -1.33
N VAL A 59 -4.21 4.03 -0.83
CA VAL A 59 -4.17 4.27 0.61
C VAL A 59 -5.22 5.30 1.03
N SER A 60 -5.64 5.23 2.28
CA SER A 60 -6.65 6.15 2.80
C SER A 60 -5.99 7.40 3.39
N GLU A 61 -6.26 8.55 2.77
CA GLU A 61 -5.70 9.81 3.22
C GLU A 61 -6.54 10.99 2.73
N ASN A 62 -6.74 11.97 3.60
CA ASN A 62 -7.52 13.16 3.26
C ASN A 62 -8.95 12.77 2.92
N SER A 63 -9.57 12.00 3.80
CA SER A 63 -10.94 11.56 3.59
C SER A 63 -11.16 11.08 2.16
N ARG A 64 -10.11 10.54 1.56
CA ARG A 64 -10.18 10.05 0.19
C ARG A 64 -9.24 8.86 -0.01
N VAL A 65 -9.23 8.31 -1.22
CA VAL A 65 -8.37 7.18 -1.54
C VAL A 65 -7.23 7.61 -2.47
N SER A 66 -6.04 7.76 -1.90
CA SER A 66 -4.87 8.16 -2.67
C SER A 66 -4.32 6.98 -3.48
N HIS A 67 -4.59 6.99 -4.78
CA HIS A 67 -4.13 5.93 -5.67
C HIS A 67 -2.75 6.27 -6.23
N TYR A 68 -1.70 5.86 -5.52
CA TYR A 68 -0.33 6.11 -5.96
C TYR A 68 0.11 5.09 -6.98
N ILE A 69 0.55 5.57 -8.14
CA ILE A 69 1.01 4.69 -9.21
C ILE A 69 2.48 4.31 -9.02
N ILE A 70 2.81 3.06 -9.30
CA ILE A 70 4.17 2.57 -9.16
C ILE A 70 4.72 2.10 -10.50
N ASN A 71 5.61 2.91 -11.10
CA ASN A 71 6.21 2.56 -12.37
C ASN A 71 7.17 1.39 -12.23
N SER A 72 7.07 0.44 -13.15
CA SER A 72 7.94 -0.74 -13.13
C SER A 72 9.18 -0.52 -14.00
N LEU A 73 10.28 -0.17 -13.37
CA LEU A 73 11.53 0.05 -14.09
C LEU A 73 12.09 -1.25 -14.66
N PRO A 74 12.65 -1.17 -15.87
CA PRO A 74 13.24 -2.34 -16.54
C PRO A 74 14.50 -2.83 -15.86
N ASN A 75 14.94 -2.11 -14.83
CA ASN A 75 16.14 -2.47 -14.10
C ASN A 75 15.80 -3.26 -12.84
N ARG A 76 14.83 -4.17 -12.96
CA ARG A 76 14.41 -4.99 -11.83
C ARG A 76 14.15 -4.13 -10.60
N ARG A 77 13.52 -2.97 -10.81
CA ARG A 77 13.21 -2.06 -9.73
C ARG A 77 11.93 -1.28 -10.00
N PHE A 78 11.30 -0.77 -8.95
CA PHE A 78 10.08 -0.01 -9.09
C PHE A 78 10.31 1.47 -8.81
N LYS A 79 9.37 2.31 -9.25
CA LYS A 79 9.48 3.75 -9.06
C LYS A 79 8.12 4.36 -8.71
N ILE A 80 7.93 4.70 -7.45
CA ILE A 80 6.67 5.29 -7.00
C ILE A 80 6.79 6.81 -6.91
N GLY A 81 6.21 7.50 -7.90
CA GLY A 81 6.26 8.94 -7.92
C GLY A 81 7.61 9.48 -8.32
N ASP A 82 8.35 10.01 -7.37
CA ASP A 82 9.67 10.56 -7.63
C ASP A 82 10.74 9.82 -6.83
N GLN A 83 10.43 8.59 -6.42
CA GLN A 83 11.36 7.78 -5.64
C GLN A 83 11.53 6.40 -6.27
N GLU A 84 12.54 5.68 -5.82
CA GLU A 84 12.81 4.34 -6.33
C GLU A 84 13.25 3.41 -5.21
N PHE A 85 12.86 2.14 -5.31
CA PHE A 85 13.21 1.14 -4.31
C PHE A 85 13.69 -0.15 -4.96
N ASP A 86 14.02 -1.14 -4.14
CA ASP A 86 14.51 -2.42 -4.64
C ASP A 86 13.35 -3.25 -5.20
N HIS A 87 12.17 -3.10 -4.61
CA HIS A 87 10.99 -3.83 -5.04
C HIS A 87 9.74 -3.33 -4.32
N LEU A 88 8.62 -4.00 -4.57
CA LEU A 88 7.36 -3.62 -3.95
C LEU A 88 7.47 -3.65 -2.43
N PRO A 89 7.79 -4.83 -1.87
CA PRO A 89 7.95 -5.01 -0.43
C PRO A 89 9.19 -4.30 0.12
N ALA A 90 9.78 -3.45 -0.70
CA ALA A 90 10.97 -2.71 -0.30
C ALA A 90 10.67 -1.22 -0.15
N LEU A 91 9.60 -0.77 -0.81
CA LEU A 91 9.20 0.63 -0.75
C LEU A 91 8.24 0.88 0.40
N LEU A 92 7.31 -0.05 0.59
CA LEU A 92 6.32 0.05 1.66
C LEU A 92 7.01 0.09 3.03
N GLU A 93 8.05 -0.71 3.17
CA GLU A 93 8.79 -0.78 4.43
C GLU A 93 9.52 0.53 4.70
N PHE A 94 9.87 1.25 3.63
CA PHE A 94 10.57 2.51 3.74
C PHE A 94 9.60 3.65 4.03
N TYR A 95 8.33 3.44 3.69
CA TYR A 95 7.30 4.45 3.89
C TYR A 95 6.74 4.37 5.32
N LYS A 96 6.90 3.21 5.94
CA LYS A 96 6.42 3.00 7.30
C LYS A 96 6.88 4.13 8.22
N ILE A 97 7.92 4.84 7.79
CA ILE A 97 8.46 5.95 8.58
C ILE A 97 8.28 7.28 7.85
N HIS A 98 8.33 7.23 6.52
CA HIS A 98 8.17 8.43 5.71
C HIS A 98 6.71 8.68 5.39
N TYR A 99 6.26 9.92 5.62
CA TYR A 99 4.87 10.28 5.36
C TYR A 99 4.68 10.71 3.91
N LEU A 100 3.91 9.93 3.17
CA LEU A 100 3.64 10.23 1.77
C LEU A 100 3.12 11.65 1.59
N ASP A 101 1.91 11.90 2.09
CA ASP A 101 1.31 13.22 2.00
C ASP A 101 1.06 13.80 3.39
N THR A 102 0.12 13.19 4.11
CA THR A 102 -0.21 13.65 5.45
C THR A 102 -0.12 12.51 6.47
N THR A 103 0.01 11.29 5.96
CA THR A 103 0.11 10.11 6.82
C THR A 103 1.06 9.08 6.22
N THR A 104 1.22 7.97 6.93
CA THR A 104 2.11 6.89 6.47
C THR A 104 1.35 5.59 6.31
N LEU A 105 2.07 4.51 6.01
CA LEU A 105 1.47 3.20 5.83
C LEU A 105 1.45 2.43 7.14
N ILE A 106 0.25 2.20 7.67
CA ILE A 106 0.09 1.47 8.92
C ILE A 106 -0.14 -0.02 8.66
N GLU A 107 -1.31 -0.35 8.14
CA GLU A 107 -1.64 -1.74 7.84
C GLU A 107 -2.49 -1.83 6.57
N PRO A 108 -2.31 -2.93 5.83
CA PRO A 108 -3.05 -3.18 4.58
C PRO A 108 -4.53 -3.46 4.82
N ALA A 109 -5.38 -2.89 3.99
CA ALA A 109 -6.82 -3.08 4.10
C ALA A 109 -7.15 -4.56 4.28
N PRO A 110 -8.24 -4.83 5.03
CA PRO A 110 -8.69 -6.19 5.30
C PRO A 110 -9.26 -6.87 4.06
N ARG A 111 -9.09 -8.18 3.97
CA ARG A 111 -9.59 -8.95 2.82
C ARG A 111 -11.06 -9.32 3.02
N GLY A 1 0.42 -23.31 19.24
CA GLY A 1 0.22 -22.17 18.37
C GLY A 1 0.11 -20.86 19.13
N SER A 2 1.25 -20.36 19.59
CA SER A 2 1.28 -19.11 20.35
C SER A 2 1.76 -17.96 19.48
N SER A 3 1.01 -16.86 19.48
CA SER A 3 1.36 -15.69 18.69
C SER A 3 1.01 -14.40 19.43
N GLY A 4 2.04 -13.64 19.78
CA GLY A 4 1.82 -12.39 20.50
C GLY A 4 3.10 -11.84 21.10
N SER A 5 3.19 -10.52 21.18
CA SER A 5 4.36 -9.87 21.74
C SER A 5 3.97 -8.73 22.69
N SER A 6 4.77 -8.54 23.73
CA SER A 6 4.50 -7.49 24.71
C SER A 6 4.71 -6.11 24.10
N GLY A 7 3.83 -5.17 24.46
CA GLY A 7 3.94 -3.82 23.95
C GLY A 7 3.58 -3.74 22.47
N MET A 8 2.43 -3.15 22.17
CA MET A 8 1.97 -3.01 20.79
C MET A 8 2.82 -1.98 20.05
N SER A 9 2.98 -2.19 18.75
CA SER A 9 3.77 -1.28 17.92
C SER A 9 3.02 -0.92 16.64
N SER A 10 3.29 0.28 16.12
CA SER A 10 2.64 0.75 14.91
C SER A 10 3.26 0.10 13.68
N ALA A 11 2.57 0.22 12.55
CA ALA A 11 3.06 -0.35 11.30
C ALA A 11 3.50 -1.80 11.48
N ARG A 12 2.62 -2.61 12.08
CA ARG A 12 2.92 -4.01 12.32
C ARG A 12 2.27 -4.90 11.26
N PHE A 13 2.96 -5.05 10.13
CA PHE A 13 2.45 -5.88 9.03
C PHE A 13 3.60 -6.34 8.13
N ASP A 14 3.38 -7.46 7.44
CA ASP A 14 4.39 -8.02 6.55
C ASP A 14 4.26 -7.42 5.15
N SER A 15 5.34 -6.80 4.69
CA SER A 15 5.34 -6.18 3.36
C SER A 15 5.53 -7.22 2.27
N SER A 16 6.01 -8.40 2.67
CA SER A 16 6.24 -9.49 1.72
C SER A 16 4.96 -10.28 1.48
N ASP A 17 4.17 -10.45 2.53
CA ASP A 17 2.91 -11.19 2.44
C ASP A 17 1.96 -10.52 1.45
N ARG A 18 2.08 -10.89 0.18
CA ARG A 18 1.24 -10.33 -0.86
C ARG A 18 -0.25 -10.57 -0.56
N SER A 19 -0.53 -11.72 0.04
CA SER A 19 -1.90 -12.09 0.38
C SER A 19 -2.42 -11.23 1.54
N ALA A 20 -1.58 -10.30 2.00
CA ALA A 20 -1.96 -9.42 3.10
C ALA A 20 -2.09 -7.97 2.62
N TRP A 21 -1.37 -7.63 1.57
CA TRP A 21 -1.42 -6.28 1.02
C TRP A 21 -1.70 -6.31 -0.48
N TYR A 22 -1.06 -7.26 -1.18
CA TYR A 22 -1.24 -7.40 -2.62
C TYR A 22 -2.66 -7.84 -2.95
N MET A 23 -3.32 -7.06 -3.80
CA MET A 23 -4.69 -7.37 -4.21
C MET A 23 -4.79 -7.49 -5.72
N GLY A 24 -3.65 -7.68 -6.38
CA GLY A 24 -3.63 -7.81 -7.82
C GLY A 24 -5.02 -7.73 -8.43
N PRO A 25 -5.81 -8.79 -8.26
CA PRO A 25 -7.17 -8.86 -8.79
C PRO A 25 -8.13 -7.92 -8.06
N VAL A 26 -8.01 -6.63 -8.34
CA VAL A 26 -8.85 -5.62 -7.70
C VAL A 26 -9.32 -4.58 -8.71
N SER A 27 -10.45 -3.94 -8.41
CA SER A 27 -11.00 -2.92 -9.29
C SER A 27 -11.00 -1.55 -8.63
N ARG A 28 -10.62 -0.52 -9.37
CA ARG A 28 -10.57 0.83 -8.85
C ARG A 28 -11.72 1.08 -7.87
N GLN A 29 -12.94 0.80 -8.32
CA GLN A 29 -14.12 1.00 -7.49
C GLN A 29 -13.99 0.23 -6.18
N GLU A 30 -13.48 -0.99 -6.26
CA GLU A 30 -13.30 -1.83 -5.09
C GLU A 30 -12.28 -1.22 -4.13
N ALA A 31 -11.00 -1.30 -4.52
CA ALA A 31 -9.92 -0.76 -3.70
C ALA A 31 -10.35 0.55 -3.02
N GLN A 32 -11.23 1.29 -3.68
CA GLN A 32 -11.72 2.55 -3.14
C GLN A 32 -12.68 2.31 -1.99
N THR A 33 -13.67 1.45 -2.21
CA THR A 33 -14.66 1.14 -1.19
C THR A 33 -13.99 0.59 0.07
N ARG A 34 -12.80 0.04 -0.09
CA ARG A 34 -12.06 -0.52 1.03
C ARG A 34 -11.32 0.58 1.80
N LEU A 35 -10.88 1.60 1.08
CA LEU A 35 -10.15 2.71 1.69
C LEU A 35 -11.02 3.96 1.73
N GLN A 36 -12.29 3.80 1.38
CA GLN A 36 -13.23 4.93 1.38
C GLN A 36 -13.86 5.11 2.75
N GLY A 37 -13.53 6.24 3.39
CA GLY A 37 -14.07 6.52 4.71
C GLY A 37 -13.31 5.81 5.81
N GLN A 38 -12.52 4.81 5.45
CA GLN A 38 -11.73 4.05 6.40
C GLN A 38 -10.75 4.96 7.15
N ARG A 39 -10.20 4.45 8.23
CA ARG A 39 -9.24 5.22 9.04
C ARG A 39 -8.05 5.66 8.19
N HIS A 40 -7.36 6.70 8.64
CA HIS A 40 -6.20 7.21 7.93
C HIS A 40 -4.98 6.31 8.14
N GLY A 41 -4.40 5.85 7.04
CA GLY A 41 -3.24 4.97 7.13
C GLY A 41 -3.39 3.71 6.31
N MET A 42 -4.62 3.22 6.21
CA MET A 42 -4.89 2.01 5.43
C MET A 42 -4.26 2.09 4.05
N PHE A 43 -3.83 0.95 3.54
CA PHE A 43 -3.21 0.89 2.22
C PHE A 43 -3.44 -0.47 1.56
N LEU A 44 -3.18 -0.54 0.26
CA LEU A 44 -3.37 -1.79 -0.48
C LEU A 44 -2.88 -1.63 -1.93
N VAL A 45 -2.18 -2.64 -2.42
CA VAL A 45 -1.67 -2.62 -3.78
C VAL A 45 -2.51 -3.51 -4.71
N ARG A 46 -2.54 -3.16 -5.99
CA ARG A 46 -3.30 -3.93 -6.97
C ARG A 46 -2.57 -3.98 -8.31
N ASP A 47 -3.19 -4.63 -9.29
CA ASP A 47 -2.60 -4.75 -10.62
C ASP A 47 -3.11 -3.64 -11.53
N SER A 48 -2.22 -2.73 -11.90
CA SER A 48 -2.58 -1.62 -12.79
C SER A 48 -3.30 -2.13 -14.04
N SER A 49 -4.51 -1.62 -14.25
CA SER A 49 -5.31 -2.01 -15.40
C SER A 49 -4.66 -1.55 -16.70
N THR A 50 -4.87 -2.32 -17.77
CA THR A 50 -4.30 -1.99 -19.07
C THR A 50 -2.84 -1.57 -18.95
N CYS A 51 -2.17 -2.07 -17.91
CA CYS A 51 -0.77 -1.75 -17.68
C CYS A 51 -0.04 -2.94 -17.06
N PRO A 52 0.78 -3.63 -17.88
CA PRO A 52 1.55 -4.79 -17.43
C PRO A 52 2.67 -4.41 -16.47
N GLY A 53 2.73 -5.09 -15.33
CA GLY A 53 3.76 -4.80 -14.34
C GLY A 53 3.41 -3.61 -13.47
N ASP A 54 2.95 -2.53 -14.10
CA ASP A 54 2.58 -1.32 -13.38
C ASP A 54 1.63 -1.64 -12.23
N TYR A 55 1.72 -0.88 -11.15
CA TYR A 55 0.86 -1.08 -9.98
C TYR A 55 0.34 0.25 -9.46
N VAL A 56 -0.38 0.19 -8.34
CA VAL A 56 -0.94 1.39 -7.73
C VAL A 56 -1.28 1.16 -6.26
N LEU A 57 -0.56 1.83 -5.38
CA LEU A 57 -0.78 1.69 -3.95
C LEU A 57 -1.87 2.64 -3.47
N SER A 58 -3.05 2.09 -3.19
CA SER A 58 -4.19 2.89 -2.73
C SER A 58 -4.20 2.97 -1.21
N VAL A 59 -4.32 4.19 -0.69
CA VAL A 59 -4.35 4.40 0.76
C VAL A 59 -5.43 5.41 1.13
N SER A 60 -5.83 5.39 2.40
CA SER A 60 -6.86 6.31 2.88
C SER A 60 -6.23 7.51 3.57
N GLU A 61 -6.21 8.64 2.85
CA GLU A 61 -5.63 9.87 3.39
C GLU A 61 -6.28 11.09 2.76
N ASN A 62 -6.31 12.20 3.49
CA ASN A 62 -6.90 13.43 3.01
C ASN A 62 -8.38 13.25 2.70
N SER A 63 -9.03 12.36 3.45
CA SER A 63 -10.45 12.08 3.26
C SER A 63 -10.71 11.55 1.85
N ARG A 64 -9.75 10.80 1.33
CA ARG A 64 -9.87 10.21 0.00
C ARG A 64 -8.93 9.03 -0.17
N VAL A 65 -8.97 8.40 -1.34
CA VAL A 65 -8.11 7.26 -1.63
C VAL A 65 -6.96 7.66 -2.54
N SER A 66 -5.76 7.74 -1.97
CA SER A 66 -4.57 8.12 -2.72
C SER A 66 -4.08 6.95 -3.57
N HIS A 67 -4.33 7.02 -4.88
CA HIS A 67 -3.92 5.97 -5.79
C HIS A 67 -2.49 6.20 -6.28
N TYR A 68 -1.52 5.95 -5.40
CA TYR A 68 -0.11 6.13 -5.74
C TYR A 68 0.34 5.11 -6.77
N ILE A 69 0.28 5.50 -8.04
CA ILE A 69 0.68 4.61 -9.13
C ILE A 69 2.16 4.29 -9.05
N ILE A 70 2.47 2.99 -8.99
CA ILE A 70 3.86 2.55 -8.90
C ILE A 70 4.42 2.21 -10.28
N ASN A 71 5.29 3.07 -10.79
CA ASN A 71 5.89 2.86 -12.11
C ASN A 71 6.80 1.63 -12.10
N SER A 72 6.95 1.01 -13.26
CA SER A 72 7.79 -0.17 -13.39
C SER A 72 9.10 0.17 -14.10
N LEU A 73 10.17 0.28 -13.33
CA LEU A 73 11.49 0.60 -13.87
C LEU A 73 12.08 -0.61 -14.60
N PRO A 74 12.82 -0.33 -15.68
CA PRO A 74 13.47 -1.37 -16.49
C PRO A 74 14.61 -2.07 -15.76
N ASN A 75 15.08 -1.45 -14.69
CA ASN A 75 16.16 -2.00 -13.89
C ASN A 75 15.63 -3.02 -12.88
N ARG A 76 14.60 -3.76 -13.29
CA ARG A 76 14.01 -4.78 -12.42
C ARG A 76 13.61 -4.18 -11.08
N ARG A 77 13.12 -2.93 -11.12
CA ARG A 77 12.69 -2.25 -9.90
C ARG A 77 11.46 -1.39 -10.17
N PHE A 78 10.84 -0.92 -9.09
CA PHE A 78 9.64 -0.09 -9.20
C PHE A 78 9.94 1.35 -8.79
N LYS A 79 9.07 2.26 -9.20
CA LYS A 79 9.24 3.68 -8.87
C LYS A 79 7.90 4.32 -8.54
N ILE A 80 7.66 4.58 -7.26
CA ILE A 80 6.42 5.19 -6.81
C ILE A 80 6.49 6.71 -6.92
N GLY A 81 5.94 7.25 -8.00
CA GLY A 81 5.94 8.69 -8.21
C GLY A 81 7.33 9.22 -8.53
N ASP A 82 8.02 9.73 -7.52
CA ASP A 82 9.36 10.28 -7.70
C ASP A 82 10.37 9.53 -6.83
N GLN A 83 10.03 8.31 -6.44
CA GLN A 83 10.90 7.51 -5.60
C GLN A 83 11.04 6.10 -6.16
N GLU A 84 12.22 5.51 -5.95
CA GLU A 84 12.49 4.16 -6.45
C GLU A 84 12.82 3.23 -5.29
N PHE A 85 12.57 1.93 -5.49
CA PHE A 85 12.84 0.93 -4.46
C PHE A 85 13.27 -0.39 -5.10
N ASP A 86 13.96 -1.22 -4.32
CA ASP A 86 14.41 -2.52 -4.81
C ASP A 86 13.25 -3.36 -5.31
N HIS A 87 12.08 -3.14 -4.73
CA HIS A 87 10.88 -3.88 -5.13
C HIS A 87 9.65 -3.37 -4.39
N LEU A 88 8.52 -4.03 -4.59
CA LEU A 88 7.27 -3.64 -3.94
C LEU A 88 7.43 -3.65 -2.42
N PRO A 89 7.78 -4.82 -1.87
CA PRO A 89 7.96 -4.99 -0.42
C PRO A 89 9.21 -4.28 0.08
N ALA A 90 9.82 -3.46 -0.78
CA ALA A 90 11.01 -2.72 -0.41
C ALA A 90 10.70 -1.23 -0.23
N LEU A 91 9.56 -0.81 -0.74
CA LEU A 91 9.13 0.58 -0.64
C LEU A 91 8.16 0.78 0.52
N LEU A 92 7.23 -0.16 0.67
CA LEU A 92 6.25 -0.10 1.74
C LEU A 92 6.93 -0.05 3.11
N GLU A 93 8.07 -0.74 3.22
CA GLU A 93 8.81 -0.78 4.47
C GLU A 93 9.58 0.53 4.69
N PHE A 94 9.87 1.22 3.59
CA PHE A 94 10.60 2.48 3.66
C PHE A 94 9.66 3.64 3.96
N TYR A 95 8.36 3.39 3.80
CA TYR A 95 7.35 4.43 4.05
C TYR A 95 6.84 4.34 5.48
N LYS A 96 7.13 3.23 6.15
CA LYS A 96 6.70 3.03 7.53
C LYS A 96 7.21 4.15 8.43
N ILE A 97 8.24 4.85 7.97
CA ILE A 97 8.81 5.96 8.73
C ILE A 97 8.59 7.29 8.02
N HIS A 98 8.63 7.26 6.69
CA HIS A 98 8.43 8.47 5.90
C HIS A 98 6.95 8.67 5.58
N TYR A 99 6.49 9.91 5.75
CA TYR A 99 5.09 10.24 5.50
C TYR A 99 4.88 10.62 4.04
N LEU A 100 4.12 9.81 3.31
CA LEU A 100 3.85 10.05 1.90
C LEU A 100 3.45 11.51 1.67
N ASP A 101 2.30 11.90 2.21
CA ASP A 101 1.80 13.26 2.06
C ASP A 101 1.48 13.86 3.43
N THR A 102 0.51 13.27 4.12
CA THR A 102 0.11 13.75 5.43
C THR A 102 0.10 12.62 6.45
N THR A 103 0.31 11.40 5.98
CA THR A 103 0.33 10.23 6.85
C THR A 103 1.25 9.15 6.30
N THR A 104 1.38 8.06 7.05
CA THR A 104 2.24 6.95 6.65
C THR A 104 1.44 5.67 6.51
N LEU A 105 2.12 4.57 6.17
CA LEU A 105 1.48 3.28 6.02
C LEU A 105 1.35 2.57 7.36
N ILE A 106 0.12 2.31 7.78
CA ILE A 106 -0.13 1.64 9.04
C ILE A 106 -0.31 0.14 8.83
N GLU A 107 -1.42 -0.23 8.21
CA GLU A 107 -1.72 -1.63 7.94
C GLU A 107 -2.51 -1.80 6.65
N PRO A 108 -2.23 -2.88 5.90
CA PRO A 108 -2.90 -3.17 4.65
C PRO A 108 -4.36 -3.57 4.85
N ALA A 109 -5.25 -2.98 4.05
CA ALA A 109 -6.67 -3.28 4.15
C ALA A 109 -6.91 -4.78 4.19
N PRO A 110 -8.12 -5.17 4.64
CA PRO A 110 -8.50 -6.58 4.74
C PRO A 110 -8.68 -7.24 3.37
N ARG A 111 -8.34 -8.52 3.28
CA ARG A 111 -8.47 -9.26 2.03
C ARG A 111 -9.18 -10.58 2.26
N GLY A 1 -10.33 -4.96 33.11
CA GLY A 1 -9.08 -5.70 33.23
C GLY A 1 -8.20 -5.58 32.00
N SER A 2 -7.03 -6.19 32.05
CA SER A 2 -6.09 -6.14 30.93
C SER A 2 -4.97 -7.16 31.11
N SER A 3 -4.42 -7.63 30.00
CA SER A 3 -3.34 -8.61 30.04
C SER A 3 -2.20 -8.21 29.10
N GLY A 4 -1.07 -8.87 29.23
CA GLY A 4 0.07 -8.58 28.39
C GLY A 4 -0.31 -8.29 26.95
N SER A 5 0.40 -7.37 26.32
CA SER A 5 0.12 -7.00 24.95
C SER A 5 1.40 -6.61 24.21
N SER A 6 1.52 -7.03 22.96
CA SER A 6 2.69 -6.73 22.16
C SER A 6 2.39 -5.63 21.14
N GLY A 7 3.41 -4.88 20.76
CA GLY A 7 3.24 -3.81 19.79
C GLY A 7 4.17 -2.64 20.05
N MET A 8 5.37 -2.70 19.46
CA MET A 8 6.36 -1.65 19.62
C MET A 8 6.03 -0.45 18.74
N SER A 9 5.89 -0.70 17.44
CA SER A 9 5.58 0.35 16.48
C SER A 9 4.13 0.27 16.03
N SER A 10 3.59 1.39 15.55
CA SER A 10 2.21 1.44 15.09
C SER A 10 2.00 0.49 13.92
N ALA A 11 2.77 0.69 12.86
CA ALA A 11 2.67 -0.15 11.67
C ALA A 11 2.90 -1.61 12.01
N ARG A 12 1.85 -2.42 11.87
CA ARG A 12 1.94 -3.84 12.16
C ARG A 12 1.44 -4.67 10.97
N PHE A 13 2.38 -5.08 10.12
CA PHE A 13 2.04 -5.88 8.95
C PHE A 13 3.30 -6.37 8.24
N ASP A 14 3.15 -7.38 7.40
CA ASP A 14 4.28 -7.95 6.66
C ASP A 14 4.27 -7.47 5.22
N SER A 15 5.23 -6.61 4.88
CA SER A 15 5.33 -6.08 3.53
C SER A 15 5.73 -7.17 2.53
N SER A 16 6.37 -8.21 3.04
CA SER A 16 6.80 -9.34 2.20
C SER A 16 5.61 -10.18 1.77
N ASP A 17 4.61 -10.27 2.64
CA ASP A 17 3.42 -11.06 2.36
C ASP A 17 2.51 -10.33 1.38
N ARG A 18 2.61 -10.70 0.10
CA ARG A 18 1.80 -10.08 -0.94
C ARG A 18 0.32 -10.36 -0.71
N SER A 19 0.02 -11.59 -0.30
CA SER A 19 -1.37 -11.99 -0.05
C SER A 19 -1.96 -11.20 1.10
N ALA A 20 -1.14 -10.38 1.74
CA ALA A 20 -1.58 -9.57 2.86
C ALA A 20 -1.86 -8.13 2.44
N TRP A 21 -1.19 -7.69 1.37
CA TRP A 21 -1.37 -6.34 0.85
C TRP A 21 -1.61 -6.36 -0.65
N TYR A 22 -0.79 -7.12 -1.37
CA TYR A 22 -0.92 -7.22 -2.82
C TYR A 22 -2.30 -7.72 -3.21
N MET A 23 -3.19 -6.79 -3.54
CA MET A 23 -4.55 -7.13 -3.94
C MET A 23 -4.69 -7.11 -5.46
N GLY A 24 -3.65 -7.55 -6.16
CA GLY A 24 -3.69 -7.57 -7.60
C GLY A 24 -5.10 -7.58 -8.15
N PRO A 25 -5.82 -8.69 -7.93
CA PRO A 25 -7.20 -8.84 -8.40
C PRO A 25 -8.17 -7.93 -7.64
N VAL A 26 -8.10 -6.64 -7.92
CA VAL A 26 -8.97 -5.67 -7.27
C VAL A 26 -9.29 -4.50 -8.21
N SER A 27 -10.57 -4.25 -8.41
CA SER A 27 -11.01 -3.16 -9.29
C SER A 27 -10.96 -1.83 -8.55
N ARG A 28 -10.71 -0.76 -9.31
CA ARG A 28 -10.64 0.58 -8.72
C ARG A 28 -11.85 0.85 -7.83
N GLN A 29 -13.04 0.75 -8.41
CA GLN A 29 -14.27 0.99 -7.67
C GLN A 29 -14.25 0.26 -6.33
N GLU A 30 -13.54 -0.88 -6.30
CA GLU A 30 -13.45 -1.67 -5.08
C GLU A 30 -12.40 -1.08 -4.13
N ALA A 31 -11.14 -1.18 -4.52
CA ALA A 31 -10.04 -0.66 -3.71
C ALA A 31 -10.44 0.63 -3.01
N GLN A 32 -11.35 1.39 -3.63
CA GLN A 32 -11.82 2.64 -3.06
C GLN A 32 -12.72 2.40 -1.86
N THR A 33 -13.71 1.53 -2.03
CA THR A 33 -14.64 1.20 -0.95
C THR A 33 -13.91 0.63 0.25
N ARG A 34 -12.75 0.02 0.00
CA ARG A 34 -11.95 -0.58 1.07
C ARG A 34 -11.21 0.50 1.85
N LEU A 35 -10.81 1.56 1.16
CA LEU A 35 -10.09 2.66 1.80
C LEU A 35 -10.94 3.93 1.82
N GLN A 36 -12.23 3.77 1.57
CA GLN A 36 -13.15 4.90 1.56
C GLN A 36 -13.73 5.15 2.95
N GLY A 37 -13.25 6.20 3.60
CA GLY A 37 -13.72 6.53 4.93
C GLY A 37 -12.93 5.82 6.01
N GLN A 38 -12.05 4.93 5.61
CA GLN A 38 -11.24 4.17 6.55
C GLN A 38 -10.21 5.08 7.24
N ARG A 39 -9.64 4.59 8.33
CA ARG A 39 -8.65 5.36 9.08
C ARG A 39 -7.46 5.73 8.18
N HIS A 40 -6.86 6.89 8.45
CA HIS A 40 -5.72 7.36 7.67
C HIS A 40 -4.54 6.41 7.83
N GLY A 41 -4.11 5.81 6.73
CA GLY A 41 -2.99 4.89 6.76
C GLY A 41 -3.20 3.69 5.87
N MET A 42 -4.38 3.07 5.97
CA MET A 42 -4.69 1.90 5.16
C MET A 42 -4.10 2.02 3.76
N PHE A 43 -3.65 0.90 3.21
CA PHE A 43 -3.06 0.88 1.88
C PHE A 43 -3.27 -0.48 1.21
N LEU A 44 -3.09 -0.51 -0.11
CA LEU A 44 -3.26 -1.75 -0.86
C LEU A 44 -2.65 -1.62 -2.26
N VAL A 45 -2.04 -2.69 -2.73
CA VAL A 45 -1.41 -2.70 -4.04
C VAL A 45 -2.16 -3.63 -5.01
N ARG A 46 -2.74 -3.04 -6.04
CA ARG A 46 -3.50 -3.81 -7.03
C ARG A 46 -2.89 -3.63 -8.42
N ASP A 47 -3.31 -4.48 -9.36
CA ASP A 47 -2.82 -4.42 -10.71
C ASP A 47 -3.26 -3.13 -11.40
N SER A 48 -2.35 -2.52 -12.16
CA SER A 48 -2.65 -1.28 -12.86
C SER A 48 -3.73 -1.50 -13.92
N SER A 49 -4.02 -0.45 -14.69
CA SER A 49 -5.04 -0.53 -15.74
C SER A 49 -4.77 -1.71 -16.66
N THR A 50 -5.55 -1.80 -17.74
CA THR A 50 -5.41 -2.89 -18.69
C THR A 50 -3.93 -3.19 -18.96
N CYS A 51 -3.08 -2.21 -18.70
CA CYS A 51 -1.64 -2.39 -18.91
C CYS A 51 -1.03 -3.27 -17.84
N PRO A 52 -0.60 -4.47 -18.23
CA PRO A 52 0.02 -5.45 -17.32
C PRO A 52 1.39 -5.00 -16.83
N GLY A 53 1.72 -5.33 -15.59
CA GLY A 53 3.01 -4.96 -15.03
C GLY A 53 2.90 -3.82 -14.03
N ASP A 54 2.33 -2.71 -14.46
CA ASP A 54 2.16 -1.54 -13.60
C ASP A 54 1.29 -1.88 -12.40
N TYR A 55 1.42 -1.08 -11.34
CA TYR A 55 0.64 -1.30 -10.13
C TYR A 55 0.08 0.01 -9.59
N VAL A 56 -0.86 -0.09 -8.66
CA VAL A 56 -1.48 1.10 -8.07
C VAL A 56 -1.67 0.93 -6.57
N LEU A 57 -0.93 1.69 -5.79
CA LEU A 57 -1.01 1.62 -4.34
C LEU A 57 -2.07 2.59 -3.80
N SER A 58 -3.25 2.05 -3.48
CA SER A 58 -4.34 2.87 -2.97
C SER A 58 -4.29 2.93 -1.45
N VAL A 59 -4.29 4.15 -0.92
CA VAL A 59 -4.25 4.36 0.53
C VAL A 59 -5.28 5.40 0.96
N SER A 60 -5.66 5.35 2.24
CA SER A 60 -6.63 6.28 2.78
C SER A 60 -5.94 7.52 3.36
N GLU A 61 -5.96 8.61 2.60
CA GLU A 61 -5.33 9.86 3.04
C GLU A 61 -6.14 11.06 2.58
N ASN A 62 -6.17 12.09 3.42
CA ASN A 62 -6.92 13.31 3.10
C ASN A 62 -8.39 13.01 2.85
N SER A 63 -9.01 12.32 3.81
CA SER A 63 -10.42 11.96 3.69
C SER A 63 -10.73 11.41 2.30
N ARG A 64 -9.74 10.76 1.70
CA ARG A 64 -9.90 10.18 0.37
C ARG A 64 -8.91 9.05 0.15
N VAL A 65 -9.02 8.40 -1.01
CA VAL A 65 -8.13 7.29 -1.35
C VAL A 65 -7.00 7.76 -2.26
N SER A 66 -5.84 8.03 -1.66
CA SER A 66 -4.68 8.48 -2.41
C SER A 66 -4.11 7.35 -3.26
N HIS A 67 -4.48 7.35 -4.55
CA HIS A 67 -4.00 6.32 -5.47
C HIS A 67 -2.60 6.64 -5.96
N TYR A 68 -1.61 5.93 -5.42
CA TYR A 68 -0.22 6.14 -5.81
C TYR A 68 0.24 5.08 -6.80
N ILE A 69 0.21 5.42 -8.08
CA ILE A 69 0.63 4.50 -9.13
C ILE A 69 2.11 4.17 -9.01
N ILE A 70 2.44 2.89 -9.16
CA ILE A 70 3.83 2.45 -9.09
C ILE A 70 4.40 2.18 -10.48
N ASN A 71 5.37 3.00 -10.87
CA ASN A 71 6.01 2.85 -12.18
C ASN A 71 6.96 1.66 -12.18
N SER A 72 6.84 0.82 -13.21
CA SER A 72 7.69 -0.36 -13.33
C SER A 72 8.95 -0.04 -14.14
N LEU A 73 10.07 0.05 -13.45
CA LEU A 73 11.35 0.35 -14.10
C LEU A 73 11.97 -0.91 -14.68
N PRO A 74 12.76 -0.75 -15.75
CA PRO A 74 13.44 -1.86 -16.43
C PRO A 74 14.55 -2.46 -15.57
N ASN A 75 15.08 -1.65 -14.66
CA ASN A 75 16.16 -2.10 -13.78
C ASN A 75 15.62 -2.96 -12.64
N ARG A 76 14.80 -3.94 -13.00
CA ARG A 76 14.20 -4.84 -12.00
C ARG A 76 13.88 -4.08 -10.72
N ARG A 77 13.33 -2.88 -10.85
CA ARG A 77 12.99 -2.06 -9.70
C ARG A 77 11.70 -1.27 -9.96
N PHE A 78 11.08 -0.78 -8.90
CA PHE A 78 9.84 -0.01 -9.01
C PHE A 78 10.09 1.46 -8.66
N LYS A 79 9.18 2.32 -9.10
CA LYS A 79 9.29 3.75 -8.83
C LYS A 79 7.92 4.35 -8.54
N ILE A 80 7.67 4.66 -7.27
CA ILE A 80 6.41 5.25 -6.85
C ILE A 80 6.51 6.76 -6.77
N GLY A 81 5.98 7.46 -7.78
CA GLY A 81 6.03 8.90 -7.79
C GLY A 81 7.38 9.45 -8.19
N ASP A 82 8.10 10.00 -7.24
CA ASP A 82 9.43 10.56 -7.50
C ASP A 82 10.50 9.82 -6.70
N GLN A 83 10.18 8.60 -6.28
CA GLN A 83 11.12 7.79 -5.51
C GLN A 83 11.26 6.40 -6.12
N GLU A 84 12.32 5.68 -5.73
CA GLU A 84 12.57 4.35 -6.23
C GLU A 84 13.03 3.42 -5.11
N PHE A 85 12.71 2.13 -5.25
CA PHE A 85 13.09 1.14 -4.25
C PHE A 85 13.59 -0.14 -4.91
N ASP A 86 13.94 -1.12 -4.09
CA ASP A 86 14.43 -2.40 -4.60
C ASP A 86 13.29 -3.26 -5.13
N HIS A 87 12.11 -3.08 -4.55
CA HIS A 87 10.93 -3.83 -4.98
C HIS A 87 9.69 -3.37 -4.23
N LEU A 88 8.57 -4.05 -4.46
CA LEU A 88 7.32 -3.71 -3.80
C LEU A 88 7.48 -3.72 -2.29
N PRO A 89 7.84 -4.89 -1.73
CA PRO A 89 8.03 -5.05 -0.29
C PRO A 89 9.26 -4.30 0.22
N ALA A 90 9.85 -3.48 -0.65
CA ALA A 90 11.04 -2.70 -0.28
C ALA A 90 10.70 -1.23 -0.14
N LEU A 91 9.58 -0.81 -0.75
CA LEU A 91 9.15 0.57 -0.70
C LEU A 91 8.16 0.80 0.44
N LEU A 92 7.26 -0.17 0.63
CA LEU A 92 6.26 -0.08 1.69
C LEU A 92 6.91 -0.09 3.06
N GLU A 93 7.94 -0.92 3.22
CA GLU A 93 8.65 -1.02 4.48
C GLU A 93 9.37 0.29 4.81
N PHE A 94 9.68 1.06 3.78
CA PHE A 94 10.37 2.34 3.96
C PHE A 94 9.38 3.44 4.27
N TYR A 95 8.13 3.26 3.85
CA TYR A 95 7.08 4.25 4.08
C TYR A 95 6.47 4.07 5.47
N LYS A 96 6.65 2.88 6.04
CA LYS A 96 6.11 2.59 7.36
C LYS A 96 6.55 3.65 8.38
N ILE A 97 7.60 4.38 8.05
CA ILE A 97 8.12 5.43 8.92
C ILE A 97 7.99 6.79 8.28
N HIS A 98 8.15 6.85 6.96
CA HIS A 98 8.05 8.11 6.22
C HIS A 98 6.60 8.41 5.86
N TYR A 99 6.26 9.69 5.84
CA TYR A 99 4.90 10.12 5.52
C TYR A 99 4.79 10.50 4.05
N LEU A 100 4.01 9.72 3.29
CA LEU A 100 3.82 9.98 1.87
C LEU A 100 3.47 11.46 1.64
N ASP A 101 2.29 11.86 2.10
CA ASP A 101 1.84 13.23 1.94
C ASP A 101 1.52 13.86 3.29
N THR A 102 0.53 13.31 3.98
CA THR A 102 0.12 13.81 5.29
C THR A 102 0.09 12.70 6.32
N THR A 103 0.24 11.46 5.86
CA THR A 103 0.23 10.30 6.74
C THR A 103 1.21 9.24 6.27
N THR A 104 1.21 8.10 6.96
CA THR A 104 2.10 7.00 6.61
C THR A 104 1.32 5.71 6.38
N LEU A 105 2.03 4.63 6.11
CA LEU A 105 1.40 3.33 5.87
C LEU A 105 1.29 2.53 7.16
N ILE A 106 0.08 2.47 7.70
CA ILE A 106 -0.17 1.73 8.93
C ILE A 106 -0.27 0.23 8.67
N GLU A 107 -1.35 -0.19 8.03
CA GLU A 107 -1.55 -1.60 7.71
C GLU A 107 -2.40 -1.76 6.44
N PRO A 108 -2.19 -2.87 5.74
CA PRO A 108 -2.92 -3.18 4.51
C PRO A 108 -4.40 -3.48 4.76
N ALA A 109 -5.26 -2.98 3.88
CA ALA A 109 -6.69 -3.20 4.00
C ALA A 109 -7.02 -4.69 4.01
N PRO A 110 -8.12 -5.05 4.69
CA PRO A 110 -8.58 -6.44 4.80
C PRO A 110 -9.09 -6.98 3.46
N ARG A 111 -8.92 -8.29 3.26
CA ARG A 111 -9.37 -8.94 2.04
C ARG A 111 -10.89 -9.10 2.03
N GLY A 1 9.69 -18.00 29.22
CA GLY A 1 9.61 -16.75 29.95
C GLY A 1 8.30 -16.01 29.70
N SER A 2 8.24 -14.76 30.15
CA SER A 2 7.04 -13.95 29.98
C SER A 2 7.38 -12.62 29.31
N SER A 3 6.42 -12.11 28.53
CA SER A 3 6.62 -10.84 27.83
C SER A 3 5.28 -10.19 27.50
N GLY A 4 5.34 -8.98 26.94
CA GLY A 4 4.13 -8.28 26.59
C GLY A 4 4.40 -6.95 25.89
N SER A 5 3.39 -6.40 25.25
CA SER A 5 3.53 -5.13 24.53
C SER A 5 4.71 -5.19 23.57
N SER A 6 4.85 -6.30 22.88
CA SER A 6 5.94 -6.49 21.92
C SER A 6 5.83 -5.49 20.78
N GLY A 7 4.71 -5.52 20.07
CA GLY A 7 4.50 -4.61 18.97
C GLY A 7 4.18 -3.20 19.42
N MET A 8 5.22 -2.38 19.56
CA MET A 8 5.05 -0.99 20.00
C MET A 8 4.62 -0.11 18.84
N SER A 9 5.38 -0.14 17.75
CA SER A 9 5.08 0.66 16.58
C SER A 9 3.69 0.32 16.03
N SER A 10 3.02 1.34 15.50
CA SER A 10 1.68 1.15 14.95
C SER A 10 1.73 0.34 13.66
N ALA A 11 2.50 0.82 12.70
CA ALA A 11 2.65 0.14 11.41
C ALA A 11 3.31 -1.22 11.58
N ARG A 12 2.51 -2.24 11.82
CA ARG A 12 3.02 -3.59 12.00
C ARG A 12 2.35 -4.57 11.04
N PHE A 13 2.95 -4.74 9.86
CA PHE A 13 2.41 -5.63 8.85
C PHE A 13 3.54 -6.23 8.01
N ASP A 14 3.27 -7.39 7.41
CA ASP A 14 4.26 -8.07 6.59
C ASP A 14 4.24 -7.51 5.17
N SER A 15 5.09 -6.51 4.93
CA SER A 15 5.19 -5.87 3.62
C SER A 15 5.55 -6.90 2.55
N SER A 16 6.20 -7.97 2.98
CA SER A 16 6.61 -9.03 2.05
C SER A 16 5.43 -9.91 1.67
N ASP A 17 4.51 -10.10 2.61
CA ASP A 17 3.33 -10.92 2.38
C ASP A 17 2.36 -10.23 1.42
N ARG A 18 2.35 -10.66 0.17
CA ARG A 18 1.48 -10.08 -0.83
C ARG A 18 0.02 -10.37 -0.51
N SER A 19 -0.24 -11.54 0.05
CA SER A 19 -1.60 -11.94 0.41
C SER A 19 -2.12 -11.13 1.59
N ALA A 20 -1.31 -10.18 2.04
CA ALA A 20 -1.68 -9.33 3.17
C ALA A 20 -1.94 -7.90 2.70
N TRP A 21 -1.31 -7.52 1.60
CA TRP A 21 -1.47 -6.17 1.05
C TRP A 21 -1.79 -6.23 -0.44
N TYR A 22 -1.07 -7.08 -1.16
CA TYR A 22 -1.27 -7.23 -2.59
C TYR A 22 -2.67 -7.77 -2.89
N MET A 23 -3.55 -6.91 -3.38
CA MET A 23 -4.91 -7.29 -3.71
C MET A 23 -5.00 -7.80 -5.15
N GLY A 24 -3.87 -7.76 -5.85
CA GLY A 24 -3.85 -8.21 -7.23
C GLY A 24 -5.18 -8.04 -7.92
N PRO A 25 -6.03 -9.07 -7.87
CA PRO A 25 -7.35 -9.05 -8.49
C PRO A 25 -8.31 -8.10 -7.79
N VAL A 26 -8.18 -6.81 -8.07
CA VAL A 26 -9.03 -5.80 -7.46
C VAL A 26 -9.15 -4.56 -8.35
N SER A 27 -10.38 -4.13 -8.58
CA SER A 27 -10.63 -2.96 -9.42
C SER A 27 -10.65 -1.69 -8.59
N ARG A 28 -10.49 -0.55 -9.25
CA ARG A 28 -10.48 0.74 -8.57
C ARG A 28 -11.74 0.92 -7.72
N GLN A 29 -12.89 0.76 -8.36
CA GLN A 29 -14.17 0.90 -7.66
C GLN A 29 -14.15 0.15 -6.34
N GLU A 30 -13.40 -0.94 -6.28
CA GLU A 30 -13.30 -1.75 -5.08
C GLU A 30 -12.27 -1.18 -4.12
N ALA A 31 -11.00 -1.28 -4.48
CA ALA A 31 -9.91 -0.76 -3.66
C ALA A 31 -10.33 0.53 -2.95
N GLN A 32 -11.23 1.27 -3.58
CA GLN A 32 -11.71 2.53 -3.02
C GLN A 32 -12.64 2.28 -1.84
N THR A 33 -13.66 1.46 -2.06
CA THR A 33 -14.62 1.13 -1.00
C THR A 33 -13.93 0.51 0.19
N ARG A 34 -12.75 -0.07 -0.04
CA ARG A 34 -11.99 -0.71 1.03
C ARG A 34 -11.26 0.33 1.87
N LEU A 35 -10.78 1.39 1.22
CA LEU A 35 -10.06 2.46 1.90
C LEU A 35 -10.92 3.71 2.00
N GLN A 36 -12.17 3.61 1.55
CA GLN A 36 -13.09 4.74 1.59
C GLN A 36 -13.72 4.87 2.97
N GLY A 37 -13.47 6.00 3.63
CA GLY A 37 -14.03 6.23 4.95
C GLY A 37 -13.22 5.56 6.05
N GLN A 38 -12.43 4.55 5.67
CA GLN A 38 -11.61 3.82 6.63
C GLN A 38 -10.65 4.76 7.35
N ARG A 39 -10.01 4.26 8.39
CA ARG A 39 -9.06 5.06 9.16
C ARG A 39 -7.86 5.46 8.31
N HIS A 40 -7.22 6.56 8.68
CA HIS A 40 -6.06 7.05 7.95
C HIS A 40 -4.86 6.12 8.15
N GLY A 41 -4.31 5.64 7.04
CA GLY A 41 -3.17 4.74 7.11
C GLY A 41 -3.33 3.52 6.23
N MET A 42 -4.55 2.98 6.19
CA MET A 42 -4.84 1.80 5.39
C MET A 42 -4.24 1.93 3.99
N PHE A 43 -3.76 0.82 3.45
CA PHE A 43 -3.16 0.82 2.12
C PHE A 43 -3.35 -0.53 1.43
N LEU A 44 -3.01 -0.59 0.15
CA LEU A 44 -3.15 -1.82 -0.62
C LEU A 44 -2.58 -1.66 -2.03
N VAL A 45 -2.06 -2.75 -2.58
CA VAL A 45 -1.48 -2.73 -3.91
C VAL A 45 -2.21 -3.69 -4.85
N ARG A 46 -2.73 -3.16 -5.95
CA ARG A 46 -3.45 -3.97 -6.93
C ARG A 46 -2.84 -3.82 -8.32
N ASP A 47 -3.42 -4.51 -9.29
CA ASP A 47 -2.94 -4.44 -10.67
C ASP A 47 -3.49 -3.22 -11.38
N SER A 48 -2.62 -2.25 -11.65
CA SER A 48 -3.03 -1.03 -12.32
C SER A 48 -3.88 -1.34 -13.55
N SER A 49 -4.72 -0.38 -13.93
CA SER A 49 -5.60 -0.54 -15.08
C SER A 49 -5.34 0.52 -16.13
N THR A 50 -4.99 1.72 -15.67
CA THR A 50 -4.70 2.84 -16.58
C THR A 50 -3.32 2.70 -17.20
N CYS A 51 -2.35 2.29 -16.38
CA CYS A 51 -0.98 2.12 -16.85
C CYS A 51 -0.71 0.67 -17.22
N PRO A 52 0.08 0.47 -18.28
CA PRO A 52 0.43 -0.87 -18.76
C PRO A 52 1.37 -1.61 -17.81
N GLY A 53 1.08 -2.87 -17.54
CA GLY A 53 1.91 -3.65 -16.65
C GLY A 53 2.48 -2.83 -15.51
N ASP A 54 1.62 -2.12 -14.80
CA ASP A 54 2.04 -1.29 -13.69
C ASP A 54 1.19 -1.54 -12.45
N TYR A 55 1.59 -0.96 -11.32
CA TYR A 55 0.86 -1.13 -10.07
C TYR A 55 0.32 0.20 -9.57
N VAL A 56 -0.60 0.13 -8.61
CA VAL A 56 -1.20 1.33 -8.04
C VAL A 56 -1.39 1.19 -6.53
N LEU A 57 -0.58 1.91 -5.76
CA LEU A 57 -0.67 1.86 -4.31
C LEU A 57 -1.81 2.73 -3.81
N SER A 58 -2.88 2.10 -3.35
CA SER A 58 -4.04 2.82 -2.84
C SER A 58 -4.00 2.90 -1.31
N VAL A 59 -4.26 4.09 -0.79
CA VAL A 59 -4.24 4.31 0.64
C VAL A 59 -5.32 5.31 1.06
N SER A 60 -5.77 5.21 2.31
CA SER A 60 -6.80 6.10 2.81
C SER A 60 -6.18 7.36 3.42
N GLU A 61 -6.22 8.45 2.66
CA GLU A 61 -5.67 9.71 3.11
C GLU A 61 -6.42 10.90 2.52
N ASN A 62 -6.52 11.98 3.27
CA ASN A 62 -7.22 13.18 2.82
C ASN A 62 -8.66 12.85 2.44
N SER A 63 -9.39 12.25 3.38
CA SER A 63 -10.78 11.89 3.15
C SER A 63 -10.96 11.30 1.75
N ARG A 64 -9.92 10.64 1.26
CA ARG A 64 -9.96 10.03 -0.07
C ARG A 64 -8.97 8.88 -0.17
N VAL A 65 -8.96 8.20 -1.31
CA VAL A 65 -8.06 7.09 -1.54
C VAL A 65 -6.91 7.48 -2.46
N SER A 66 -5.75 7.75 -1.87
CA SER A 66 -4.58 8.15 -2.64
C SER A 66 -4.12 7.01 -3.55
N HIS A 67 -4.26 7.21 -4.86
CA HIS A 67 -3.87 6.21 -5.84
C HIS A 67 -2.48 6.52 -6.40
N TYR A 68 -1.45 6.11 -5.67
CA TYR A 68 -0.07 6.34 -6.08
C TYR A 68 0.35 5.33 -7.15
N ILE A 69 0.60 5.83 -8.36
CA ILE A 69 1.01 4.98 -9.46
C ILE A 69 2.45 4.51 -9.28
N ILE A 70 2.66 3.20 -9.40
CA ILE A 70 3.99 2.63 -9.26
C ILE A 70 4.56 2.20 -10.60
N ASN A 71 5.52 2.96 -11.11
CA ASN A 71 6.14 2.67 -12.39
C ASN A 71 7.03 1.42 -12.29
N SER A 72 6.99 0.60 -13.34
CA SER A 72 7.79 -0.62 -13.36
C SER A 72 9.05 -0.43 -14.21
N LEU A 73 10.17 -0.21 -13.55
CA LEU A 73 11.45 -0.01 -14.24
C LEU A 73 11.97 -1.33 -14.80
N PRO A 74 12.63 -1.26 -15.96
CA PRO A 74 13.20 -2.44 -16.62
C PRO A 74 14.39 -3.01 -15.86
N ASN A 75 14.80 -2.32 -14.79
CA ASN A 75 15.93 -2.75 -13.99
C ASN A 75 15.46 -3.62 -12.83
N ARG A 76 14.38 -4.35 -13.04
CA ARG A 76 13.82 -5.23 -12.01
C ARG A 76 13.51 -4.44 -10.74
N ARG A 77 13.12 -3.18 -10.92
CA ARG A 77 12.79 -2.32 -9.79
C ARG A 77 11.63 -1.40 -10.12
N PHE A 78 10.96 -0.89 -9.09
CA PHE A 78 9.82 0.00 -9.28
C PHE A 78 10.21 1.45 -8.97
N LYS A 79 9.40 2.38 -9.44
CA LYS A 79 9.64 3.80 -9.21
C LYS A 79 8.36 4.53 -8.82
N ILE A 80 8.24 4.86 -7.53
CA ILE A 80 7.08 5.55 -7.02
C ILE A 80 7.32 7.05 -6.94
N GLY A 81 6.88 7.78 -7.97
CA GLY A 81 7.05 9.21 -7.99
C GLY A 81 8.45 9.62 -8.40
N ASP A 82 9.23 10.12 -7.45
CA ASP A 82 10.60 10.55 -7.72
C ASP A 82 11.59 9.72 -6.90
N GLN A 83 11.22 8.50 -6.58
CA GLN A 83 12.07 7.62 -5.80
C GLN A 83 12.06 6.19 -6.37
N GLU A 84 13.03 5.38 -5.94
CA GLU A 84 13.13 4.01 -6.40
C GLU A 84 13.40 3.06 -5.23
N PHE A 85 12.98 1.81 -5.40
CA PHE A 85 13.18 0.80 -4.36
C PHE A 85 13.57 -0.54 -4.97
N ASP A 86 13.97 -1.47 -4.12
CA ASP A 86 14.38 -2.80 -4.58
C ASP A 86 13.19 -3.58 -5.14
N HIS A 87 12.00 -3.29 -4.60
CA HIS A 87 10.79 -3.97 -5.05
C HIS A 87 9.57 -3.43 -4.32
N LEU A 88 8.42 -4.04 -4.57
CA LEU A 88 7.17 -3.61 -3.93
C LEU A 88 7.30 -3.66 -2.41
N PRO A 89 7.60 -4.86 -1.88
CA PRO A 89 7.76 -5.06 -0.44
C PRO A 89 9.02 -4.39 0.10
N ALA A 90 9.52 -3.39 -0.62
CA ALA A 90 10.70 -2.67 -0.20
C ALA A 90 10.40 -1.19 0.03
N LEU A 91 9.55 -0.62 -0.82
CA LEU A 91 9.17 0.78 -0.70
C LEU A 91 8.22 0.99 0.47
N LEU A 92 7.27 0.07 0.62
CA LEU A 92 6.29 0.16 1.71
C LEU A 92 6.98 0.12 3.06
N GLU A 93 8.02 -0.70 3.17
CA GLU A 93 8.77 -0.83 4.42
C GLU A 93 9.47 0.48 4.76
N PHE A 94 9.81 1.26 3.74
CA PHE A 94 10.48 2.53 3.93
C PHE A 94 9.47 3.65 4.18
N TYR A 95 8.22 3.38 3.86
CA TYR A 95 7.16 4.37 4.04
C TYR A 95 6.50 4.22 5.42
N LYS A 96 6.59 3.01 5.98
CA LYS A 96 6.01 2.74 7.29
C LYS A 96 6.43 3.80 8.30
N ILE A 97 7.51 4.51 7.99
CA ILE A 97 8.01 5.57 8.88
C ILE A 97 7.90 6.93 8.22
N HIS A 98 8.02 6.96 6.90
CA HIS A 98 7.93 8.21 6.15
C HIS A 98 6.49 8.52 5.78
N TYR A 99 6.14 9.80 5.79
CA TYR A 99 4.78 10.23 5.46
C TYR A 99 4.68 10.61 3.99
N LEU A 100 3.91 9.82 3.23
CA LEU A 100 3.72 10.08 1.81
C LEU A 100 3.30 11.52 1.57
N ASP A 101 2.06 11.84 1.95
CA ASP A 101 1.53 13.19 1.79
C ASP A 101 1.25 13.84 3.13
N THR A 102 0.29 13.29 3.86
CA THR A 102 -0.07 13.82 5.17
C THR A 102 -0.07 12.73 6.23
N THR A 103 0.02 11.48 5.78
CA THR A 103 0.04 10.34 6.69
C THR A 103 1.02 9.27 6.22
N THR A 104 1.09 8.17 6.97
CA THR A 104 1.99 7.08 6.62
C THR A 104 1.23 5.77 6.47
N LEU A 105 1.95 4.72 6.07
CA LEU A 105 1.34 3.41 5.89
C LEU A 105 1.24 2.66 7.22
N ILE A 106 0.02 2.48 7.70
CA ILE A 106 -0.21 1.78 8.95
C ILE A 106 -0.33 0.27 8.74
N GLU A 107 -1.43 -0.14 8.13
CA GLU A 107 -1.68 -1.56 7.86
C GLU A 107 -2.48 -1.73 6.58
N PRO A 108 -2.13 -2.76 5.79
CA PRO A 108 -2.80 -3.07 4.53
C PRO A 108 -4.23 -3.58 4.75
N ALA A 109 -5.18 -2.99 4.02
CA ALA A 109 -6.58 -3.38 4.13
C ALA A 109 -6.73 -4.90 4.02
N PRO A 110 -7.75 -5.43 4.70
CA PRO A 110 -8.03 -6.88 4.69
C PRO A 110 -8.53 -7.37 3.34
N ARG A 111 -8.17 -8.60 2.99
CA ARG A 111 -8.58 -9.19 1.72
C ARG A 111 -9.27 -10.52 1.95
N GLY A 1 -13.53 -16.75 31.42
CA GLY A 1 -12.24 -16.11 31.58
C GLY A 1 -11.60 -15.74 30.26
N SER A 2 -11.59 -14.45 29.95
CA SER A 2 -11.00 -13.97 28.70
C SER A 2 -10.77 -12.46 28.75
N SER A 3 -9.51 -12.05 28.60
CA SER A 3 -9.16 -10.64 28.63
C SER A 3 -8.41 -10.24 27.35
N GLY A 4 -8.16 -8.95 27.21
CA GLY A 4 -7.45 -8.45 26.04
C GLY A 4 -8.37 -7.71 25.08
N SER A 5 -8.11 -7.85 23.79
CA SER A 5 -8.91 -7.18 22.77
C SER A 5 -8.75 -5.66 22.85
N SER A 6 -7.51 -5.22 23.05
CA SER A 6 -7.22 -3.80 23.15
C SER A 6 -5.72 -3.53 23.03
N GLY A 7 -5.37 -2.29 22.74
CA GLY A 7 -3.96 -1.94 22.60
C GLY A 7 -3.63 -1.43 21.21
N MET A 8 -3.31 -0.14 21.12
CA MET A 8 -2.98 0.46 19.84
C MET A 8 -1.69 -0.14 19.27
N SER A 9 -1.61 -0.19 17.95
CA SER A 9 -0.44 -0.75 17.27
C SER A 9 -0.11 0.03 16.01
N SER A 10 1.06 0.65 16.00
CA SER A 10 1.50 1.44 14.84
C SER A 10 1.80 0.54 13.64
N ALA A 11 2.30 1.13 12.58
CA ALA A 11 2.63 0.39 11.37
C ALA A 11 3.14 -1.00 11.71
N ARG A 12 2.27 -1.99 11.61
CA ARG A 12 2.63 -3.38 11.91
C ARG A 12 1.98 -4.34 10.93
N PHE A 13 2.77 -4.87 10.01
CA PHE A 13 2.27 -5.80 9.01
C PHE A 13 3.42 -6.47 8.25
N ASP A 14 3.08 -7.43 7.40
CA ASP A 14 4.09 -8.14 6.61
C ASP A 14 4.14 -7.61 5.18
N SER A 15 4.93 -6.56 4.97
CA SER A 15 5.06 -5.95 3.65
C SER A 15 5.36 -7.02 2.59
N SER A 16 5.83 -8.18 3.05
CA SER A 16 6.16 -9.27 2.14
C SER A 16 4.91 -10.05 1.73
N ASP A 17 4.03 -10.28 2.70
CA ASP A 17 2.79 -11.01 2.44
C ASP A 17 1.96 -10.31 1.38
N ARG A 18 2.19 -10.64 0.11
CA ARG A 18 1.46 -10.03 -0.99
C ARG A 18 -0.04 -10.23 -0.82
N SER A 19 -0.42 -11.41 -0.33
CA SER A 19 -1.83 -11.72 -0.13
C SER A 19 -2.42 -10.89 1.01
N ALA A 20 -1.59 -10.04 1.61
CA ALA A 20 -2.03 -9.19 2.71
C ALA A 20 -2.12 -7.73 2.26
N TRP A 21 -1.35 -7.37 1.25
CA TRP A 21 -1.34 -6.01 0.74
C TRP A 21 -1.52 -6.00 -0.78
N TYR A 22 -0.79 -6.88 -1.47
CA TYR A 22 -0.86 -6.98 -2.92
C TYR A 22 -2.21 -7.53 -3.36
N MET A 23 -3.12 -6.61 -3.73
CA MET A 23 -4.45 -7.00 -4.18
C MET A 23 -4.52 -7.03 -5.71
N GLY A 24 -3.42 -7.43 -6.34
CA GLY A 24 -3.39 -7.49 -7.79
C GLY A 24 -4.77 -7.53 -8.40
N PRO A 25 -5.47 -8.66 -8.22
CA PRO A 25 -6.82 -8.85 -8.75
C PRO A 25 -7.85 -7.98 -8.05
N VAL A 26 -7.81 -6.69 -8.31
CA VAL A 26 -8.75 -5.74 -7.71
C VAL A 26 -9.07 -4.60 -8.65
N SER A 27 -10.33 -4.16 -8.63
CA SER A 27 -10.76 -3.07 -9.50
C SER A 27 -10.67 -1.73 -8.78
N ARG A 28 -10.51 -0.66 -9.54
CA ARG A 28 -10.40 0.68 -8.97
C ARG A 28 -11.57 0.97 -8.03
N GLN A 29 -12.78 0.81 -8.55
CA GLN A 29 -13.98 1.06 -7.75
C GLN A 29 -13.92 0.31 -6.42
N GLU A 30 -13.46 -0.94 -6.47
CA GLU A 30 -13.35 -1.75 -5.27
C GLU A 30 -12.33 -1.16 -4.30
N ALA A 31 -11.07 -1.13 -4.72
CA ALA A 31 -10.00 -0.59 -3.88
C ALA A 31 -10.50 0.61 -3.08
N GLN A 32 -11.37 1.41 -3.68
CA GLN A 32 -11.91 2.58 -3.01
C GLN A 32 -12.77 2.18 -1.82
N THR A 33 -13.76 1.32 -2.08
CA THR A 33 -14.66 0.86 -1.03
C THR A 33 -13.89 0.22 0.12
N ARG A 34 -12.69 -0.27 -0.19
CA ARG A 34 -11.85 -0.92 0.82
C ARG A 34 -11.12 0.12 1.66
N LEU A 35 -10.75 1.24 1.03
CA LEU A 35 -10.05 2.31 1.73
C LEU A 35 -10.90 3.56 1.81
N GLN A 36 -12.20 3.39 1.61
CA GLN A 36 -13.14 4.52 1.66
C GLN A 36 -13.78 4.62 3.04
N GLY A 37 -13.43 5.67 3.78
CA GLY A 37 -13.98 5.87 5.10
C GLY A 37 -13.11 5.25 6.18
N GLN A 38 -12.28 4.29 5.80
CA GLN A 38 -11.40 3.63 6.76
C GLN A 38 -10.45 4.62 7.41
N ARG A 39 -9.83 4.21 8.50
CA ARG A 39 -8.89 5.07 9.23
C ARG A 39 -7.75 5.51 8.31
N HIS A 40 -7.15 6.64 8.64
CA HIS A 40 -6.04 7.18 7.86
C HIS A 40 -4.79 6.32 8.02
N GLY A 41 -4.33 5.73 6.93
CA GLY A 41 -3.15 4.89 6.98
C GLY A 41 -3.28 3.65 6.13
N MET A 42 -4.46 3.04 6.16
CA MET A 42 -4.71 1.82 5.37
C MET A 42 -4.17 1.98 3.95
N PHE A 43 -3.62 0.89 3.42
CA PHE A 43 -3.06 0.90 2.07
C PHE A 43 -3.29 -0.43 1.38
N LEU A 44 -2.97 -0.49 0.09
CA LEU A 44 -3.14 -1.71 -0.69
C LEU A 44 -2.55 -1.56 -2.08
N VAL A 45 -1.86 -2.59 -2.55
CA VAL A 45 -1.24 -2.57 -3.87
C VAL A 45 -2.00 -3.46 -4.84
N ARG A 46 -2.80 -2.83 -5.72
CA ARG A 46 -3.57 -3.56 -6.70
C ARG A 46 -2.97 -3.43 -8.10
N ASP A 47 -3.58 -4.10 -9.07
CA ASP A 47 -3.10 -4.05 -10.45
C ASP A 47 -3.57 -2.76 -11.14
N SER A 48 -2.63 -2.08 -11.80
CA SER A 48 -2.94 -0.84 -12.49
C SER A 48 -3.67 -1.11 -13.81
N SER A 49 -4.99 -1.06 -13.77
CA SER A 49 -5.80 -1.31 -14.95
C SER A 49 -5.41 -0.37 -16.09
N THR A 50 -5.39 0.92 -15.79
CA THR A 50 -5.03 1.93 -16.79
C THR A 50 -3.76 1.53 -17.53
N CYS A 51 -2.65 1.45 -16.81
CA CYS A 51 -1.36 1.09 -17.40
C CYS A 51 -1.03 -0.37 -17.11
N PRO A 52 -0.78 -1.15 -18.17
CA PRO A 52 -0.45 -2.56 -18.06
C PRO A 52 0.94 -2.79 -17.47
N GLY A 53 1.01 -3.66 -16.47
CA GLY A 53 2.27 -3.95 -15.82
C GLY A 53 2.49 -3.12 -14.57
N ASP A 54 2.23 -1.81 -14.67
CA ASP A 54 2.40 -0.91 -13.55
C ASP A 54 1.45 -1.27 -12.42
N TYR A 55 1.74 -0.75 -11.22
CA TYR A 55 0.91 -1.02 -10.06
C TYR A 55 0.30 0.27 -9.51
N VAL A 56 -0.66 0.13 -8.59
CA VAL A 56 -1.31 1.28 -7.99
C VAL A 56 -1.49 1.08 -6.48
N LEU A 57 -0.73 1.83 -5.71
CA LEU A 57 -0.82 1.75 -4.25
C LEU A 57 -1.87 2.70 -3.70
N SER A 58 -3.03 2.15 -3.35
CA SER A 58 -4.12 2.95 -2.82
C SER A 58 -4.05 3.04 -1.30
N VAL A 59 -4.12 4.25 -0.77
CA VAL A 59 -4.08 4.47 0.67
C VAL A 59 -5.14 5.45 1.12
N SER A 60 -5.58 5.31 2.37
CA SER A 60 -6.60 6.19 2.93
C SER A 60 -5.98 7.46 3.47
N GLU A 61 -6.37 8.59 2.90
CA GLU A 61 -5.85 9.89 3.34
C GLU A 61 -6.77 11.03 2.89
N ASN A 62 -7.00 11.99 3.77
CA ASN A 62 -7.85 13.13 3.47
C ASN A 62 -9.25 12.67 3.07
N SER A 63 -9.86 11.83 3.91
CA SER A 63 -11.19 11.31 3.65
C SER A 63 -11.31 10.83 2.20
N ARG A 64 -10.19 10.36 1.65
CA ARG A 64 -10.18 9.87 0.28
C ARG A 64 -9.19 8.71 0.13
N VAL A 65 -9.07 8.20 -1.09
CA VAL A 65 -8.17 7.08 -1.36
C VAL A 65 -7.05 7.51 -2.30
N SER A 66 -5.89 7.85 -1.73
CA SER A 66 -4.74 8.28 -2.51
C SER A 66 -4.21 7.13 -3.36
N HIS A 67 -4.25 7.31 -4.69
CA HIS A 67 -3.77 6.29 -5.61
C HIS A 67 -2.35 6.60 -6.06
N TYR A 68 -1.38 5.95 -5.43
CA TYR A 68 0.03 6.16 -5.76
C TYR A 68 0.48 5.17 -6.82
N ILE A 69 0.58 5.64 -8.06
CA ILE A 69 1.00 4.80 -9.18
C ILE A 69 2.47 4.42 -9.04
N ILE A 70 2.77 3.16 -9.32
CA ILE A 70 4.14 2.67 -9.24
C ILE A 70 4.64 2.20 -10.60
N ASN A 71 5.54 2.99 -11.20
CA ASN A 71 6.09 2.65 -12.50
C ASN A 71 7.06 1.48 -12.40
N SER A 72 6.87 0.48 -13.26
CA SER A 72 7.72 -0.70 -13.25
C SER A 72 9.00 -0.45 -14.05
N LEU A 73 10.12 -0.41 -13.35
CA LEU A 73 11.41 -0.18 -13.99
C LEU A 73 11.92 -1.44 -14.66
N PRO A 74 12.72 -1.27 -15.73
CA PRO A 74 13.29 -2.39 -16.48
C PRO A 74 14.37 -3.12 -15.69
N ASN A 75 14.97 -2.44 -14.73
CA ASN A 75 16.01 -3.03 -13.90
C ASN A 75 15.41 -3.75 -12.71
N ARG A 76 14.42 -4.61 -12.98
CA ARG A 76 13.76 -5.36 -11.92
C ARG A 76 13.55 -4.51 -10.67
N ARG A 77 13.02 -3.32 -10.87
CA ARG A 77 12.77 -2.39 -9.76
C ARG A 77 11.50 -1.59 -10.00
N PHE A 78 10.93 -1.06 -8.92
CA PHE A 78 9.71 -0.27 -9.01
C PHE A 78 10.00 1.20 -8.72
N LYS A 79 9.16 2.09 -9.26
CA LYS A 79 9.33 3.52 -9.07
C LYS A 79 8.00 4.17 -8.71
N ILE A 80 7.83 4.47 -7.42
CA ILE A 80 6.60 5.10 -6.95
C ILE A 80 6.76 6.61 -6.87
N GLY A 81 6.07 7.32 -7.76
CA GLY A 81 6.15 8.77 -7.77
C GLY A 81 7.49 9.28 -8.26
N ASP A 82 8.29 9.82 -7.33
CA ASP A 82 9.61 10.35 -7.67
C ASP A 82 10.69 9.60 -6.92
N GLN A 83 10.38 8.37 -6.50
CA GLN A 83 11.33 7.55 -5.76
C GLN A 83 11.41 6.15 -6.34
N GLU A 84 12.46 5.41 -5.98
CA GLU A 84 12.65 4.05 -6.47
C GLU A 84 13.10 3.13 -5.33
N PHE A 85 12.61 1.90 -5.37
CA PHE A 85 12.96 0.91 -4.34
C PHE A 85 13.45 -0.38 -4.98
N ASP A 86 13.78 -1.36 -4.15
CA ASP A 86 14.26 -2.65 -4.62
C ASP A 86 13.09 -3.55 -5.05
N HIS A 87 11.93 -3.32 -4.44
CA HIS A 87 10.74 -4.10 -4.75
C HIS A 87 9.53 -3.58 -3.99
N LEU A 88 8.41 -4.28 -4.11
CA LEU A 88 7.18 -3.88 -3.44
C LEU A 88 7.39 -3.78 -1.93
N PRO A 89 7.78 -4.92 -1.31
CA PRO A 89 8.02 -4.98 0.13
C PRO A 89 9.28 -4.21 0.54
N ALA A 90 9.84 -3.46 -0.40
CA ALA A 90 11.04 -2.68 -0.14
C ALA A 90 10.72 -1.19 -0.03
N LEU A 91 9.54 -0.82 -0.52
CA LEU A 91 9.11 0.58 -0.48
C LEU A 91 8.12 0.81 0.65
N LEU A 92 7.23 -0.15 0.86
CA LEU A 92 6.23 -0.05 1.93
C LEU A 92 6.90 -0.03 3.30
N GLU A 93 7.97 -0.80 3.44
CA GLU A 93 8.70 -0.87 4.70
C GLU A 93 9.51 0.41 4.94
N PHE A 94 9.87 1.07 3.84
CA PHE A 94 10.65 2.30 3.93
C PHE A 94 9.73 3.50 4.20
N TYR A 95 8.47 3.38 3.80
CA TYR A 95 7.51 4.45 4.00
C TYR A 95 6.96 4.43 5.43
N LYS A 96 7.14 3.31 6.11
CA LYS A 96 6.67 3.15 7.48
C LYS A 96 7.09 4.35 8.33
N ILE A 97 8.14 5.04 7.90
CA ILE A 97 8.63 6.20 8.62
C ILE A 97 8.40 7.49 7.84
N HIS A 98 8.43 7.38 6.52
CA HIS A 98 8.21 8.54 5.66
C HIS A 98 6.72 8.74 5.39
N TYR A 99 6.32 10.00 5.25
CA TYR A 99 4.91 10.33 4.99
C TYR A 99 4.70 10.65 3.52
N LEU A 100 3.92 9.81 2.84
CA LEU A 100 3.63 10.02 1.43
C LEU A 100 3.12 11.43 1.17
N ASP A 101 1.93 11.73 1.70
CA ASP A 101 1.33 13.05 1.53
C ASP A 101 1.14 13.73 2.88
N THR A 102 0.24 13.19 3.69
CA THR A 102 -0.04 13.75 5.01
C THR A 102 -0.02 12.66 6.08
N THR A 103 0.17 11.42 5.65
CA THR A 103 0.22 10.30 6.58
C THR A 103 1.20 9.23 6.09
N THR A 104 1.38 8.19 6.90
CA THR A 104 2.29 7.10 6.55
C THR A 104 1.53 5.79 6.40
N LEU A 105 2.25 4.74 6.02
CA LEU A 105 1.65 3.42 5.84
C LEU A 105 1.59 2.66 7.16
N ILE A 106 0.38 2.40 7.64
CA ILE A 106 0.19 1.67 8.88
C ILE A 106 0.02 0.18 8.63
N GLU A 107 -1.11 -0.19 8.05
CA GLU A 107 -1.41 -1.59 7.75
C GLU A 107 -2.29 -1.71 6.51
N PRO A 108 -2.05 -2.76 5.71
CA PRO A 108 -2.81 -3.02 4.49
C PRO A 108 -4.24 -3.44 4.78
N ALA A 109 -5.19 -2.92 4.01
CA ALA A 109 -6.59 -3.25 4.18
C ALA A 109 -6.81 -4.75 4.22
N PRO A 110 -7.85 -5.18 4.95
CA PRO A 110 -8.18 -6.61 5.09
C PRO A 110 -8.70 -7.21 3.79
N ARG A 111 -8.43 -8.50 3.59
CA ARG A 111 -8.87 -9.20 2.39
C ARG A 111 -10.35 -9.56 2.49
#